data_2NAN
#
_entry.id   2NAN
#
_entity_poly.entity_id   1
_entity_poly.type   'polypeptide(L)'
_entity_poly.pdbx_seq_one_letter_code
;MDCPSSTWIQFQDSCYIFLQEAIKVESIEDVRNQCTDHGADMISIHNEEENAFILDTLKKQWKGPDDILLGMFYDTDDAS
FKWFDNSNMTFDKWTDQDDDEDLVDTCAFLHIKTGEWKKGNCEVSSVEGTLCKTAIPYKR
;
_entity_poly.pdbx_strand_id   A
#
# COMPACT_ATOMS: atom_id res chain seq x y z
N MET A 1 11.91 20.89 -1.27
CA MET A 1 11.05 19.73 -1.56
C MET A 1 11.77 18.44 -1.22
N ASP A 2 11.26 17.72 -0.23
CA ASP A 2 11.85 16.45 0.17
C ASP A 2 11.40 15.40 -0.79
N CYS A 3 10.17 15.52 -1.16
CA CYS A 3 9.55 14.65 -2.10
C CYS A 3 9.93 15.09 -3.52
N PRO A 4 9.87 14.18 -4.51
CA PRO A 4 10.19 14.50 -5.92
C PRO A 4 9.33 15.63 -6.50
N SER A 5 8.04 15.50 -6.37
CA SER A 5 7.12 16.45 -6.93
C SER A 5 6.04 16.80 -5.91
N SER A 6 5.18 17.75 -6.24
CA SER A 6 4.18 18.24 -5.32
C SER A 6 2.99 17.28 -5.18
N THR A 7 2.94 16.27 -6.03
CA THR A 7 1.91 15.25 -5.95
C THR A 7 2.31 14.22 -4.86
N TRP A 8 3.51 14.37 -4.35
CA TRP A 8 4.03 13.52 -3.32
C TRP A 8 3.79 14.15 -1.97
N ILE A 9 3.13 13.43 -1.17
CA ILE A 9 2.73 13.85 0.13
C ILE A 9 3.72 13.34 1.17
N GLN A 10 4.31 14.26 1.91
CA GLN A 10 5.30 13.93 2.91
C GLN A 10 4.64 13.62 4.23
N PHE A 11 4.98 12.51 4.80
CA PHE A 11 4.44 12.11 6.04
C PHE A 11 5.50 11.45 6.87
N GLN A 12 5.78 12.07 8.02
CA GLN A 12 6.76 11.66 9.02
C GLN A 12 8.20 11.68 8.47
N ASP A 13 8.49 10.79 7.56
CA ASP A 13 9.81 10.68 6.95
C ASP A 13 9.71 10.02 5.58
N SER A 14 8.55 10.05 5.01
CA SER A 14 8.36 9.42 3.73
C SER A 14 7.50 10.26 2.83
N CYS A 15 7.46 9.86 1.60
CA CYS A 15 6.68 10.49 0.59
C CYS A 15 5.78 9.49 -0.06
N TYR A 16 4.59 9.95 -0.22
CA TYR A 16 3.48 9.19 -0.66
C TYR A 16 2.88 9.73 -1.94
N ILE A 17 2.49 8.84 -2.82
CA ILE A 17 1.84 9.24 -4.07
C ILE A 17 0.87 8.15 -4.53
N PHE A 18 -0.31 8.54 -4.97
CA PHE A 18 -1.24 7.57 -5.53
C PHE A 18 -1.26 7.75 -6.96
N LEU A 19 -0.95 6.75 -7.63
CA LEU A 19 -1.04 6.78 -8.98
C LEU A 19 -1.94 5.71 -9.44
N GLN A 20 -3.14 6.08 -9.70
CA GLN A 20 -4.02 5.14 -10.30
C GLN A 20 -3.57 4.82 -11.73
N GLU A 21 -2.81 3.75 -11.83
CA GLU A 21 -2.29 3.22 -13.05
C GLU A 21 -2.91 1.88 -13.36
N ALA A 22 -3.56 1.77 -14.48
CA ALA A 22 -4.11 0.51 -14.91
C ALA A 22 -3.05 -0.25 -15.66
N ILE A 23 -2.66 -1.39 -15.13
CA ILE A 23 -1.64 -2.25 -15.74
C ILE A 23 -1.95 -3.70 -15.47
N LYS A 24 -1.45 -4.58 -16.29
CA LYS A 24 -1.61 -5.98 -16.09
C LYS A 24 -0.80 -6.40 -14.86
N VAL A 25 -1.48 -6.71 -13.81
CA VAL A 25 -0.86 -7.14 -12.60
C VAL A 25 -0.90 -8.64 -12.53
N GLU A 26 0.23 -9.20 -12.62
CA GLU A 26 0.40 -10.63 -12.56
C GLU A 26 0.54 -11.04 -11.10
N SER A 27 1.29 -10.25 -10.41
CA SER A 27 1.59 -10.46 -9.04
C SER A 27 1.62 -9.13 -8.40
N ILE A 28 1.61 -9.09 -7.08
CA ILE A 28 1.63 -7.85 -6.41
C ILE A 28 2.95 -7.10 -6.69
N GLU A 29 3.93 -7.83 -7.03
CA GLU A 29 5.22 -7.27 -7.47
C GLU A 29 5.00 -6.37 -8.71
N ASP A 30 4.01 -6.71 -9.52
CA ASP A 30 3.69 -6.00 -10.74
C ASP A 30 3.04 -4.68 -10.46
N VAL A 31 2.26 -4.66 -9.44
CA VAL A 31 1.53 -3.48 -9.09
C VAL A 31 2.39 -2.59 -8.27
N ARG A 32 3.25 -3.20 -7.56
CA ARG A 32 4.14 -2.54 -6.73
C ARG A 32 5.20 -1.83 -7.61
N ASN A 33 5.31 -2.34 -8.84
CA ASN A 33 6.17 -1.78 -9.90
C ASN A 33 5.77 -0.38 -10.26
N GLN A 34 4.48 -0.09 -10.12
CA GLN A 34 3.96 1.23 -10.43
C GLN A 34 4.62 2.26 -9.55
N CYS A 35 4.91 1.85 -8.33
CA CYS A 35 5.54 2.68 -7.41
C CYS A 35 7.03 2.69 -7.59
N THR A 36 7.60 1.53 -7.87
CA THR A 36 9.04 1.41 -8.03
C THR A 36 9.52 2.16 -9.24
N ASP A 37 8.59 2.41 -10.13
CA ASP A 37 8.83 3.21 -11.33
C ASP A 37 9.18 4.64 -10.95
N HIS A 38 8.70 5.06 -9.79
CA HIS A 38 8.91 6.41 -9.32
C HIS A 38 10.00 6.44 -8.30
N GLY A 39 10.68 5.33 -8.12
CA GLY A 39 11.70 5.24 -7.10
C GLY A 39 11.08 5.05 -5.73
N ALA A 40 9.86 4.59 -5.74
CA ALA A 40 9.10 4.36 -4.53
C ALA A 40 8.76 2.90 -4.47
N ASP A 41 8.06 2.50 -3.47
CA ASP A 41 7.55 1.14 -3.41
C ASP A 41 6.17 1.27 -2.82
N MET A 42 5.38 0.24 -2.80
CA MET A 42 4.02 0.35 -2.27
C MET A 42 3.99 0.75 -0.78
N ILE A 43 2.93 1.45 -0.43
CA ILE A 43 2.57 1.91 0.92
C ILE A 43 2.87 0.86 2.04
N SER A 44 3.15 1.31 3.25
CA SER A 44 3.51 0.45 4.34
C SER A 44 3.22 1.11 5.67
N ILE A 45 2.37 0.48 6.42
CA ILE A 45 1.83 1.02 7.63
C ILE A 45 2.52 0.48 8.84
N HIS A 46 3.06 1.35 9.62
CA HIS A 46 3.67 0.96 10.84
C HIS A 46 2.95 1.56 12.01
N ASN A 47 1.88 2.34 11.74
CA ASN A 47 1.12 3.00 12.82
C ASN A 47 -0.19 3.41 12.25
N GLU A 48 -1.19 3.68 13.08
CA GLU A 48 -2.45 4.15 12.60
C GLU A 48 -2.32 5.54 12.08
N GLU A 49 -1.25 6.20 12.47
CA GLU A 49 -0.90 7.48 12.00
C GLU A 49 -0.82 7.41 10.48
N GLU A 50 -0.10 6.38 10.00
CA GLU A 50 0.08 6.12 8.57
C GLU A 50 -1.26 5.71 8.02
N ASN A 51 -1.85 4.70 8.66
CA ASN A 51 -3.07 4.06 8.19
C ASN A 51 -4.15 5.08 7.92
N ALA A 52 -4.40 5.87 8.92
CA ALA A 52 -5.43 6.87 8.88
C ALA A 52 -4.99 8.12 8.08
N PHE A 53 -3.70 8.27 7.88
CA PHE A 53 -3.15 9.32 7.00
C PHE A 53 -3.59 9.04 5.59
N ILE A 54 -3.27 7.84 5.16
CA ILE A 54 -3.43 7.33 3.78
C ILE A 54 -4.82 7.44 3.42
N LEU A 55 -5.55 7.10 4.38
CA LEU A 55 -6.93 7.02 4.35
C LEU A 55 -7.57 8.31 3.90
N ASP A 56 -7.18 9.39 4.48
CA ASP A 56 -7.74 10.69 4.08
C ASP A 56 -6.99 11.26 2.94
N THR A 57 -5.75 10.94 2.92
CA THR A 57 -4.80 11.58 2.05
C THR A 57 -5.04 11.18 0.65
N LEU A 58 -5.50 9.98 0.54
CA LEU A 58 -5.83 9.41 -0.66
C LEU A 58 -6.85 10.28 -1.37
N LYS A 59 -7.95 10.46 -0.72
CA LYS A 59 -9.04 11.27 -1.20
C LYS A 59 -8.75 12.80 -1.16
N LYS A 60 -7.95 13.25 -0.21
CA LYS A 60 -7.65 14.61 -0.04
C LYS A 60 -6.82 15.19 -1.23
N GLN A 61 -5.82 14.44 -1.69
CA GLN A 61 -4.96 14.91 -2.78
C GLN A 61 -5.35 14.28 -4.08
N TRP A 62 -5.62 13.02 -4.03
CA TRP A 62 -5.84 12.23 -5.21
C TRP A 62 -7.32 11.86 -5.30
N LYS A 63 -7.66 10.86 -6.09
CA LYS A 63 -9.06 10.46 -6.23
C LYS A 63 -9.58 9.79 -4.97
N GLY A 64 -9.19 8.58 -4.79
CA GLY A 64 -9.56 7.82 -3.71
C GLY A 64 -10.58 6.82 -4.03
N PRO A 65 -10.20 5.62 -3.92
CA PRO A 65 -11.05 4.50 -4.09
C PRO A 65 -11.69 4.13 -2.76
N ASP A 66 -12.48 3.09 -2.70
CA ASP A 66 -13.06 2.70 -1.39
C ASP A 66 -12.00 2.03 -0.58
N ASP A 67 -11.12 1.42 -1.28
CA ASP A 67 -9.96 0.78 -0.70
C ASP A 67 -8.78 0.81 -1.65
N ILE A 68 -7.65 1.12 -1.08
CA ILE A 68 -6.37 1.22 -1.80
C ILE A 68 -5.55 0.04 -1.48
N LEU A 69 -4.69 -0.37 -2.36
CA LEU A 69 -3.93 -1.51 -2.07
C LEU A 69 -2.89 -1.16 -1.05
N LEU A 70 -2.70 -2.05 -0.10
CA LEU A 70 -1.66 -1.90 0.84
C LEU A 70 -0.47 -2.45 0.21
N GLY A 71 0.61 -2.03 0.69
CA GLY A 71 1.84 -2.45 0.13
C GLY A 71 2.34 -3.61 0.88
N MET A 72 1.50 -4.58 0.98
CA MET A 72 1.75 -5.71 1.73
C MET A 72 1.54 -6.90 0.91
N PHE A 73 2.42 -7.81 1.03
CA PHE A 73 2.36 -8.93 0.20
C PHE A 73 2.29 -10.13 1.01
N TYR A 74 1.79 -11.14 0.43
CA TYR A 74 1.61 -12.35 1.12
C TYR A 74 2.62 -13.35 0.63
N ASP A 75 3.61 -13.55 1.44
CA ASP A 75 4.63 -14.51 1.18
C ASP A 75 4.01 -15.80 1.54
N THR A 76 3.82 -16.66 0.62
CA THR A 76 3.09 -17.88 0.90
C THR A 76 3.94 -18.94 1.57
N ASP A 77 5.22 -18.76 1.50
CA ASP A 77 6.16 -19.68 2.13
C ASP A 77 6.19 -19.44 3.61
N ASP A 78 6.30 -18.20 3.97
CA ASP A 78 6.36 -17.77 5.36
C ASP A 78 4.96 -17.69 5.86
N ALA A 79 4.07 -17.54 4.89
CA ALA A 79 2.66 -17.31 5.10
C ALA A 79 2.49 -16.05 5.90
N SER A 80 3.12 -14.99 5.45
CA SER A 80 3.09 -13.78 6.15
C SER A 80 2.82 -12.64 5.26
N PHE A 81 2.25 -11.66 5.85
CA PHE A 81 2.03 -10.44 5.21
C PHE A 81 3.19 -9.55 5.48
N LYS A 82 3.74 -9.04 4.44
CA LYS A 82 4.98 -8.33 4.51
C LYS A 82 4.85 -7.03 3.83
N TRP A 83 5.50 -6.04 4.33
CA TRP A 83 5.49 -4.76 3.70
C TRP A 83 6.52 -4.72 2.61
N PHE A 84 6.18 -4.09 1.51
CA PHE A 84 7.14 -3.86 0.45
C PHE A 84 8.20 -2.87 0.91
N ASP A 85 7.92 -2.21 2.05
CA ASP A 85 8.90 -1.29 2.70
C ASP A 85 10.07 -2.10 3.23
N ASN A 86 9.89 -3.44 3.26
CA ASN A 86 10.91 -4.43 3.68
C ASN A 86 11.09 -4.43 5.17
N SER A 87 10.13 -3.87 5.84
CA SER A 87 10.19 -3.76 7.26
C SER A 87 9.03 -4.51 7.87
N ASN A 88 9.21 -4.96 9.10
CA ASN A 88 8.22 -5.76 9.84
C ASN A 88 6.87 -5.07 9.91
N MET A 89 5.83 -5.86 9.85
CA MET A 89 4.52 -5.33 10.05
C MET A 89 4.30 -5.17 11.54
N THR A 90 4.63 -4.00 12.02
CA THR A 90 4.59 -3.69 13.42
C THR A 90 3.25 -3.09 13.83
N PHE A 91 2.38 -2.86 12.87
CA PHE A 91 1.06 -2.34 13.13
C PHE A 91 0.15 -2.93 12.12
N ASP A 92 -1.10 -3.10 12.50
CA ASP A 92 -2.08 -3.63 11.61
C ASP A 92 -3.47 -3.24 11.98
N LYS A 93 -4.26 -3.01 10.96
CA LYS A 93 -5.63 -2.69 11.14
C LYS A 93 -6.44 -3.76 10.44
N TRP A 94 -6.39 -4.93 10.98
CA TRP A 94 -7.11 -6.03 10.39
C TRP A 94 -8.53 -6.05 10.85
N THR A 95 -9.42 -6.20 9.92
CA THR A 95 -10.81 -6.30 10.21
C THR A 95 -11.16 -7.79 10.21
N ASP A 96 -12.31 -8.15 10.70
CA ASP A 96 -12.68 -9.54 10.67
C ASP A 96 -13.28 -9.85 9.32
N GLN A 97 -12.60 -10.68 8.59
CA GLN A 97 -12.89 -10.98 7.28
C GLN A 97 -13.07 -12.49 7.21
N ASP A 98 -13.44 -12.94 6.07
CA ASP A 98 -13.52 -14.32 5.80
C ASP A 98 -12.15 -14.78 5.34
N ASP A 99 -11.78 -15.93 5.73
CA ASP A 99 -10.41 -16.39 5.54
C ASP A 99 -10.39 -17.90 5.40
N ASP A 100 -9.96 -18.35 4.25
CA ASP A 100 -9.89 -19.78 3.94
C ASP A 100 -8.46 -20.23 4.24
N GLU A 101 -7.93 -21.23 3.56
CA GLU A 101 -6.56 -21.64 3.79
C GLU A 101 -5.68 -20.58 3.25
N ASP A 102 -5.85 -20.37 2.00
CA ASP A 102 -5.12 -19.40 1.25
C ASP A 102 -5.98 -18.23 1.06
N LEU A 103 -5.43 -17.10 1.29
CA LEU A 103 -6.09 -15.88 1.03
C LEU A 103 -5.40 -15.19 -0.12
N VAL A 104 -4.90 -16.01 -1.01
CA VAL A 104 -4.17 -15.57 -2.18
C VAL A 104 -5.15 -15.04 -3.24
N ASP A 105 -6.39 -15.44 -3.08
CA ASP A 105 -7.51 -15.06 -3.97
C ASP A 105 -7.85 -13.57 -3.86
N THR A 106 -7.46 -13.02 -2.78
CA THR A 106 -7.74 -11.65 -2.44
C THR A 106 -6.41 -10.96 -2.18
N CYS A 107 -6.45 -9.68 -1.95
CA CYS A 107 -5.24 -8.93 -1.68
C CYS A 107 -5.45 -8.12 -0.43
N ALA A 108 -4.53 -7.21 -0.14
CA ALA A 108 -4.68 -6.45 1.03
C ALA A 108 -4.95 -5.06 0.65
N PHE A 109 -6.06 -4.57 1.04
CA PHE A 109 -6.34 -3.21 0.76
C PHE A 109 -6.79 -2.58 1.99
N LEU A 110 -6.27 -1.45 2.21
CA LEU A 110 -6.74 -0.58 3.23
C LEU A 110 -8.02 0.13 2.80
N HIS A 111 -9.02 0.01 3.64
CA HIS A 111 -10.33 0.62 3.43
C HIS A 111 -10.25 2.09 3.69
N ILE A 112 -10.58 2.84 2.71
CA ILE A 112 -10.58 4.28 2.72
C ILE A 112 -11.57 4.85 3.70
N LYS A 113 -12.59 4.10 3.96
CA LYS A 113 -13.63 4.57 4.84
C LYS A 113 -13.24 4.42 6.29
N THR A 114 -12.90 3.22 6.69
CA THR A 114 -12.67 2.94 8.09
C THR A 114 -11.19 2.76 8.42
N GLY A 115 -10.43 2.30 7.45
CA GLY A 115 -9.02 2.08 7.68
C GLY A 115 -8.75 0.72 8.16
N GLU A 116 -9.39 -0.21 7.52
CA GLU A 116 -9.28 -1.58 7.85
C GLU A 116 -8.74 -2.33 6.67
N TRP A 117 -8.07 -3.41 6.93
CA TRP A 117 -7.37 -4.12 5.91
C TRP A 117 -7.99 -5.44 5.61
N LYS A 118 -7.72 -5.88 4.42
CA LYS A 118 -8.10 -7.16 3.91
C LYS A 118 -6.89 -7.95 3.70
N LYS A 119 -7.03 -9.19 3.85
CA LYS A 119 -5.92 -10.09 3.73
C LYS A 119 -5.72 -10.52 2.32
N GLY A 120 -4.48 -10.70 1.94
CA GLY A 120 -4.19 -11.25 0.67
C GLY A 120 -2.95 -10.66 0.04
N ASN A 121 -2.83 -10.93 -1.23
CA ASN A 121 -1.78 -10.45 -2.09
C ASN A 121 -2.37 -10.19 -3.44
N CYS A 122 -1.99 -9.13 -4.09
CA CYS A 122 -2.62 -8.82 -5.34
C CYS A 122 -2.02 -9.49 -6.50
N GLU A 123 -2.28 -10.74 -6.55
CA GLU A 123 -1.88 -11.60 -7.64
C GLU A 123 -2.99 -11.61 -8.70
N VAL A 124 -3.70 -10.51 -8.76
CA VAL A 124 -4.78 -10.28 -9.68
C VAL A 124 -4.47 -9.07 -10.51
N SER A 125 -5.01 -9.03 -11.69
CA SER A 125 -4.75 -7.94 -12.61
C SER A 125 -5.65 -6.75 -12.35
N SER A 126 -6.56 -6.92 -11.43
CA SER A 126 -7.59 -5.95 -11.12
C SER A 126 -7.09 -4.73 -10.30
N VAL A 127 -5.82 -4.45 -10.36
CA VAL A 127 -5.31 -3.30 -9.63
C VAL A 127 -5.00 -2.18 -10.57
N GLU A 128 -5.62 -1.10 -10.33
CA GLU A 128 -5.54 0.08 -11.15
C GLU A 128 -5.04 1.27 -10.38
N GLY A 129 -4.55 1.04 -9.20
CA GLY A 129 -4.01 2.10 -8.44
C GLY A 129 -3.41 1.63 -7.16
N THR A 130 -2.26 2.13 -6.87
CA THR A 130 -1.56 1.80 -5.68
C THR A 130 -0.99 3.05 -5.07
N LEU A 131 -0.85 3.04 -3.77
CA LEU A 131 -0.23 4.12 -3.11
C LEU A 131 1.21 3.77 -2.96
N CYS A 132 2.03 4.70 -3.21
CA CYS A 132 3.41 4.48 -3.11
C CYS A 132 3.96 5.20 -1.93
N LYS A 133 4.87 4.58 -1.31
CA LYS A 133 5.57 5.12 -0.21
C LYS A 133 7.04 4.95 -0.47
N THR A 134 7.75 5.99 -0.30
CA THR A 134 9.16 5.99 -0.46
C THR A 134 9.64 6.78 0.71
N ALA A 135 10.75 6.49 1.23
CA ALA A 135 11.23 7.28 2.31
C ALA A 135 12.14 8.30 1.79
N ILE A 136 12.26 9.36 2.51
CA ILE A 136 13.13 10.38 2.14
C ILE A 136 14.39 10.40 2.98
N PRO A 137 15.49 10.09 2.34
CA PRO A 137 16.83 10.08 2.93
C PRO A 137 17.27 11.46 3.42
N TYR A 138 16.47 12.41 3.09
CA TYR A 138 16.66 13.79 3.50
C TYR A 138 16.38 13.88 4.99
N LYS A 139 15.43 13.07 5.42
CA LYS A 139 14.94 13.04 6.78
C LYS A 139 15.20 11.67 7.39
N ARG A 140 16.14 10.96 6.83
CA ARG A 140 16.50 9.64 7.31
C ARG A 140 17.86 9.72 7.94
N MET A 1 12.12 19.77 -1.63
CA MET A 1 12.94 18.92 -2.50
C MET A 1 13.04 17.49 -1.96
N ASP A 2 12.35 17.21 -0.86
CA ASP A 2 12.35 15.86 -0.27
C ASP A 2 11.63 14.92 -1.19
N CYS A 3 10.52 15.39 -1.63
CA CYS A 3 9.67 14.70 -2.53
C CYS A 3 9.90 15.20 -3.97
N PRO A 4 9.79 14.32 -4.99
CA PRO A 4 9.96 14.71 -6.40
C PRO A 4 9.06 15.87 -6.83
N SER A 5 7.78 15.76 -6.57
CA SER A 5 6.84 16.78 -6.94
C SER A 5 5.83 17.01 -5.83
N SER A 6 4.96 18.00 -6.00
CA SER A 6 3.98 18.36 -5.01
C SER A 6 2.77 17.40 -5.02
N THR A 7 2.82 16.42 -5.91
CA THR A 7 1.84 15.37 -5.97
C THR A 7 2.17 14.35 -4.88
N TRP A 8 3.39 14.47 -4.39
CA TRP A 8 3.92 13.64 -3.38
C TRP A 8 3.64 14.25 -2.03
N ILE A 9 3.17 13.44 -1.15
CA ILE A 9 2.75 13.84 0.14
C ILE A 9 3.68 13.27 1.20
N GLN A 10 4.40 14.13 1.83
CA GLN A 10 5.35 13.74 2.84
C GLN A 10 4.63 13.53 4.15
N PHE A 11 4.92 12.45 4.78
CA PHE A 11 4.38 12.13 6.04
C PHE A 11 5.46 11.49 6.87
N GLN A 12 5.77 12.14 7.97
CA GLN A 12 6.84 11.77 8.90
C GLN A 12 8.20 11.76 8.23
N ASP A 13 8.56 10.66 7.62
CA ASP A 13 9.85 10.56 6.96
C ASP A 13 9.72 9.83 5.65
N SER A 14 8.52 9.79 5.14
CA SER A 14 8.30 9.19 3.85
C SER A 14 7.47 10.09 2.99
N CYS A 15 7.44 9.81 1.73
CA CYS A 15 6.63 10.53 0.81
C CYS A 15 5.76 9.56 0.08
N TYR A 16 4.59 10.01 -0.13
CA TYR A 16 3.51 9.23 -0.63
C TYR A 16 2.94 9.76 -1.92
N ILE A 17 2.56 8.86 -2.79
CA ILE A 17 1.90 9.23 -4.03
C ILE A 17 0.96 8.12 -4.47
N PHE A 18 -0.23 8.47 -4.92
CA PHE A 18 -1.15 7.48 -5.46
C PHE A 18 -1.19 7.67 -6.88
N LEU A 19 -0.93 6.68 -7.57
CA LEU A 19 -1.03 6.74 -8.91
C LEU A 19 -1.96 5.70 -9.40
N GLN A 20 -3.17 6.08 -9.62
CA GLN A 20 -4.06 5.17 -10.26
C GLN A 20 -3.64 4.91 -11.71
N GLU A 21 -2.89 3.85 -11.87
CA GLU A 21 -2.41 3.34 -13.13
C GLU A 21 -3.03 1.97 -13.39
N ALA A 22 -3.83 1.86 -14.40
CA ALA A 22 -4.44 0.58 -14.74
C ALA A 22 -3.48 -0.24 -15.57
N ILE A 23 -3.06 -1.37 -15.05
CA ILE A 23 -2.10 -2.23 -15.73
C ILE A 23 -2.47 -3.67 -15.48
N LYS A 24 -2.04 -4.55 -16.35
CA LYS A 24 -2.22 -5.94 -16.18
C LYS A 24 -1.37 -6.41 -15.02
N VAL A 25 -2.00 -6.71 -13.94
CA VAL A 25 -1.31 -7.16 -12.77
C VAL A 25 -1.35 -8.65 -12.72
N GLU A 26 -0.21 -9.21 -12.79
CA GLU A 26 -0.05 -10.63 -12.71
C GLU A 26 0.21 -11.01 -11.27
N SER A 27 0.96 -10.18 -10.62
CA SER A 27 1.35 -10.38 -9.27
C SER A 27 1.39 -9.05 -8.62
N ILE A 28 1.42 -9.01 -7.32
CA ILE A 28 1.47 -7.77 -6.63
C ILE A 28 2.78 -7.04 -6.98
N GLU A 29 3.73 -7.81 -7.36
CA GLU A 29 5.00 -7.32 -7.91
C GLU A 29 4.73 -6.41 -9.13
N ASP A 30 3.73 -6.73 -9.89
CA ASP A 30 3.38 -5.97 -11.06
C ASP A 30 2.83 -4.63 -10.68
N VAL A 31 2.13 -4.59 -9.59
CA VAL A 31 1.46 -3.40 -9.18
C VAL A 31 2.38 -2.56 -8.36
N ARG A 32 3.21 -3.20 -7.62
CA ARG A 32 4.16 -2.58 -6.80
C ARG A 32 5.19 -1.83 -7.69
N ASN A 33 5.33 -2.33 -8.93
CA ASN A 33 6.22 -1.76 -9.96
C ASN A 33 5.86 -0.35 -10.28
N GLN A 34 4.60 -0.04 -10.07
CA GLN A 34 4.08 1.29 -10.32
C GLN A 34 4.71 2.29 -9.36
N CYS A 35 5.01 1.83 -8.16
CA CYS A 35 5.62 2.66 -7.19
C CYS A 35 7.09 2.69 -7.34
N THR A 36 7.68 1.55 -7.62
CA THR A 36 9.11 1.42 -7.76
C THR A 36 9.60 2.20 -8.97
N ASP A 37 8.65 2.49 -9.83
CA ASP A 37 8.84 3.31 -11.04
C ASP A 37 9.19 4.74 -10.66
N HIS A 38 8.93 5.11 -9.42
CA HIS A 38 9.17 6.46 -8.96
C HIS A 38 10.21 6.45 -7.84
N GLY A 39 10.94 5.37 -7.71
CA GLY A 39 11.88 5.27 -6.62
C GLY A 39 11.17 5.13 -5.30
N ALA A 40 9.99 4.59 -5.37
CA ALA A 40 9.16 4.36 -4.21
C ALA A 40 8.83 2.89 -4.18
N ASP A 41 8.10 2.46 -3.22
CA ASP A 41 7.60 1.10 -3.21
C ASP A 41 6.20 1.20 -2.64
N MET A 42 5.43 0.15 -2.68
CA MET A 42 4.06 0.25 -2.18
C MET A 42 4.01 0.60 -0.68
N ILE A 43 2.97 1.36 -0.37
CA ILE A 43 2.60 1.86 0.97
C ILE A 43 2.88 0.87 2.16
N SER A 44 3.24 1.42 3.31
CA SER A 44 3.56 0.62 4.45
C SER A 44 3.13 1.32 5.73
N ILE A 45 2.30 0.65 6.48
CA ILE A 45 1.74 1.20 7.66
C ILE A 45 2.47 0.74 8.88
N HIS A 46 3.02 1.67 9.58
CA HIS A 46 3.69 1.39 10.81
C HIS A 46 2.93 2.00 11.97
N ASN A 47 1.80 2.69 11.69
CA ASN A 47 1.02 3.34 12.77
C ASN A 47 -0.35 3.66 12.25
N GLU A 48 -1.26 3.96 13.18
CA GLU A 48 -2.60 4.43 12.84
C GLU A 48 -2.48 5.74 12.12
N GLU A 49 -1.39 6.43 12.43
CA GLU A 49 -1.03 7.63 11.89
C GLU A 49 -0.91 7.51 10.41
N GLU A 50 -0.18 6.50 9.97
CA GLU A 50 0.00 6.20 8.57
C GLU A 50 -1.35 5.77 8.03
N ASN A 51 -1.97 4.80 8.72
CA ASN A 51 -3.19 4.17 8.28
C ASN A 51 -4.28 5.21 7.98
N ALA A 52 -4.50 6.06 8.94
CA ALA A 52 -5.49 7.11 8.87
C ALA A 52 -5.05 8.28 7.98
N PHE A 53 -3.75 8.41 7.82
CA PHE A 53 -3.16 9.38 6.89
C PHE A 53 -3.62 9.06 5.52
N ILE A 54 -3.31 7.84 5.12
CA ILE A 54 -3.46 7.29 3.76
C ILE A 54 -4.85 7.39 3.39
N LEU A 55 -5.59 7.06 4.35
CA LEU A 55 -6.96 6.98 4.32
C LEU A 55 -7.60 8.28 3.86
N ASP A 56 -7.22 9.36 4.41
CA ASP A 56 -7.77 10.67 4.01
C ASP A 56 -7.02 11.22 2.86
N THR A 57 -5.77 10.89 2.82
CA THR A 57 -4.82 11.53 1.95
C THR A 57 -5.04 11.13 0.55
N LEU A 58 -5.52 9.95 0.44
CA LEU A 58 -5.84 9.37 -0.75
C LEU A 58 -6.86 10.23 -1.48
N LYS A 59 -7.96 10.42 -0.83
CA LYS A 59 -9.06 11.23 -1.32
C LYS A 59 -8.76 12.75 -1.29
N LYS A 60 -7.95 13.18 -0.34
CA LYS A 60 -7.64 14.54 -0.18
C LYS A 60 -6.77 15.11 -1.35
N GLN A 61 -5.79 14.35 -1.80
CA GLN A 61 -4.91 14.81 -2.86
C GLN A 61 -5.28 14.19 -4.19
N TRP A 62 -5.56 12.92 -4.15
CA TRP A 62 -5.77 12.16 -5.35
C TRP A 62 -7.24 11.78 -5.44
N LYS A 63 -7.55 10.77 -6.21
CA LYS A 63 -8.94 10.34 -6.40
C LYS A 63 -9.51 9.73 -5.12
N GLY A 64 -9.05 8.56 -4.84
CA GLY A 64 -9.49 7.83 -3.73
C GLY A 64 -10.52 6.84 -4.06
N PRO A 65 -10.12 5.64 -4.00
CA PRO A 65 -10.95 4.49 -4.23
C PRO A 65 -11.62 4.02 -2.93
N ASP A 66 -12.40 2.96 -3.00
CA ASP A 66 -13.01 2.39 -1.78
C ASP A 66 -11.94 1.84 -0.87
N ASP A 67 -11.01 1.13 -1.44
CA ASP A 67 -9.86 0.68 -0.70
C ASP A 67 -8.68 0.83 -1.60
N ILE A 68 -7.58 1.12 -1.02
CA ILE A 68 -6.32 1.24 -1.73
C ILE A 68 -5.50 0.04 -1.45
N LEU A 69 -4.64 -0.34 -2.36
CA LEU A 69 -3.86 -1.47 -2.09
C LEU A 69 -2.81 -1.10 -1.09
N LEU A 70 -2.63 -1.98 -0.14
CA LEU A 70 -1.61 -1.82 0.82
C LEU A 70 -0.42 -2.38 0.21
N GLY A 71 0.64 -2.01 0.72
CA GLY A 71 1.88 -2.44 0.15
C GLY A 71 2.32 -3.62 0.89
N MET A 72 1.45 -4.55 0.95
CA MET A 72 1.59 -5.66 1.71
C MET A 72 1.46 -6.84 0.87
N PHE A 73 2.37 -7.73 1.00
CA PHE A 73 2.33 -8.86 0.19
C PHE A 73 2.26 -10.05 1.00
N TYR A 74 1.52 -10.95 0.53
CA TYR A 74 1.34 -12.17 1.21
C TYR A 74 2.34 -13.15 0.71
N ASP A 75 3.37 -13.32 1.47
CA ASP A 75 4.38 -14.25 1.14
C ASP A 75 3.84 -15.56 1.54
N THR A 76 3.61 -16.41 0.60
CA THR A 76 2.96 -17.67 0.88
C THR A 76 3.94 -18.69 1.45
N ASP A 77 5.18 -18.41 1.30
CA ASP A 77 6.25 -19.26 1.80
C ASP A 77 6.35 -19.12 3.30
N ASP A 78 6.35 -17.89 3.74
CA ASP A 78 6.40 -17.53 5.18
C ASP A 78 5.02 -17.58 5.71
N ALA A 79 4.10 -17.42 4.77
CA ALA A 79 2.70 -17.36 4.99
C ALA A 79 2.35 -16.12 5.80
N SER A 80 2.95 -14.99 5.44
CA SER A 80 2.68 -13.81 6.18
C SER A 80 2.61 -12.66 5.29
N PHE A 81 2.13 -11.63 5.85
CA PHE A 81 2.00 -10.42 5.18
C PHE A 81 3.22 -9.60 5.42
N LYS A 82 3.60 -8.81 4.46
CA LYS A 82 4.88 -8.17 4.49
C LYS A 82 4.78 -6.86 3.85
N TRP A 83 5.60 -5.95 4.22
CA TRP A 83 5.60 -4.68 3.62
C TRP A 83 6.57 -4.63 2.49
N PHE A 84 6.15 -4.06 1.38
CA PHE A 84 7.02 -3.80 0.26
C PHE A 84 8.07 -2.78 0.66
N ASP A 85 7.80 -2.09 1.75
CA ASP A 85 8.73 -1.10 2.32
C ASP A 85 10.01 -1.80 2.85
N ASN A 86 9.92 -3.14 2.97
CA ASN A 86 10.99 -4.06 3.41
C ASN A 86 11.08 -4.15 4.91
N SER A 87 10.38 -3.26 5.57
CA SER A 87 10.40 -3.20 7.00
C SER A 87 9.35 -4.13 7.62
N ASN A 88 9.46 -4.34 8.92
CA ASN A 88 8.57 -5.21 9.69
C ASN A 88 7.16 -4.66 9.74
N MET A 89 6.22 -5.53 9.71
CA MET A 89 4.86 -5.15 9.93
C MET A 89 4.65 -4.96 11.41
N THR A 90 4.85 -3.75 11.84
CA THR A 90 4.77 -3.42 13.21
C THR A 90 3.33 -3.04 13.63
N PHE A 91 2.60 -2.40 12.74
CA PHE A 91 1.24 -1.98 13.06
C PHE A 91 0.28 -2.66 12.14
N ASP A 92 -0.96 -2.78 12.58
CA ASP A 92 -1.99 -3.41 11.79
C ASP A 92 -3.35 -2.95 12.17
N LYS A 93 -4.18 -2.85 11.16
CA LYS A 93 -5.56 -2.56 11.32
C LYS A 93 -6.34 -3.62 10.57
N TRP A 94 -6.32 -4.80 11.07
CA TRP A 94 -6.97 -5.90 10.41
C TRP A 94 -8.43 -5.96 10.73
N THR A 95 -9.16 -6.56 9.84
CA THR A 95 -10.54 -6.81 10.06
C THR A 95 -10.77 -8.27 9.75
N ASP A 96 -11.90 -8.78 10.13
CA ASP A 96 -12.23 -10.15 9.84
C ASP A 96 -12.77 -10.26 8.44
N GLN A 97 -12.04 -10.95 7.60
CA GLN A 97 -12.36 -11.13 6.27
C GLN A 97 -12.58 -12.62 6.08
N ASP A 98 -13.13 -12.94 4.97
CA ASP A 98 -13.23 -14.26 4.48
C ASP A 98 -11.88 -14.94 4.40
N ASP A 99 -11.95 -16.18 4.67
CA ASP A 99 -10.83 -17.14 4.72
C ASP A 99 -9.93 -16.93 5.94
N ASP A 100 -8.94 -17.81 6.05
CA ASP A 100 -7.98 -17.84 7.14
C ASP A 100 -6.68 -18.38 6.64
N GLU A 101 -6.76 -19.37 5.77
CA GLU A 101 -5.62 -20.07 5.30
C GLU A 101 -5.12 -19.42 4.03
N ASP A 102 -5.82 -19.63 2.94
CA ASP A 102 -5.42 -19.09 1.69
C ASP A 102 -6.30 -17.96 1.28
N LEU A 103 -5.75 -16.81 1.36
CA LEU A 103 -6.41 -15.61 0.97
C LEU A 103 -5.70 -15.00 -0.22
N VAL A 104 -5.20 -15.88 -1.05
CA VAL A 104 -4.41 -15.50 -2.20
C VAL A 104 -5.32 -15.01 -3.34
N ASP A 105 -6.60 -15.27 -3.18
CA ASP A 105 -7.62 -14.90 -4.18
C ASP A 105 -7.96 -13.40 -4.07
N THR A 106 -7.56 -12.84 -2.98
CA THR A 106 -7.78 -11.47 -2.67
C THR A 106 -6.44 -10.84 -2.33
N CYS A 107 -6.43 -9.57 -2.06
CA CYS A 107 -5.22 -8.89 -1.74
C CYS A 107 -5.44 -8.11 -0.47
N ALA A 108 -4.54 -7.21 -0.15
CA ALA A 108 -4.70 -6.46 1.03
C ALA A 108 -4.94 -5.06 0.66
N PHE A 109 -6.06 -4.56 1.04
CA PHE A 109 -6.34 -3.21 0.77
C PHE A 109 -6.79 -2.60 2.02
N LEU A 110 -6.26 -1.49 2.27
CA LEU A 110 -6.73 -0.65 3.30
C LEU A 110 -8.01 0.08 2.89
N HIS A 111 -9.03 -0.04 3.71
CA HIS A 111 -10.32 0.58 3.45
C HIS A 111 -10.27 2.05 3.69
N ILE A 112 -10.54 2.79 2.67
CA ILE A 112 -10.59 4.23 2.68
C ILE A 112 -11.62 4.76 3.64
N LYS A 113 -12.65 4.00 3.84
CA LYS A 113 -13.72 4.43 4.70
C LYS A 113 -13.43 4.15 6.17
N THR A 114 -12.99 2.95 6.49
CA THR A 114 -12.83 2.61 7.91
C THR A 114 -11.38 2.38 8.34
N GLY A 115 -10.52 2.09 7.40
CA GLY A 115 -9.14 1.85 7.73
C GLY A 115 -8.93 0.48 8.23
N GLU A 116 -9.53 -0.43 7.56
CA GLU A 116 -9.46 -1.84 7.88
C GLU A 116 -8.78 -2.53 6.75
N TRP A 117 -7.98 -3.51 7.05
CA TRP A 117 -7.24 -4.20 6.02
C TRP A 117 -7.85 -5.54 5.68
N LYS A 118 -7.60 -5.93 4.48
CA LYS A 118 -8.04 -7.14 3.91
C LYS A 118 -6.86 -7.96 3.68
N LYS A 119 -7.03 -9.20 3.74
CA LYS A 119 -5.92 -10.11 3.66
C LYS A 119 -5.74 -10.64 2.28
N GLY A 120 -4.52 -10.63 1.80
CA GLY A 120 -4.21 -11.23 0.56
C GLY A 120 -2.99 -10.66 -0.09
N ASN A 121 -2.86 -10.96 -1.34
CA ASN A 121 -1.79 -10.51 -2.20
C ASN A 121 -2.39 -10.21 -3.55
N CYS A 122 -1.99 -9.15 -4.18
CA CYS A 122 -2.63 -8.80 -5.43
C CYS A 122 -2.09 -9.50 -6.60
N GLU A 123 -2.35 -10.75 -6.63
CA GLU A 123 -1.99 -11.62 -7.71
C GLU A 123 -3.15 -11.68 -8.71
N VAL A 124 -3.87 -10.58 -8.76
CA VAL A 124 -5.01 -10.40 -9.62
C VAL A 124 -4.75 -9.17 -10.47
N SER A 125 -5.42 -9.10 -11.58
CA SER A 125 -5.19 -8.02 -12.53
C SER A 125 -6.00 -6.79 -12.23
N SER A 126 -6.86 -6.90 -11.26
CA SER A 126 -7.81 -5.85 -10.91
C SER A 126 -7.20 -4.65 -10.14
N VAL A 127 -5.91 -4.43 -10.25
CA VAL A 127 -5.33 -3.30 -9.56
C VAL A 127 -5.05 -2.19 -10.52
N GLU A 128 -5.65 -1.09 -10.24
CA GLU A 128 -5.60 0.07 -11.08
C GLU A 128 -5.04 1.26 -10.37
N GLY A 129 -4.47 1.04 -9.21
CA GLY A 129 -3.89 2.10 -8.47
C GLY A 129 -3.31 1.65 -7.18
N THR A 130 -2.15 2.12 -6.89
CA THR A 130 -1.47 1.78 -5.67
C THR A 130 -0.90 3.03 -5.05
N LEU A 131 -0.78 3.01 -3.74
CA LEU A 131 -0.16 4.08 -3.06
C LEU A 131 1.28 3.73 -2.88
N CYS A 132 2.08 4.67 -3.10
CA CYS A 132 3.47 4.47 -3.00
C CYS A 132 4.00 5.22 -1.84
N LYS A 133 4.95 4.63 -1.21
CA LYS A 133 5.63 5.19 -0.12
C LYS A 133 7.12 5.11 -0.42
N THR A 134 7.81 6.14 -0.12
CA THR A 134 9.21 6.19 -0.32
C THR A 134 9.80 6.87 0.88
N ALA A 135 10.87 6.35 1.39
CA ALA A 135 11.51 6.97 2.51
C ALA A 135 12.29 8.13 2.02
N ILE A 136 12.22 9.23 2.70
CA ILE A 136 13.02 10.29 2.33
C ILE A 136 14.30 10.29 3.17
N PRO A 137 15.40 10.06 2.50
CA PRO A 137 16.72 9.99 3.11
C PRO A 137 17.28 11.36 3.43
N TYR A 138 16.46 12.32 3.20
CA TYR A 138 16.76 13.71 3.45
C TYR A 138 16.62 13.95 4.95
N LYS A 139 15.73 13.22 5.55
CA LYS A 139 15.46 13.31 6.96
C LYS A 139 15.65 11.94 7.55
N ARG A 140 16.88 11.61 7.80
CA ARG A 140 17.22 10.31 8.27
C ARG A 140 18.31 10.43 9.31
N MET A 1 13.81 19.00 -3.46
CA MET A 1 12.70 18.59 -2.62
C MET A 1 12.97 17.18 -2.12
N ASP A 2 12.31 16.80 -1.05
CA ASP A 2 12.43 15.45 -0.51
C ASP A 2 11.72 14.53 -1.46
N CYS A 3 10.62 15.02 -1.90
CA CYS A 3 9.74 14.34 -2.78
C CYS A 3 9.99 14.75 -4.24
N PRO A 4 9.94 13.77 -5.18
CA PRO A 4 10.13 14.01 -6.63
C PRO A 4 9.32 15.18 -7.23
N SER A 5 8.05 15.28 -6.86
CA SER A 5 7.18 16.32 -7.37
C SER A 5 6.15 16.71 -6.32
N SER A 6 5.32 17.70 -6.60
CA SER A 6 4.34 18.19 -5.65
C SER A 6 3.11 17.27 -5.54
N THR A 7 3.02 16.27 -6.40
CA THR A 7 1.95 15.29 -6.31
C THR A 7 2.26 14.33 -5.14
N TRP A 8 3.50 14.41 -4.68
CA TRP A 8 4.00 13.59 -3.63
C TRP A 8 3.75 14.25 -2.29
N ILE A 9 3.23 13.48 -1.38
CA ILE A 9 2.84 13.93 -0.07
C ILE A 9 3.81 13.42 0.98
N GLN A 10 4.49 14.33 1.63
CA GLN A 10 5.47 13.98 2.62
C GLN A 10 4.81 13.85 3.98
N PHE A 11 4.85 12.68 4.53
CA PHE A 11 4.26 12.41 5.79
C PHE A 11 5.30 11.84 6.71
N GLN A 12 5.57 12.55 7.79
CA GLN A 12 6.56 12.20 8.80
C GLN A 12 7.97 12.10 8.22
N ASP A 13 8.30 10.98 7.63
CA ASP A 13 9.62 10.77 7.05
C ASP A 13 9.56 9.92 5.80
N SER A 14 8.41 9.92 5.16
CA SER A 14 8.21 9.23 3.90
C SER A 14 7.46 10.14 2.96
N CYS A 15 7.40 9.76 1.71
CA CYS A 15 6.63 10.47 0.74
C CYS A 15 5.73 9.51 0.05
N TYR A 16 4.59 10.00 -0.24
CA TYR A 16 3.48 9.24 -0.72
C TYR A 16 2.92 9.77 -2.00
N ILE A 17 2.52 8.87 -2.86
CA ILE A 17 1.85 9.23 -4.08
C ILE A 17 0.90 8.12 -4.52
N PHE A 18 -0.27 8.47 -4.97
CA PHE A 18 -1.17 7.50 -5.51
C PHE A 18 -1.16 7.70 -6.93
N LEU A 19 -0.89 6.72 -7.62
CA LEU A 19 -0.96 6.79 -8.96
C LEU A 19 -1.89 5.77 -9.45
N GLN A 20 -3.09 6.18 -9.70
CA GLN A 20 -4.02 5.27 -10.27
C GLN A 20 -3.58 4.96 -11.72
N GLU A 21 -2.85 3.88 -11.83
CA GLU A 21 -2.37 3.36 -13.08
C GLU A 21 -3.01 2.00 -13.34
N ALA A 22 -3.77 1.92 -14.39
CA ALA A 22 -4.40 0.68 -14.77
C ALA A 22 -3.39 -0.14 -15.56
N ILE A 23 -3.03 -1.29 -15.04
CA ILE A 23 -2.06 -2.15 -15.68
C ILE A 23 -2.43 -3.60 -15.46
N LYS A 24 -1.98 -4.46 -16.33
CA LYS A 24 -2.13 -5.85 -16.16
C LYS A 24 -1.28 -6.28 -14.97
N VAL A 25 -1.93 -6.60 -13.89
CA VAL A 25 -1.27 -7.02 -12.70
C VAL A 25 -1.35 -8.50 -12.63
N GLU A 26 -0.22 -9.07 -12.59
CA GLU A 26 -0.12 -10.47 -12.56
C GLU A 26 0.19 -10.91 -11.16
N SER A 27 0.97 -10.13 -10.53
CA SER A 27 1.38 -10.33 -9.18
C SER A 27 1.38 -9.02 -8.51
N ILE A 28 1.43 -8.99 -7.20
CA ILE A 28 1.49 -7.75 -6.51
C ILE A 28 2.82 -7.06 -6.84
N GLU A 29 3.76 -7.85 -7.22
CA GLU A 29 5.05 -7.41 -7.73
C GLU A 29 4.84 -6.52 -8.99
N ASP A 30 3.75 -6.74 -9.72
CA ASP A 30 3.43 -5.99 -10.91
C ASP A 30 2.89 -4.64 -10.56
N VAL A 31 2.18 -4.58 -9.49
CA VAL A 31 1.52 -3.37 -9.09
C VAL A 31 2.45 -2.54 -8.28
N ARG A 32 3.29 -3.21 -7.57
CA ARG A 32 4.26 -2.60 -6.77
C ARG A 32 5.32 -1.90 -7.69
N ASN A 33 5.36 -2.38 -8.95
CA ASN A 33 6.23 -1.83 -10.01
C ASN A 33 5.86 -0.41 -10.31
N GLN A 34 4.61 -0.11 -10.10
CA GLN A 34 4.07 1.22 -10.36
C GLN A 34 4.74 2.24 -9.45
N CYS A 35 5.09 1.81 -8.28
CA CYS A 35 5.73 2.65 -7.34
C CYS A 35 7.21 2.69 -7.57
N THR A 36 7.78 1.55 -7.88
CA THR A 36 9.22 1.45 -8.09
C THR A 36 9.62 2.20 -9.35
N ASP A 37 8.63 2.47 -10.16
CA ASP A 37 8.73 3.29 -11.38
C ASP A 37 9.17 4.71 -11.00
N HIS A 38 8.82 5.11 -9.79
CA HIS A 38 9.11 6.43 -9.31
C HIS A 38 10.20 6.35 -8.26
N GLY A 39 10.79 5.19 -8.14
CA GLY A 39 11.80 4.97 -7.14
C GLY A 39 11.19 4.84 -5.77
N ALA A 40 9.95 4.47 -5.73
CA ALA A 40 9.21 4.30 -4.48
C ALA A 40 8.81 2.84 -4.34
N ASP A 41 8.14 2.50 -3.29
CA ASP A 41 7.61 1.16 -3.09
C ASP A 41 6.20 1.28 -2.63
N MET A 42 5.45 0.20 -2.60
CA MET A 42 4.08 0.30 -2.14
C MET A 42 4.00 0.63 -0.66
N ILE A 43 3.00 1.39 -0.33
CA ILE A 43 2.64 1.87 1.02
C ILE A 43 2.88 0.84 2.17
N SER A 44 3.28 1.34 3.33
CA SER A 44 3.57 0.49 4.44
C SER A 44 3.21 1.17 5.77
N ILE A 45 2.33 0.54 6.51
CA ILE A 45 1.80 1.09 7.73
C ILE A 45 2.47 0.53 8.95
N HIS A 46 3.02 1.43 9.73
CA HIS A 46 3.61 1.08 10.98
C HIS A 46 2.87 1.82 12.10
N ASN A 47 1.73 2.47 11.77
CA ASN A 47 0.93 3.20 12.76
C ASN A 47 -0.40 3.58 12.24
N GLU A 48 -1.27 3.91 13.16
CA GLU A 48 -2.59 4.35 12.87
C GLU A 48 -2.52 5.68 12.22
N GLU A 49 -1.43 6.41 12.46
CA GLU A 49 -1.28 7.66 11.89
C GLU A 49 -1.06 7.52 10.40
N GLU A 50 -0.24 6.53 10.04
CA GLU A 50 -0.02 6.17 8.65
C GLU A 50 -1.35 5.75 8.07
N ASN A 51 -1.97 4.77 8.74
CA ASN A 51 -3.18 4.14 8.28
C ASN A 51 -4.24 5.17 7.96
N ALA A 52 -4.47 6.02 8.91
CA ALA A 52 -5.48 7.04 8.80
C ALA A 52 -5.06 8.17 7.84
N PHE A 53 -3.77 8.35 7.67
CA PHE A 53 -3.22 9.33 6.73
C PHE A 53 -3.56 8.93 5.34
N ILE A 54 -3.29 7.71 5.05
CA ILE A 54 -3.40 7.13 3.73
C ILE A 54 -4.80 7.21 3.35
N LEU A 55 -5.55 6.95 4.31
CA LEU A 55 -6.92 6.94 4.27
C LEU A 55 -7.47 8.29 3.85
N ASP A 56 -7.02 9.33 4.44
CA ASP A 56 -7.58 10.66 4.14
C ASP A 56 -6.92 11.26 2.95
N THR A 57 -5.69 10.98 2.84
CA THR A 57 -4.81 11.63 1.93
C THR A 57 -5.06 11.20 0.56
N LEU A 58 -5.51 9.99 0.48
CA LEU A 58 -5.84 9.38 -0.71
C LEU A 58 -6.90 10.22 -1.42
N LYS A 59 -8.00 10.38 -0.73
CA LYS A 59 -9.14 11.15 -1.20
C LYS A 59 -8.90 12.65 -1.21
N LYS A 60 -7.99 13.08 -0.38
CA LYS A 60 -7.72 14.48 -0.17
C LYS A 60 -6.96 15.08 -1.34
N GLN A 61 -5.89 14.46 -1.70
CA GLN A 61 -5.04 14.95 -2.76
C GLN A 61 -5.39 14.31 -4.08
N TRP A 62 -5.61 13.04 -4.04
CA TRP A 62 -5.86 12.28 -5.22
C TRP A 62 -7.36 11.93 -5.24
N LYS A 63 -7.78 10.95 -6.01
CA LYS A 63 -9.19 10.60 -6.06
C LYS A 63 -9.63 9.87 -4.82
N GLY A 64 -9.19 8.66 -4.72
CA GLY A 64 -9.51 7.85 -3.64
C GLY A 64 -10.55 6.86 -3.94
N PRO A 65 -10.15 5.66 -3.96
CA PRO A 65 -11.01 4.55 -4.19
C PRO A 65 -11.59 4.04 -2.86
N ASP A 66 -12.38 2.99 -2.89
CA ASP A 66 -12.96 2.44 -1.66
C ASP A 66 -11.89 1.86 -0.78
N ASP A 67 -10.99 1.12 -1.37
CA ASP A 67 -9.84 0.64 -0.64
C ASP A 67 -8.68 0.77 -1.55
N ILE A 68 -7.57 1.08 -1.00
CA ILE A 68 -6.32 1.21 -1.73
C ILE A 68 -5.47 0.02 -1.46
N LEU A 69 -4.62 -0.35 -2.38
CA LEU A 69 -3.83 -1.48 -2.11
C LEU A 69 -2.79 -1.11 -1.09
N LEU A 70 -2.62 -1.99 -0.15
CA LEU A 70 -1.61 -1.85 0.82
C LEU A 70 -0.40 -2.41 0.24
N GLY A 71 0.65 -2.02 0.74
CA GLY A 71 1.89 -2.44 0.20
C GLY A 71 2.36 -3.63 0.92
N MET A 72 1.49 -4.59 0.99
CA MET A 72 1.71 -5.72 1.73
C MET A 72 1.51 -6.91 0.91
N PHE A 73 2.39 -7.82 1.01
CA PHE A 73 2.33 -8.95 0.20
C PHE A 73 2.26 -10.15 1.03
N TYR A 74 1.75 -11.16 0.49
CA TYR A 74 1.55 -12.35 1.23
C TYR A 74 2.53 -13.38 0.82
N ASP A 75 3.55 -13.49 1.60
CA ASP A 75 4.55 -14.47 1.39
C ASP A 75 4.01 -15.74 1.93
N THR A 76 3.69 -16.66 1.09
CA THR A 76 3.06 -17.88 1.51
C THR A 76 4.05 -18.84 2.11
N ASP A 77 5.30 -18.62 1.77
CA ASP A 77 6.41 -19.42 2.24
C ASP A 77 6.55 -19.30 3.75
N ASP A 78 6.52 -18.07 4.21
CA ASP A 78 6.60 -17.79 5.65
C ASP A 78 5.22 -17.77 6.21
N ALA A 79 4.29 -17.52 5.29
CA ALA A 79 2.90 -17.29 5.57
C ALA A 79 2.77 -16.01 6.35
N SER A 80 3.37 -14.96 5.81
CA SER A 80 3.38 -13.69 6.46
C SER A 80 3.04 -12.61 5.52
N PHE A 81 2.45 -11.62 6.06
CA PHE A 81 2.19 -10.45 5.34
C PHE A 81 3.33 -9.54 5.51
N LYS A 82 3.80 -9.05 4.44
CA LYS A 82 5.03 -8.36 4.43
C LYS A 82 4.88 -7.05 3.79
N TRP A 83 5.51 -6.08 4.30
CA TRP A 83 5.50 -4.81 3.70
C TRP A 83 6.51 -4.80 2.57
N PHE A 84 6.17 -4.13 1.50
CA PHE A 84 7.12 -3.87 0.43
C PHE A 84 8.23 -2.94 0.93
N ASP A 85 7.99 -2.39 2.11
CA ASP A 85 8.96 -1.57 2.84
C ASP A 85 10.08 -2.45 3.39
N ASN A 86 9.84 -3.78 3.37
CA ASN A 86 10.76 -4.82 3.90
C ASN A 86 10.91 -4.76 5.40
N SER A 87 10.15 -3.91 6.02
CA SER A 87 10.19 -3.81 7.42
C SER A 87 9.03 -4.57 8.00
N ASN A 88 9.17 -4.98 9.24
CA ASN A 88 8.16 -5.78 9.94
C ASN A 88 6.84 -5.05 9.98
N MET A 89 5.79 -5.81 9.88
CA MET A 89 4.49 -5.26 10.06
C MET A 89 4.25 -5.10 11.55
N THR A 90 4.58 -3.95 12.04
CA THR A 90 4.52 -3.66 13.45
C THR A 90 3.16 -3.05 13.86
N PHE A 91 2.32 -2.78 12.89
CA PHE A 91 1.01 -2.22 13.16
C PHE A 91 0.04 -2.84 12.23
N ASP A 92 -1.21 -2.91 12.62
CA ASP A 92 -2.22 -3.46 11.78
C ASP A 92 -3.57 -2.98 12.13
N LYS A 93 -4.37 -2.86 11.11
CA LYS A 93 -5.74 -2.54 11.25
C LYS A 93 -6.52 -3.58 10.47
N TRP A 94 -6.52 -4.78 10.96
CA TRP A 94 -7.15 -5.87 10.27
C TRP A 94 -8.64 -5.94 10.54
N THR A 95 -9.33 -6.57 9.64
CA THR A 95 -10.73 -6.80 9.78
C THR A 95 -10.97 -8.29 9.59
N ASP A 96 -12.16 -8.74 9.85
CA ASP A 96 -12.48 -10.14 9.68
C ASP A 96 -12.95 -10.38 8.26
N GLN A 97 -12.17 -11.14 7.55
CA GLN A 97 -12.39 -11.55 6.27
C GLN A 97 -12.27 -13.04 6.37
N ASP A 98 -12.45 -13.72 5.31
CA ASP A 98 -12.11 -15.11 5.27
C ASP A 98 -10.60 -15.22 5.43
N ASP A 99 -10.21 -16.12 6.28
CA ASP A 99 -8.82 -16.32 6.68
C ASP A 99 -8.69 -17.51 7.59
N ASP A 100 -8.47 -18.64 7.01
CA ASP A 100 -8.17 -19.82 7.76
C ASP A 100 -6.84 -20.32 7.28
N GLU A 101 -6.81 -20.79 6.06
CA GLU A 101 -5.62 -21.24 5.46
C GLU A 101 -5.03 -20.18 4.55
N ASP A 102 -5.29 -20.34 3.30
CA ASP A 102 -4.79 -19.43 2.28
C ASP A 102 -5.81 -18.35 1.96
N LEU A 103 -5.30 -17.17 1.76
CA LEU A 103 -6.08 -16.02 1.36
C LEU A 103 -5.45 -15.38 0.13
N VAL A 104 -4.95 -16.23 -0.72
CA VAL A 104 -4.19 -15.86 -1.90
C VAL A 104 -5.13 -15.44 -3.05
N ASP A 105 -6.40 -15.68 -2.86
CA ASP A 105 -7.43 -15.36 -3.85
C ASP A 105 -7.76 -13.86 -3.82
N THR A 106 -7.38 -13.22 -2.77
CA THR A 106 -7.69 -11.84 -2.54
C THR A 106 -6.39 -11.11 -2.24
N CYS A 107 -6.44 -9.80 -2.05
CA CYS A 107 -5.25 -9.03 -1.76
C CYS A 107 -5.45 -8.24 -0.48
N ALA A 108 -4.54 -7.31 -0.20
CA ALA A 108 -4.67 -6.50 0.97
C ALA A 108 -4.95 -5.10 0.58
N PHE A 109 -6.05 -4.59 0.99
CA PHE A 109 -6.33 -3.24 0.72
C PHE A 109 -6.79 -2.61 1.96
N LEU A 110 -6.27 -1.49 2.22
CA LEU A 110 -6.76 -0.65 3.28
C LEU A 110 -8.04 0.07 2.86
N HIS A 111 -9.05 -0.05 3.69
CA HIS A 111 -10.33 0.58 3.44
C HIS A 111 -10.27 2.05 3.72
N ILE A 112 -10.48 2.81 2.71
CA ILE A 112 -10.51 4.25 2.73
C ILE A 112 -11.55 4.79 3.70
N LYS A 113 -12.58 4.04 3.91
CA LYS A 113 -13.65 4.46 4.78
C LYS A 113 -13.35 4.15 6.23
N THR A 114 -13.02 2.91 6.52
CA THR A 114 -12.89 2.50 7.93
C THR A 114 -11.45 2.26 8.37
N GLY A 115 -10.57 2.10 7.41
CA GLY A 115 -9.19 1.86 7.74
C GLY A 115 -8.99 0.46 8.18
N GLU A 116 -9.61 -0.43 7.45
CA GLU A 116 -9.57 -1.84 7.71
C GLU A 116 -8.87 -2.53 6.58
N TRP A 117 -8.04 -3.47 6.91
CA TRP A 117 -7.27 -4.16 5.92
C TRP A 117 -7.84 -5.50 5.58
N LYS A 118 -7.58 -5.92 4.40
CA LYS A 118 -7.99 -7.19 3.87
C LYS A 118 -6.80 -8.01 3.68
N LYS A 119 -6.94 -9.24 3.87
CA LYS A 119 -5.82 -10.13 3.79
C LYS A 119 -5.68 -10.69 2.42
N GLY A 120 -4.46 -10.73 1.94
CA GLY A 120 -4.20 -11.33 0.68
C GLY A 120 -2.96 -10.78 0.03
N ASN A 121 -2.84 -11.12 -1.22
CA ASN A 121 -1.76 -10.72 -2.08
C ASN A 121 -2.37 -10.37 -3.41
N CYS A 122 -1.99 -9.27 -4.01
CA CYS A 122 -2.66 -8.87 -5.22
C CYS A 122 -2.10 -9.49 -6.45
N GLU A 123 -2.35 -10.74 -6.54
CA GLU A 123 -1.97 -11.54 -7.66
C GLU A 123 -3.15 -11.57 -8.65
N VAL A 124 -3.83 -10.45 -8.74
CA VAL A 124 -4.97 -10.27 -9.61
C VAL A 124 -4.75 -9.01 -10.42
N SER A 125 -5.40 -8.91 -11.55
CA SER A 125 -5.21 -7.80 -12.45
C SER A 125 -6.04 -6.58 -12.10
N SER A 126 -6.88 -6.71 -11.12
CA SER A 126 -7.85 -5.68 -10.76
C SER A 126 -7.24 -4.47 -10.02
N VAL A 127 -5.96 -4.24 -10.16
CA VAL A 127 -5.36 -3.11 -9.49
C VAL A 127 -5.08 -2.01 -10.46
N GLU A 128 -5.68 -0.91 -10.19
CA GLU A 128 -5.62 0.26 -11.04
C GLU A 128 -5.05 1.44 -10.32
N GLY A 129 -4.52 1.20 -9.16
CA GLY A 129 -3.95 2.25 -8.41
C GLY A 129 -3.32 1.73 -7.15
N THR A 130 -2.16 2.20 -6.87
CA THR A 130 -1.49 1.84 -5.67
C THR A 130 -0.93 3.06 -5.05
N LEU A 131 -0.79 3.03 -3.76
CA LEU A 131 -0.19 4.09 -3.11
C LEU A 131 1.25 3.75 -2.93
N CYS A 132 2.06 4.65 -3.22
CA CYS A 132 3.43 4.45 -3.12
C CYS A 132 3.95 5.23 -1.98
N LYS A 133 4.87 4.66 -1.34
CA LYS A 133 5.51 5.22 -0.23
C LYS A 133 6.99 5.07 -0.43
N THR A 134 7.69 6.08 -0.14
CA THR A 134 9.09 6.06 -0.28
C THR A 134 9.68 6.69 0.95
N ALA A 135 10.65 6.05 1.52
CA ALA A 135 11.38 6.63 2.57
C ALA A 135 12.22 7.67 1.96
N ILE A 136 12.29 8.78 2.57
CA ILE A 136 13.08 9.80 2.05
C ILE A 136 14.39 9.91 2.78
N PRO A 137 15.46 9.62 2.06
CA PRO A 137 16.85 9.66 2.56
C PRO A 137 17.30 11.06 2.98
N TYR A 138 16.44 11.97 2.76
CA TYR A 138 16.63 13.35 3.13
C TYR A 138 16.45 13.49 4.63
N LYS A 139 15.61 12.64 5.19
CA LYS A 139 15.33 12.60 6.61
C LYS A 139 16.19 11.51 7.26
N ARG A 140 17.15 11.04 6.52
CA ARG A 140 18.08 10.05 7.00
C ARG A 140 19.37 10.76 7.32
N MET A 1 12.19 18.23 -4.17
CA MET A 1 13.35 18.35 -3.27
C MET A 1 13.53 17.05 -2.46
N ASP A 2 12.67 16.81 -1.49
CA ASP A 2 12.73 15.56 -0.70
C ASP A 2 11.93 14.56 -1.46
N CYS A 3 10.80 15.01 -1.85
CA CYS A 3 9.91 14.29 -2.68
C CYS A 3 10.10 14.78 -4.12
N PRO A 4 9.89 13.90 -5.12
CA PRO A 4 9.99 14.26 -6.56
C PRO A 4 9.09 15.42 -7.00
N SER A 5 7.92 15.55 -6.40
CA SER A 5 6.99 16.58 -6.79
C SER A 5 6.07 16.89 -5.62
N SER A 6 5.22 17.89 -5.79
CA SER A 6 4.27 18.32 -4.80
C SER A 6 3.06 17.38 -4.76
N THR A 7 2.98 16.50 -5.76
CA THR A 7 1.95 15.47 -5.81
C THR A 7 2.30 14.38 -4.77
N TRP A 8 3.51 14.44 -4.28
CA TRP A 8 4.01 13.56 -3.31
C TRP A 8 3.75 14.14 -1.94
N ILE A 9 3.23 13.34 -1.09
CA ILE A 9 2.82 13.72 0.23
C ILE A 9 3.76 13.10 1.24
N GLN A 10 4.40 13.92 2.01
CA GLN A 10 5.42 13.45 2.94
C GLN A 10 4.83 13.23 4.32
N PHE A 11 4.82 12.00 4.79
CA PHE A 11 4.32 11.71 6.07
C PHE A 11 5.42 11.14 6.91
N GLN A 12 5.66 11.77 8.05
CA GLN A 12 6.71 11.42 9.02
C GLN A 12 8.13 11.55 8.42
N ASP A 13 8.50 10.59 7.62
CA ASP A 13 9.81 10.56 6.99
C ASP A 13 9.73 9.75 5.70
N SER A 14 8.55 9.70 5.13
CA SER A 14 8.33 9.00 3.91
C SER A 14 7.53 9.87 2.97
N CYS A 15 7.47 9.49 1.74
CA CYS A 15 6.69 10.23 0.79
C CYS A 15 5.78 9.29 0.05
N TYR A 16 4.61 9.78 -0.13
CA TYR A 16 3.49 9.07 -0.63
C TYR A 16 2.93 9.65 -1.89
N ILE A 17 2.52 8.78 -2.79
CA ILE A 17 1.87 9.18 -4.01
C ILE A 17 0.91 8.08 -4.47
N PHE A 18 -0.28 8.45 -4.90
CA PHE A 18 -1.20 7.48 -5.45
C PHE A 18 -1.20 7.65 -6.87
N LEU A 19 -0.95 6.65 -7.54
CA LEU A 19 -1.04 6.70 -8.88
C LEU A 19 -1.98 5.68 -9.36
N GLN A 20 -3.16 6.11 -9.64
CA GLN A 20 -4.06 5.22 -10.28
C GLN A 20 -3.58 4.96 -11.72
N GLU A 21 -2.85 3.88 -11.85
CA GLU A 21 -2.34 3.34 -13.09
C GLU A 21 -2.98 1.99 -13.35
N ALA A 22 -3.67 1.86 -14.44
CA ALA A 22 -4.30 0.60 -14.77
C ALA A 22 -3.34 -0.24 -15.59
N ILE A 23 -2.94 -1.35 -15.03
CA ILE A 23 -1.96 -2.22 -15.68
C ILE A 23 -2.31 -3.66 -15.39
N LYS A 24 -1.86 -4.54 -16.26
CA LYS A 24 -2.06 -5.93 -16.07
C LYS A 24 -1.22 -6.40 -14.90
N VAL A 25 -1.86 -6.71 -13.84
CA VAL A 25 -1.21 -7.16 -12.65
C VAL A 25 -1.28 -8.66 -12.56
N GLU A 26 -0.14 -9.23 -12.64
CA GLU A 26 0.01 -10.66 -12.56
C GLU A 26 0.32 -11.04 -11.13
N SER A 27 1.06 -10.20 -10.50
CA SER A 27 1.50 -10.39 -9.17
C SER A 27 1.49 -9.07 -8.53
N ILE A 28 1.55 -9.03 -7.22
CA ILE A 28 1.58 -7.77 -6.55
C ILE A 28 2.86 -7.02 -6.91
N GLU A 29 3.82 -7.79 -7.30
CA GLU A 29 5.08 -7.30 -7.85
C GLU A 29 4.81 -6.40 -9.08
N ASP A 30 3.78 -6.70 -9.82
CA ASP A 30 3.41 -5.95 -10.99
C ASP A 30 2.83 -4.63 -10.62
N VAL A 31 2.13 -4.60 -9.53
CA VAL A 31 1.44 -3.43 -9.13
C VAL A 31 2.35 -2.57 -8.32
N ARG A 32 3.21 -3.21 -7.61
CA ARG A 32 4.19 -2.57 -6.82
C ARG A 32 5.20 -1.86 -7.74
N ASN A 33 5.27 -2.37 -9.00
CA ASN A 33 6.15 -1.83 -10.05
C ASN A 33 5.81 -0.41 -10.32
N GLN A 34 4.56 -0.11 -10.16
CA GLN A 34 4.03 1.23 -10.39
C GLN A 34 4.71 2.22 -9.47
N CYS A 35 4.99 1.79 -8.27
CA CYS A 35 5.61 2.62 -7.32
C CYS A 35 7.10 2.65 -7.48
N THR A 36 7.67 1.49 -7.76
CA THR A 36 9.11 1.38 -7.90
C THR A 36 9.61 2.14 -9.10
N ASP A 37 8.68 2.38 -10.00
CA ASP A 37 8.88 3.19 -11.20
C ASP A 37 9.20 4.63 -10.82
N HIS A 38 8.78 5.01 -9.62
CA HIS A 38 8.95 6.36 -9.14
C HIS A 38 10.01 6.41 -8.07
N GLY A 39 10.73 5.32 -7.89
CA GLY A 39 11.71 5.28 -6.84
C GLY A 39 11.06 5.14 -5.49
N ALA A 40 9.90 4.56 -5.52
CA ALA A 40 9.10 4.31 -4.35
C ALA A 40 8.78 2.85 -4.32
N ASP A 41 8.05 2.41 -3.36
CA ASP A 41 7.57 1.04 -3.33
C ASP A 41 6.18 1.13 -2.77
N MET A 42 5.40 0.09 -2.78
CA MET A 42 4.04 0.19 -2.28
C MET A 42 3.97 0.58 -0.79
N ILE A 43 2.91 1.29 -0.48
CA ILE A 43 2.55 1.81 0.84
C ILE A 43 2.81 0.86 2.05
N SER A 44 3.08 1.45 3.20
CA SER A 44 3.34 0.74 4.39
C SER A 44 2.89 1.57 5.55
N ILE A 45 2.21 0.94 6.46
CA ILE A 45 1.68 1.57 7.62
C ILE A 45 2.40 1.08 8.82
N HIS A 46 3.00 1.98 9.52
CA HIS A 46 3.65 1.61 10.73
C HIS A 46 2.92 2.17 11.93
N ASN A 47 1.78 2.87 11.68
CA ASN A 47 1.00 3.49 12.79
C ASN A 47 -0.39 3.80 12.31
N GLU A 48 -1.32 4.06 13.24
CA GLU A 48 -2.65 4.47 12.88
C GLU A 48 -2.59 5.83 12.28
N GLU A 49 -1.55 6.59 12.67
CA GLU A 49 -1.30 7.86 12.15
C GLU A 49 -1.12 7.74 10.66
N GLU A 50 -0.41 6.69 10.26
CA GLU A 50 -0.15 6.40 8.86
C GLU A 50 -1.40 5.88 8.23
N ASN A 51 -2.05 4.95 8.90
CA ASN A 51 -3.24 4.31 8.38
C ASN A 51 -4.30 5.33 8.07
N ALA A 52 -4.58 6.14 9.04
CA ALA A 52 -5.59 7.15 8.95
C ALA A 52 -5.11 8.31 8.04
N PHE A 53 -3.78 8.44 7.91
CA PHE A 53 -3.17 9.37 6.97
C PHE A 53 -3.62 9.04 5.59
N ILE A 54 -3.32 7.79 5.21
CA ILE A 54 -3.44 7.26 3.87
C ILE A 54 -4.85 7.37 3.48
N LEU A 55 -5.60 7.08 4.44
CA LEU A 55 -6.98 7.03 4.38
C LEU A 55 -7.59 8.34 3.89
N ASP A 56 -7.20 9.42 4.47
CA ASP A 56 -7.74 10.73 4.05
C ASP A 56 -6.98 11.27 2.91
N THR A 57 -5.74 10.90 2.88
CA THR A 57 -4.77 11.50 2.03
C THR A 57 -4.99 11.10 0.63
N LEU A 58 -5.48 9.93 0.52
CA LEU A 58 -5.81 9.35 -0.67
C LEU A 58 -6.82 10.23 -1.40
N LYS A 59 -7.93 10.42 -0.75
CA LYS A 59 -9.01 11.22 -1.27
C LYS A 59 -8.73 12.74 -1.28
N LYS A 60 -7.92 13.21 -0.32
CA LYS A 60 -7.64 14.58 -0.19
C LYS A 60 -6.83 15.15 -1.38
N GLN A 61 -5.77 14.47 -1.78
CA GLN A 61 -4.90 14.96 -2.82
C GLN A 61 -5.21 14.30 -4.13
N TRP A 62 -5.42 13.02 -4.06
CA TRP A 62 -5.63 12.23 -5.22
C TRP A 62 -7.12 11.86 -5.30
N LYS A 63 -7.47 10.91 -6.14
CA LYS A 63 -8.87 10.52 -6.31
C LYS A 63 -9.42 9.87 -5.06
N GLY A 64 -8.98 8.68 -4.83
CA GLY A 64 -9.38 7.94 -3.73
C GLY A 64 -10.43 6.96 -4.03
N PRO A 65 -10.07 5.76 -3.99
CA PRO A 65 -10.93 4.65 -4.19
C PRO A 65 -11.56 4.24 -2.86
N ASP A 66 -12.36 3.22 -2.83
CA ASP A 66 -12.98 2.82 -1.54
C ASP A 66 -11.96 2.11 -0.73
N ASP A 67 -11.13 1.39 -1.39
CA ASP A 67 -9.99 0.75 -0.79
C ASP A 67 -8.81 0.77 -1.70
N ILE A 68 -7.68 1.10 -1.13
CA ILE A 68 -6.41 1.21 -1.83
C ILE A 68 -5.58 0.03 -1.51
N LEU A 69 -4.71 -0.39 -2.39
CA LEU A 69 -3.93 -1.51 -2.09
C LEU A 69 -2.89 -1.12 -1.09
N LEU A 70 -2.70 -1.97 -0.13
CA LEU A 70 -1.66 -1.80 0.81
C LEU A 70 -0.47 -2.36 0.19
N GLY A 71 0.60 -1.95 0.66
CA GLY A 71 1.82 -2.40 0.10
C GLY A 71 2.32 -3.53 0.87
N MET A 72 1.48 -4.50 1.00
CA MET A 72 1.77 -5.61 1.75
C MET A 72 1.57 -6.80 0.92
N PHE A 73 2.45 -7.70 1.03
CA PHE A 73 2.40 -8.82 0.22
C PHE A 73 2.39 -10.03 1.01
N TYR A 74 1.71 -10.97 0.53
CA TYR A 74 1.61 -12.20 1.21
C TYR A 74 2.68 -13.11 0.72
N ASP A 75 3.67 -13.22 1.51
CA ASP A 75 4.74 -14.07 1.23
C ASP A 75 4.28 -15.43 1.62
N THR A 76 4.23 -16.33 0.72
CA THR A 76 3.71 -17.62 1.00
C THR A 76 4.77 -18.57 1.53
N ASP A 77 5.99 -18.14 1.46
CA ASP A 77 7.13 -18.94 1.89
C ASP A 77 7.19 -18.97 3.41
N ASP A 78 7.04 -17.82 4.00
CA ASP A 78 6.97 -17.68 5.47
C ASP A 78 5.55 -17.69 5.89
N ALA A 79 4.71 -17.31 4.95
CA ALA A 79 3.31 -17.14 5.13
C ALA A 79 3.04 -16.00 6.06
N SER A 80 3.47 -14.84 5.64
CA SER A 80 3.33 -13.64 6.39
C SER A 80 3.03 -12.52 5.44
N PHE A 81 2.45 -11.50 5.94
CA PHE A 81 2.22 -10.31 5.19
C PHE A 81 3.36 -9.41 5.43
N LYS A 82 3.93 -8.98 4.39
CA LYS A 82 5.15 -8.26 4.43
C LYS A 82 4.97 -6.95 3.77
N TRP A 83 5.61 -5.96 4.25
CA TRP A 83 5.53 -4.69 3.66
C TRP A 83 6.52 -4.59 2.53
N PHE A 84 6.11 -3.95 1.45
CA PHE A 84 7.03 -3.66 0.37
C PHE A 84 8.05 -2.62 0.81
N ASP A 85 7.77 -2.01 1.96
CA ASP A 85 8.68 -1.06 2.64
C ASP A 85 9.91 -1.81 3.17
N ASN A 86 9.79 -3.15 3.20
CA ASN A 86 10.83 -4.10 3.62
C ASN A 86 11.03 -4.10 5.11
N SER A 87 10.14 -3.45 5.80
CA SER A 87 10.21 -3.39 7.22
C SER A 87 9.08 -4.25 7.79
N ASN A 88 9.22 -4.62 9.05
CA ASN A 88 8.25 -5.45 9.76
C ASN A 88 6.88 -4.79 9.79
N MET A 89 5.84 -5.58 9.76
CA MET A 89 4.53 -5.08 9.96
C MET A 89 4.33 -4.91 11.45
N THR A 90 4.66 -3.74 11.91
CA THR A 90 4.63 -3.40 13.29
C THR A 90 3.28 -2.84 13.71
N PHE A 91 2.49 -2.42 12.74
CA PHE A 91 1.19 -1.91 13.00
C PHE A 91 0.24 -2.56 12.04
N ASP A 92 -1.02 -2.62 12.40
CA ASP A 92 -2.01 -3.21 11.56
C ASP A 92 -3.36 -2.75 11.92
N LYS A 93 -4.20 -2.73 10.93
CA LYS A 93 -5.58 -2.46 11.11
C LYS A 93 -6.36 -3.56 10.43
N TRP A 94 -6.28 -4.74 10.96
CA TRP A 94 -6.92 -5.87 10.35
C TRP A 94 -8.38 -6.00 10.74
N THR A 95 -9.19 -6.35 9.78
CA THR A 95 -10.57 -6.64 10.00
C THR A 95 -10.74 -8.14 9.82
N ASP A 96 -11.87 -8.67 10.19
CA ASP A 96 -12.09 -10.10 10.05
C ASP A 96 -12.59 -10.43 8.67
N GLN A 97 -11.82 -11.17 7.92
CA GLN A 97 -12.12 -11.48 6.63
C GLN A 97 -12.34 -12.99 6.56
N ASP A 98 -12.72 -13.41 5.43
CA ASP A 98 -12.92 -14.76 5.07
C ASP A 98 -11.61 -15.46 4.74
N ASP A 99 -11.73 -16.77 4.62
CA ASP A 99 -10.67 -17.70 4.22
C ASP A 99 -9.86 -18.13 5.41
N ASP A 100 -8.93 -19.04 5.20
CA ASP A 100 -8.19 -19.62 6.30
C ASP A 100 -6.69 -19.52 6.11
N GLU A 101 -6.15 -20.45 5.36
CA GLU A 101 -4.73 -20.59 5.22
C GLU A 101 -4.24 -19.82 4.02
N ASP A 102 -4.79 -20.12 2.88
CA ASP A 102 -4.40 -19.47 1.66
C ASP A 102 -5.36 -18.41 1.27
N LEU A 103 -4.91 -17.22 1.36
CA LEU A 103 -5.66 -16.10 0.94
C LEU A 103 -4.96 -15.41 -0.22
N VAL A 104 -4.55 -16.21 -1.16
CA VAL A 104 -3.78 -15.77 -2.30
C VAL A 104 -4.71 -15.24 -3.41
N ASP A 105 -5.99 -15.47 -3.22
CA ASP A 105 -7.01 -15.04 -4.19
C ASP A 105 -7.44 -13.60 -3.92
N THR A 106 -7.04 -13.12 -2.79
CA THR A 106 -7.35 -11.79 -2.36
C THR A 106 -6.05 -11.06 -2.12
N CYS A 107 -6.13 -9.78 -1.85
CA CYS A 107 -4.97 -8.97 -1.61
C CYS A 107 -5.22 -8.13 -0.39
N ALA A 108 -4.34 -7.19 -0.10
CA ALA A 108 -4.54 -6.40 1.05
C ALA A 108 -4.85 -5.01 0.64
N PHE A 109 -5.97 -4.54 1.02
CA PHE A 109 -6.30 -3.19 0.72
C PHE A 109 -6.79 -2.58 1.94
N LEU A 110 -6.29 -1.45 2.19
CA LEU A 110 -6.80 -0.61 3.21
C LEU A 110 -8.08 0.09 2.76
N HIS A 111 -9.10 -0.01 3.58
CA HIS A 111 -10.38 0.62 3.33
C HIS A 111 -10.29 2.09 3.65
N ILE A 112 -10.60 2.88 2.67
CA ILE A 112 -10.59 4.32 2.71
C ILE A 112 -11.57 4.91 3.72
N LYS A 113 -12.59 4.18 4.04
CA LYS A 113 -13.57 4.69 5.00
C LYS A 113 -13.16 4.38 6.41
N THR A 114 -12.95 3.14 6.66
CA THR A 114 -12.80 2.65 8.00
C THR A 114 -11.35 2.44 8.37
N GLY A 115 -10.56 2.06 7.40
CA GLY A 115 -9.18 1.83 7.65
C GLY A 115 -8.95 0.45 8.10
N GLU A 116 -9.58 -0.46 7.42
CA GLU A 116 -9.49 -1.86 7.71
C GLU A 116 -8.79 -2.52 6.59
N TRP A 117 -8.00 -3.50 6.91
CA TRP A 117 -7.21 -4.17 5.93
C TRP A 117 -7.77 -5.52 5.58
N LYS A 118 -7.49 -5.93 4.39
CA LYS A 118 -7.87 -7.20 3.84
C LYS A 118 -6.66 -7.99 3.67
N LYS A 119 -6.81 -9.24 3.73
CA LYS A 119 -5.67 -10.14 3.68
C LYS A 119 -5.44 -10.59 2.28
N GLY A 120 -4.18 -10.74 1.92
CA GLY A 120 -3.86 -11.33 0.66
C GLY A 120 -2.64 -10.72 0.00
N ASN A 121 -2.48 -11.10 -1.23
CA ASN A 121 -1.44 -10.63 -2.12
C ASN A 121 -2.11 -10.31 -3.44
N CYS A 122 -1.81 -9.21 -4.05
CA CYS A 122 -2.53 -8.87 -5.24
C CYS A 122 -1.96 -9.47 -6.46
N GLU A 123 -2.15 -10.74 -6.56
CA GLU A 123 -1.75 -11.53 -7.69
C GLU A 123 -2.90 -11.57 -8.70
N VAL A 124 -3.67 -10.52 -8.70
CA VAL A 124 -4.81 -10.34 -9.56
C VAL A 124 -4.68 -9.05 -10.34
N SER A 125 -5.28 -9.00 -11.48
CA SER A 125 -5.18 -7.87 -12.38
C SER A 125 -6.11 -6.72 -12.01
N SER A 126 -6.91 -6.93 -11.01
CA SER A 126 -7.94 -6.00 -10.61
C SER A 126 -7.39 -4.75 -9.87
N VAL A 127 -6.13 -4.42 -10.07
CA VAL A 127 -5.56 -3.24 -9.43
C VAL A 127 -5.29 -2.17 -10.44
N GLU A 128 -5.84 -1.02 -10.18
CA GLU A 128 -5.70 0.13 -11.06
C GLU A 128 -5.10 1.31 -10.36
N GLY A 129 -4.61 1.09 -9.18
CA GLY A 129 -4.00 2.16 -8.47
C GLY A 129 -3.41 1.69 -7.19
N THR A 130 -2.23 2.13 -6.92
CA THR A 130 -1.57 1.78 -5.72
C THR A 130 -0.98 3.01 -5.08
N LEU A 131 -0.86 2.99 -3.78
CA LEU A 131 -0.24 4.04 -3.11
C LEU A 131 1.19 3.68 -2.93
N CYS A 132 2.02 4.61 -3.11
CA CYS A 132 3.40 4.38 -3.01
C CYS A 132 3.94 5.09 -1.85
N LYS A 133 4.88 4.46 -1.23
CA LYS A 133 5.59 5.00 -0.14
C LYS A 133 7.06 4.90 -0.47
N THR A 134 7.78 5.86 -0.10
CA THR A 134 9.18 5.83 -0.25
C THR A 134 9.75 6.45 1.00
N ALA A 135 10.80 5.91 1.52
CA ALA A 135 11.43 6.51 2.65
C ALA A 135 12.31 7.58 2.15
N ILE A 136 12.30 8.71 2.77
CA ILE A 136 13.18 9.70 2.40
C ILE A 136 14.37 9.78 3.35
N PRO A 137 15.55 9.51 2.83
CA PRO A 137 16.82 9.57 3.57
C PRO A 137 17.21 11.00 3.87
N TYR A 138 16.42 11.87 3.38
CA TYR A 138 16.56 13.30 3.55
C TYR A 138 16.28 13.66 5.00
N LYS A 139 15.47 12.85 5.63
CA LYS A 139 15.09 13.06 7.02
C LYS A 139 15.45 11.85 7.85
N ARG A 140 16.33 11.03 7.34
CA ARG A 140 16.74 9.82 8.03
C ARG A 140 17.99 10.12 8.82
N MET A 1 11.71 19.80 -1.77
CA MET A 1 12.48 19.03 -2.75
C MET A 1 12.89 17.66 -2.21
N ASP A 2 12.32 17.24 -1.08
CA ASP A 2 12.64 15.93 -0.50
C ASP A 2 11.94 14.86 -1.28
N CYS A 3 10.81 15.23 -1.79
CA CYS A 3 10.00 14.40 -2.62
C CYS A 3 10.26 14.77 -4.08
N PRO A 4 10.03 13.82 -5.01
CA PRO A 4 10.19 14.06 -6.47
C PRO A 4 9.37 15.26 -6.99
N SER A 5 8.11 15.31 -6.64
CA SER A 5 7.25 16.32 -7.18
C SER A 5 6.22 16.77 -6.12
N SER A 6 5.35 17.68 -6.49
CA SER A 6 4.35 18.23 -5.59
C SER A 6 3.16 17.30 -5.42
N THR A 7 3.04 16.31 -6.30
CA THR A 7 1.99 15.29 -6.20
C THR A 7 2.33 14.31 -5.05
N TRP A 8 3.54 14.43 -4.56
CA TRP A 8 4.06 13.60 -3.52
C TRP A 8 3.79 14.24 -2.18
N ILE A 9 3.27 13.46 -1.30
CA ILE A 9 2.87 13.89 0.01
C ILE A 9 3.82 13.32 1.05
N GLN A 10 4.51 14.17 1.72
CA GLN A 10 5.49 13.74 2.67
C GLN A 10 4.84 13.55 4.03
N PHE A 11 5.09 12.44 4.65
CA PHE A 11 4.56 12.14 5.92
C PHE A 11 5.62 11.44 6.72
N GLN A 12 5.88 11.95 7.92
CA GLN A 12 6.92 11.47 8.83
C GLN A 12 8.32 11.56 8.22
N ASP A 13 8.72 10.55 7.49
CA ASP A 13 10.02 10.52 6.84
C ASP A 13 9.91 9.78 5.52
N SER A 14 8.74 9.81 4.96
CA SER A 14 8.51 9.20 3.69
C SER A 14 7.63 10.06 2.84
N CYS A 15 7.57 9.73 1.59
CA CYS A 15 6.75 10.44 0.68
C CYS A 15 5.84 9.48 -0.01
N TYR A 16 4.67 9.95 -0.21
CA TYR A 16 3.56 9.20 -0.66
C TYR A 16 2.98 9.74 -1.93
N ILE A 17 2.56 8.86 -2.79
CA ILE A 17 1.89 9.24 -4.00
C ILE A 17 0.93 8.14 -4.43
N PHE A 18 -0.26 8.51 -4.88
CA PHE A 18 -1.18 7.52 -5.40
C PHE A 18 -1.21 7.70 -6.83
N LEU A 19 -0.93 6.71 -7.51
CA LEU A 19 -1.02 6.76 -8.84
C LEU A 19 -1.92 5.72 -9.32
N GLN A 20 -3.13 6.11 -9.59
CA GLN A 20 -4.00 5.20 -10.23
C GLN A 20 -3.50 4.95 -11.66
N GLU A 21 -2.75 3.87 -11.79
CA GLU A 21 -2.22 3.36 -13.03
C GLU A 21 -2.85 2.02 -13.35
N ALA A 22 -3.57 1.95 -14.44
CA ALA A 22 -4.22 0.71 -14.84
C ALA A 22 -3.22 -0.13 -15.63
N ILE A 23 -2.87 -1.27 -15.09
CA ILE A 23 -1.89 -2.16 -15.71
C ILE A 23 -2.25 -3.60 -15.44
N LYS A 24 -1.78 -4.48 -16.29
CA LYS A 24 -1.97 -5.89 -16.09
C LYS A 24 -1.18 -6.32 -14.86
N VAL A 25 -1.87 -6.63 -13.81
CA VAL A 25 -1.23 -7.06 -12.63
C VAL A 25 -1.25 -8.56 -12.58
N GLU A 26 -0.10 -9.09 -12.72
CA GLU A 26 0.13 -10.50 -12.71
C GLU A 26 0.39 -10.92 -11.28
N SER A 27 1.12 -10.09 -10.60
CA SER A 27 1.52 -10.30 -9.26
C SER A 27 1.51 -8.99 -8.58
N ILE A 28 1.58 -8.98 -7.27
CA ILE A 28 1.59 -7.75 -6.56
C ILE A 28 2.88 -6.99 -6.90
N GLU A 29 3.84 -7.73 -7.31
CA GLU A 29 5.10 -7.21 -7.84
C GLU A 29 4.84 -6.30 -9.05
N ASP A 30 3.79 -6.58 -9.80
CA ASP A 30 3.42 -5.82 -10.96
C ASP A 30 2.81 -4.53 -10.57
N VAL A 31 2.11 -4.53 -9.50
CA VAL A 31 1.39 -3.37 -9.08
C VAL A 31 2.28 -2.51 -8.25
N ARG A 32 3.18 -3.15 -7.60
CA ARG A 32 4.13 -2.50 -6.81
C ARG A 32 5.14 -1.79 -7.76
N ASN A 33 5.19 -2.27 -9.03
CA ASN A 33 6.04 -1.70 -10.12
C ASN A 33 5.66 -0.29 -10.37
N GLN A 34 4.42 -0.01 -10.11
CA GLN A 34 3.86 1.31 -10.32
C GLN A 34 4.54 2.31 -9.40
N CYS A 35 4.93 1.86 -8.25
CA CYS A 35 5.59 2.68 -7.32
C CYS A 35 7.07 2.71 -7.57
N THR A 36 7.62 1.57 -7.89
CA THR A 36 9.04 1.44 -8.13
C THR A 36 9.45 2.20 -9.38
N ASP A 37 8.46 2.46 -10.19
CA ASP A 37 8.59 3.27 -11.41
C ASP A 37 9.00 4.69 -11.04
N HIS A 38 8.68 5.07 -9.81
CA HIS A 38 8.98 6.38 -9.30
C HIS A 38 10.10 6.28 -8.29
N GLY A 39 10.72 5.13 -8.19
CA GLY A 39 11.76 4.92 -7.21
C GLY A 39 11.17 4.83 -5.82
N ALA A 40 9.94 4.45 -5.76
CA ALA A 40 9.22 4.28 -4.51
C ALA A 40 8.79 2.84 -4.42
N ASP A 41 8.12 2.45 -3.39
CA ASP A 41 7.58 1.10 -3.31
C ASP A 41 6.18 1.24 -2.77
N MET A 42 5.40 0.20 -2.77
CA MET A 42 4.02 0.31 -2.27
C MET A 42 3.98 0.70 -0.79
N ILE A 43 2.92 1.40 -0.44
CA ILE A 43 2.58 1.88 0.92
C ILE A 43 2.88 0.83 2.06
N SER A 44 3.17 1.30 3.25
CA SER A 44 3.54 0.43 4.35
C SER A 44 3.23 1.10 5.68
N ILE A 45 2.34 0.49 6.41
CA ILE A 45 1.80 1.05 7.61
C ILE A 45 2.46 0.48 8.82
N HIS A 46 3.02 1.34 9.58
CA HIS A 46 3.59 0.96 10.82
C HIS A 46 2.92 1.73 11.94
N ASN A 47 1.84 2.48 11.61
CA ASN A 47 1.11 3.26 12.62
C ASN A 47 -0.26 3.58 12.11
N GLU A 48 -1.19 3.91 13.00
CA GLU A 48 -2.48 4.36 12.59
C GLU A 48 -2.35 5.72 11.99
N GLU A 49 -1.25 6.39 12.35
CA GLU A 49 -0.88 7.62 11.83
C GLU A 49 -0.79 7.50 10.32
N GLU A 50 -0.09 6.46 9.88
CA GLU A 50 0.11 6.16 8.48
C GLU A 50 -1.26 5.77 7.95
N ASN A 51 -1.88 4.77 8.60
CA ASN A 51 -3.12 4.15 8.14
C ASN A 51 -4.18 5.20 7.85
N ALA A 52 -4.40 6.03 8.82
CA ALA A 52 -5.41 7.07 8.76
C ALA A 52 -5.02 8.21 7.82
N PHE A 53 -3.73 8.42 7.67
CA PHE A 53 -3.19 9.42 6.75
C PHE A 53 -3.55 9.04 5.35
N ILE A 54 -3.26 7.81 5.04
CA ILE A 54 -3.39 7.24 3.70
C ILE A 54 -4.77 7.35 3.33
N LEU A 55 -5.53 7.01 4.27
CA LEU A 55 -6.89 6.98 4.23
C LEU A 55 -7.47 8.32 3.81
N ASP A 56 -7.05 9.37 4.41
CA ASP A 56 -7.60 10.70 4.12
C ASP A 56 -6.94 11.27 2.92
N THR A 57 -5.70 11.02 2.83
CA THR A 57 -4.83 11.68 1.91
C THR A 57 -5.10 11.24 0.52
N LEU A 58 -5.52 10.02 0.46
CA LEU A 58 -5.86 9.41 -0.72
C LEU A 58 -6.93 10.22 -1.45
N LYS A 59 -8.04 10.36 -0.78
CA LYS A 59 -9.17 11.11 -1.29
C LYS A 59 -8.93 12.62 -1.32
N LYS A 60 -8.13 13.07 -0.41
CA LYS A 60 -7.85 14.48 -0.22
C LYS A 60 -7.06 15.08 -1.38
N GLN A 61 -5.97 14.46 -1.70
CA GLN A 61 -5.10 14.97 -2.75
C GLN A 61 -5.41 14.32 -4.08
N TRP A 62 -5.61 13.05 -4.05
CA TRP A 62 -5.81 12.28 -5.24
C TRP A 62 -7.29 11.90 -5.35
N LYS A 63 -7.62 10.88 -6.10
CA LYS A 63 -9.01 10.47 -6.24
C LYS A 63 -9.52 9.80 -4.98
N GLY A 64 -9.09 8.60 -4.78
CA GLY A 64 -9.46 7.84 -3.68
C GLY A 64 -10.48 6.84 -4.00
N PRO A 65 -10.08 5.64 -3.98
CA PRO A 65 -10.91 4.50 -4.24
C PRO A 65 -11.56 4.02 -2.95
N ASP A 66 -12.34 2.96 -3.02
CA ASP A 66 -12.98 2.41 -1.80
C ASP A 66 -11.94 1.86 -0.87
N ASP A 67 -10.99 1.16 -1.42
CA ASP A 67 -9.85 0.70 -0.68
C ASP A 67 -8.67 0.86 -1.56
N ILE A 68 -7.58 1.12 -0.99
CA ILE A 68 -6.33 1.24 -1.72
C ILE A 68 -5.52 0.03 -1.45
N LEU A 69 -4.68 -0.36 -2.35
CA LEU A 69 -3.92 -1.51 -2.08
C LEU A 69 -2.87 -1.17 -1.05
N LEU A 70 -2.69 -2.04 -0.11
CA LEU A 70 -1.66 -1.89 0.83
C LEU A 70 -0.47 -2.43 0.22
N GLY A 71 0.59 -1.98 0.67
CA GLY A 71 1.82 -2.38 0.13
C GLY A 71 2.35 -3.52 0.89
N MET A 72 1.53 -4.51 1.04
CA MET A 72 1.89 -5.59 1.78
C MET A 72 1.73 -6.76 0.94
N PHE A 73 2.49 -7.70 1.18
CA PHE A 73 2.48 -8.83 0.40
C PHE A 73 2.41 -10.02 1.24
N TYR A 74 1.77 -10.97 0.74
CA TYR A 74 1.58 -12.17 1.45
C TYR A 74 2.59 -13.16 1.02
N ASP A 75 3.63 -13.26 1.79
CA ASP A 75 4.63 -14.23 1.55
C ASP A 75 4.15 -15.50 2.08
N THR A 76 3.91 -16.42 1.21
CA THR A 76 3.32 -17.68 1.57
C THR A 76 4.32 -18.60 2.23
N ASP A 77 5.59 -18.32 1.97
CA ASP A 77 6.68 -19.14 2.50
C ASP A 77 6.73 -19.12 4.00
N ASP A 78 6.60 -17.94 4.57
CA ASP A 78 6.50 -17.83 6.03
C ASP A 78 5.08 -17.69 6.43
N ALA A 79 4.28 -17.39 5.43
CA ALA A 79 2.86 -17.15 5.57
C ALA A 79 2.61 -16.00 6.48
N SER A 80 2.99 -14.86 6.00
CA SER A 80 2.84 -13.66 6.72
C SER A 80 2.66 -12.54 5.76
N PHE A 81 2.06 -11.52 6.20
CA PHE A 81 1.93 -10.33 5.45
C PHE A 81 3.05 -9.46 5.85
N LYS A 82 3.78 -9.06 4.93
CA LYS A 82 4.93 -8.27 5.14
C LYS A 82 4.89 -7.11 4.24
N TRP A 83 5.55 -6.07 4.60
CA TRP A 83 5.49 -4.86 3.87
C TRP A 83 6.50 -4.81 2.76
N PHE A 84 6.13 -4.15 1.68
CA PHE A 84 7.06 -3.88 0.60
C PHE A 84 8.17 -2.93 1.07
N ASP A 85 7.94 -2.33 2.24
CA ASP A 85 8.91 -1.52 2.96
C ASP A 85 10.08 -2.39 3.47
N ASN A 86 9.88 -3.73 3.38
CA ASN A 86 10.89 -4.74 3.75
C ASN A 86 11.06 -4.79 5.24
N SER A 87 10.09 -4.28 5.94
CA SER A 87 10.11 -4.27 7.34
C SER A 87 8.92 -5.06 7.86
N ASN A 88 9.03 -5.50 9.10
CA ASN A 88 8.01 -6.29 9.77
C ASN A 88 6.71 -5.55 9.81
N MET A 89 5.64 -6.26 9.68
CA MET A 89 4.37 -5.66 9.88
C MET A 89 4.16 -5.51 11.38
N THR A 90 4.56 -4.36 11.87
CA THR A 90 4.51 -4.06 13.26
C THR A 90 3.14 -3.52 13.66
N PHE A 91 2.51 -2.80 12.76
CA PHE A 91 1.21 -2.26 13.01
C PHE A 91 0.25 -2.85 12.03
N ASP A 92 -0.99 -2.95 12.42
CA ASP A 92 -1.99 -3.49 11.56
C ASP A 92 -3.34 -3.05 11.94
N LYS A 93 -4.16 -2.86 10.95
CA LYS A 93 -5.52 -2.55 11.16
C LYS A 93 -6.32 -3.59 10.42
N TRP A 94 -6.27 -4.78 10.91
CA TRP A 94 -6.94 -5.88 10.24
C TRP A 94 -8.39 -5.97 10.63
N THR A 95 -9.16 -6.52 9.75
CA THR A 95 -10.51 -6.82 10.01
C THR A 95 -10.66 -8.30 9.72
N ASP A 96 -11.69 -8.89 10.19
CA ASP A 96 -11.88 -10.31 9.95
C ASP A 96 -12.54 -10.54 8.63
N GLN A 97 -11.86 -11.22 7.77
CA GLN A 97 -12.27 -11.46 6.48
C GLN A 97 -12.24 -12.96 6.26
N ASP A 98 -12.94 -13.37 5.25
CA ASP A 98 -12.90 -14.70 4.69
C ASP A 98 -11.50 -15.04 4.25
N ASP A 99 -11.31 -16.30 4.03
CA ASP A 99 -10.01 -16.91 3.69
C ASP A 99 -9.10 -16.83 4.89
N ASP A 100 -9.07 -17.87 5.67
CA ASP A 100 -8.29 -17.87 6.90
C ASP A 100 -6.98 -18.61 6.71
N GLU A 101 -7.05 -19.77 6.08
CA GLU A 101 -5.86 -20.56 5.80
C GLU A 101 -5.09 -19.90 4.68
N ASP A 102 -5.64 -19.98 3.50
CA ASP A 102 -5.07 -19.31 2.36
C ASP A 102 -5.94 -18.16 1.99
N LEU A 103 -5.34 -17.05 1.75
CA LEU A 103 -6.03 -15.86 1.35
C LEU A 103 -5.38 -15.28 0.10
N VAL A 104 -4.93 -16.18 -0.73
CA VAL A 104 -4.19 -15.83 -1.94
C VAL A 104 -5.15 -15.36 -3.06
N ASP A 105 -6.43 -15.60 -2.86
CA ASP A 105 -7.46 -15.24 -3.85
C ASP A 105 -7.71 -13.73 -3.84
N THR A 106 -7.37 -13.15 -2.75
CA THR A 106 -7.62 -11.76 -2.49
C THR A 106 -6.28 -11.06 -2.22
N CYS A 107 -6.31 -9.77 -1.98
CA CYS A 107 -5.12 -9.00 -1.71
C CYS A 107 -5.36 -8.16 -0.47
N ALA A 108 -4.48 -7.22 -0.18
CA ALA A 108 -4.66 -6.43 0.99
C ALA A 108 -4.96 -5.05 0.60
N PHE A 109 -6.09 -4.57 0.98
CA PHE A 109 -6.39 -3.23 0.73
C PHE A 109 -6.82 -2.61 1.98
N LEU A 110 -6.28 -1.49 2.23
CA LEU A 110 -6.76 -0.65 3.28
C LEU A 110 -8.04 0.07 2.86
N HIS A 111 -9.05 -0.07 3.68
CA HIS A 111 -10.35 0.53 3.42
C HIS A 111 -10.31 2.00 3.70
N ILE A 112 -10.60 2.76 2.70
CA ILE A 112 -10.65 4.20 2.75
C ILE A 112 -11.72 4.70 3.73
N LYS A 113 -12.75 3.92 3.88
CA LYS A 113 -13.85 4.32 4.76
C LYS A 113 -13.51 4.10 6.22
N THR A 114 -13.05 2.91 6.56
CA THR A 114 -12.83 2.59 7.95
C THR A 114 -11.36 2.49 8.34
N GLY A 115 -10.55 2.05 7.42
CA GLY A 115 -9.16 1.85 7.72
C GLY A 115 -8.92 0.47 8.21
N GLU A 116 -9.53 -0.45 7.53
CA GLU A 116 -9.45 -1.86 7.83
C GLU A 116 -8.85 -2.55 6.66
N TRP A 117 -8.01 -3.49 6.92
CA TRP A 117 -7.29 -4.16 5.89
C TRP A 117 -7.92 -5.48 5.54
N LYS A 118 -7.68 -5.87 4.34
CA LYS A 118 -8.11 -7.12 3.78
C LYS A 118 -6.92 -7.93 3.57
N LYS A 119 -7.07 -9.18 3.71
CA LYS A 119 -5.95 -10.08 3.66
C LYS A 119 -5.70 -10.58 2.28
N GLY A 120 -4.45 -10.71 1.90
CA GLY A 120 -4.12 -11.32 0.65
C GLY A 120 -2.88 -10.76 0.00
N ASN A 121 -2.64 -11.21 -1.20
CA ASN A 121 -1.57 -10.76 -2.07
C ASN A 121 -2.18 -10.42 -3.40
N CYS A 122 -1.83 -9.31 -3.98
CA CYS A 122 -2.52 -8.92 -5.18
C CYS A 122 -1.94 -9.49 -6.41
N GLU A 123 -2.17 -10.75 -6.53
CA GLU A 123 -1.76 -11.52 -7.67
C GLU A 123 -2.90 -11.54 -8.70
N VAL A 124 -3.74 -10.55 -8.60
CA VAL A 124 -4.89 -10.40 -9.47
C VAL A 124 -4.70 -9.15 -10.31
N SER A 125 -5.40 -9.08 -11.39
CA SER A 125 -5.23 -7.99 -12.34
C SER A 125 -6.09 -6.77 -12.04
N SER A 126 -6.94 -6.88 -11.06
CA SER A 126 -7.93 -5.86 -10.75
C SER A 126 -7.36 -4.60 -10.06
N VAL A 127 -6.08 -4.34 -10.21
CA VAL A 127 -5.51 -3.19 -9.56
C VAL A 127 -5.17 -2.11 -10.57
N GLU A 128 -5.71 -0.96 -10.32
CA GLU A 128 -5.56 0.21 -11.17
C GLU A 128 -4.95 1.34 -10.40
N GLY A 129 -4.47 1.08 -9.24
CA GLY A 129 -3.89 2.13 -8.48
C GLY A 129 -3.36 1.68 -7.18
N THR A 130 -2.20 2.13 -6.85
CA THR A 130 -1.56 1.80 -5.63
C THR A 130 -0.97 3.04 -5.03
N LEU A 131 -0.86 3.04 -3.72
CA LEU A 131 -0.22 4.10 -3.07
C LEU A 131 1.22 3.73 -2.90
N CYS A 132 2.04 4.67 -3.09
CA CYS A 132 3.42 4.44 -2.98
C CYS A 132 3.96 5.17 -1.80
N LYS A 133 4.91 4.56 -1.18
CA LYS A 133 5.57 5.11 -0.06
C LYS A 133 7.05 4.94 -0.30
N THR A 134 7.79 5.93 0.00
CA THR A 134 9.18 5.87 -0.18
C THR A 134 9.82 6.65 0.94
N ALA A 135 10.77 6.09 1.59
CA ALA A 135 11.43 6.77 2.66
C ALA A 135 12.36 7.77 2.10
N ILE A 136 12.42 8.91 2.69
CA ILE A 136 13.33 9.86 2.25
C ILE A 136 14.59 9.86 3.12
N PRO A 137 15.68 9.47 2.53
CA PRO A 137 17.00 9.46 3.15
C PRO A 137 17.56 10.87 3.26
N TYR A 138 16.75 11.77 2.81
CA TYR A 138 17.01 13.19 2.82
C TYR A 138 16.96 13.67 4.24
N LYS A 139 16.08 13.04 4.99
CA LYS A 139 15.89 13.32 6.36
C LYS A 139 15.88 12.03 7.12
N ARG A 140 17.05 11.55 7.37
CA ARG A 140 17.28 10.33 8.06
C ARG A 140 18.38 10.54 9.06
N MET A 1 12.46 20.04 0.38
CA MET A 1 12.22 19.41 -0.93
C MET A 1 12.70 18.00 -0.89
N ASP A 2 11.82 17.09 -0.53
CA ASP A 2 12.17 15.68 -0.45
C ASP A 2 11.36 14.88 -1.44
N CYS A 3 10.27 15.45 -1.82
CA CYS A 3 9.36 14.83 -2.72
C CYS A 3 9.54 15.35 -4.15
N PRO A 4 9.53 14.42 -5.14
CA PRO A 4 9.71 14.73 -6.58
C PRO A 4 8.77 15.85 -7.12
N SER A 5 7.50 15.75 -6.81
CA SER A 5 6.53 16.71 -7.31
C SER A 5 5.51 17.03 -6.21
N SER A 6 4.66 18.03 -6.45
CA SER A 6 3.64 18.47 -5.50
C SER A 6 2.63 17.37 -5.19
N THR A 7 2.45 16.46 -6.15
CA THR A 7 1.52 15.35 -6.04
C THR A 7 1.99 14.35 -4.97
N TRP A 8 3.22 14.50 -4.55
CA TRP A 8 3.81 13.69 -3.55
C TRP A 8 3.59 14.31 -2.18
N ILE A 9 3.11 13.51 -1.28
CA ILE A 9 2.74 13.92 0.05
C ILE A 9 3.73 13.38 1.07
N GLN A 10 4.44 14.26 1.73
CA GLN A 10 5.46 13.89 2.68
C GLN A 10 4.84 13.71 4.05
N PHE A 11 5.06 12.58 4.64
CA PHE A 11 4.52 12.28 5.91
C PHE A 11 5.54 11.51 6.73
N GLN A 12 5.90 12.12 7.86
CA GLN A 12 6.85 11.59 8.84
C GLN A 12 8.27 11.50 8.28
N ASP A 13 8.52 10.54 7.44
CA ASP A 13 9.84 10.37 6.84
C ASP A 13 9.70 9.65 5.52
N SER A 14 8.55 9.75 4.93
CA SER A 14 8.31 9.17 3.66
C SER A 14 7.48 10.07 2.81
N CYS A 15 7.44 9.78 1.56
CA CYS A 15 6.64 10.51 0.65
C CYS A 15 5.72 9.56 -0.05
N TYR A 16 4.56 10.03 -0.27
CA TYR A 16 3.46 9.28 -0.72
C TYR A 16 2.86 9.81 -1.99
N ILE A 17 2.46 8.92 -2.85
CA ILE A 17 1.79 9.29 -4.07
C ILE A 17 0.84 8.17 -4.50
N PHE A 18 -0.37 8.52 -4.91
CA PHE A 18 -1.26 7.52 -5.44
C PHE A 18 -1.29 7.70 -6.87
N LEU A 19 -0.99 6.70 -7.55
CA LEU A 19 -1.07 6.76 -8.88
C LEU A 19 -1.99 5.71 -9.36
N GLN A 20 -3.19 6.08 -9.62
CA GLN A 20 -4.06 5.14 -10.23
C GLN A 20 -3.64 4.89 -11.68
N GLU A 21 -2.85 3.85 -11.83
CA GLU A 21 -2.35 3.37 -13.10
C GLU A 21 -2.96 2.00 -13.38
N ALA A 22 -3.68 1.89 -14.46
CA ALA A 22 -4.30 0.62 -14.81
C ALA A 22 -3.30 -0.19 -15.59
N ILE A 23 -2.92 -1.32 -15.04
CA ILE A 23 -1.93 -2.19 -15.67
C ILE A 23 -2.30 -3.64 -15.43
N LYS A 24 -1.83 -4.50 -16.28
CA LYS A 24 -1.99 -5.90 -16.10
C LYS A 24 -1.14 -6.33 -14.93
N VAL A 25 -1.76 -6.66 -13.86
CA VAL A 25 -1.06 -7.09 -12.71
C VAL A 25 -1.05 -8.59 -12.67
N GLU A 26 0.10 -9.11 -12.83
CA GLU A 26 0.31 -10.53 -12.80
C GLU A 26 0.45 -10.96 -11.35
N SER A 27 1.16 -10.16 -10.61
CA SER A 27 1.45 -10.39 -9.24
C SER A 27 1.51 -9.08 -8.55
N ILE A 28 1.50 -9.05 -7.24
CA ILE A 28 1.54 -7.81 -6.54
C ILE A 28 2.87 -7.08 -6.80
N GLU A 29 3.84 -7.82 -7.17
CA GLU A 29 5.12 -7.26 -7.64
C GLU A 29 4.87 -6.33 -8.86
N ASP A 30 3.90 -6.67 -9.69
CA ASP A 30 3.58 -5.93 -10.88
C ASP A 30 3.00 -4.60 -10.56
N VAL A 31 2.25 -4.56 -9.52
CA VAL A 31 1.57 -3.37 -9.11
C VAL A 31 2.46 -2.54 -8.29
N ARG A 32 3.30 -3.20 -7.58
CA ARG A 32 4.19 -2.58 -6.72
C ARG A 32 5.28 -1.85 -7.56
N ASN A 33 5.39 -2.33 -8.80
CA ASN A 33 6.26 -1.75 -9.85
C ASN A 33 5.87 -0.32 -10.15
N GLN A 34 4.59 -0.03 -10.04
CA GLN A 34 4.05 1.30 -10.31
C GLN A 34 4.71 2.32 -9.42
N CYS A 35 5.06 1.90 -8.25
CA CYS A 35 5.70 2.74 -7.32
C CYS A 35 7.18 2.81 -7.58
N THR A 36 7.78 1.67 -7.88
CA THR A 36 9.21 1.60 -8.10
C THR A 36 9.61 2.37 -9.33
N ASP A 37 8.63 2.62 -10.17
CA ASP A 37 8.79 3.44 -11.39
C ASP A 37 9.17 4.87 -11.02
N HIS A 38 8.85 5.24 -9.80
CA HIS A 38 9.11 6.58 -9.30
C HIS A 38 10.20 6.51 -8.25
N GLY A 39 10.83 5.35 -8.12
CA GLY A 39 11.84 5.16 -7.11
C GLY A 39 11.22 4.95 -5.74
N ALA A 40 9.95 4.66 -5.74
CA ALA A 40 9.17 4.47 -4.54
C ALA A 40 8.82 3.01 -4.44
N ASP A 41 8.12 2.64 -3.42
CA ASP A 41 7.64 1.27 -3.31
C ASP A 41 6.25 1.35 -2.74
N MET A 42 5.51 0.28 -2.71
CA MET A 42 4.13 0.37 -2.20
C MET A 42 4.09 0.77 -0.73
N ILE A 43 3.03 1.43 -0.38
CA ILE A 43 2.69 1.90 0.97
C ILE A 43 2.96 0.83 2.08
N SER A 44 3.37 1.27 3.24
CA SER A 44 3.65 0.38 4.34
C SER A 44 3.39 1.08 5.68
N ILE A 45 2.53 0.47 6.45
CA ILE A 45 1.99 1.04 7.67
C ILE A 45 2.68 0.52 8.91
N HIS A 46 3.17 1.43 9.70
CA HIS A 46 3.77 1.08 10.97
C HIS A 46 3.03 1.78 12.09
N ASN A 47 1.90 2.44 11.74
CA ASN A 47 1.09 3.16 12.72
C ASN A 47 -0.22 3.53 12.18
N GLU A 48 -1.14 3.84 13.08
CA GLU A 48 -2.43 4.27 12.71
C GLU A 48 -2.33 5.63 12.13
N GLU A 49 -1.23 6.35 12.44
CA GLU A 49 -1.02 7.59 11.89
C GLU A 49 -0.86 7.46 10.38
N GLU A 50 -0.02 6.51 9.97
CA GLU A 50 0.17 6.17 8.55
C GLU A 50 -1.17 5.73 8.01
N ASN A 51 -1.77 4.72 8.66
CA ASN A 51 -2.98 4.08 8.18
C ASN A 51 -4.07 5.09 7.89
N ALA A 52 -4.34 5.88 8.89
CA ALA A 52 -5.39 6.85 8.84
C ALA A 52 -5.00 8.09 8.01
N PHE A 53 -3.70 8.29 7.82
CA PHE A 53 -3.17 9.33 6.93
C PHE A 53 -3.59 9.01 5.53
N ILE A 54 -3.26 7.80 5.15
CA ILE A 54 -3.38 7.25 3.79
C ILE A 54 -4.77 7.35 3.41
N LEU A 55 -5.53 6.98 4.35
CA LEU A 55 -6.89 6.89 4.30
C LEU A 55 -7.55 8.16 3.82
N ASP A 56 -7.21 9.25 4.41
CA ASP A 56 -7.81 10.53 4.02
C ASP A 56 -7.07 11.13 2.90
N THR A 57 -5.80 10.89 2.90
CA THR A 57 -4.86 11.55 2.03
C THR A 57 -5.08 11.14 0.62
N LEU A 58 -5.51 9.95 0.51
CA LEU A 58 -5.81 9.36 -0.69
C LEU A 58 -6.84 10.20 -1.45
N LYS A 59 -7.95 10.39 -0.81
CA LYS A 59 -9.04 11.20 -1.33
C LYS A 59 -8.73 12.69 -1.32
N LYS A 60 -8.14 13.17 -0.24
CA LYS A 60 -7.80 14.54 -0.05
C LYS A 60 -6.94 15.14 -1.20
N GLN A 61 -5.94 14.40 -1.66
CA GLN A 61 -5.07 14.88 -2.73
C GLN A 61 -5.43 14.28 -4.06
N TRP A 62 -5.69 13.01 -4.04
CA TRP A 62 -5.86 12.24 -5.24
C TRP A 62 -7.32 11.84 -5.38
N LYS A 63 -7.61 10.86 -6.20
CA LYS A 63 -8.97 10.41 -6.42
C LYS A 63 -9.53 9.77 -5.17
N GLY A 64 -8.91 8.71 -4.79
CA GLY A 64 -9.30 7.98 -3.68
C GLY A 64 -10.35 7.01 -3.99
N PRO A 65 -9.98 5.81 -3.97
CA PRO A 65 -10.82 4.70 -4.25
C PRO A 65 -11.54 4.21 -2.99
N ASP A 66 -12.32 3.17 -3.11
CA ASP A 66 -13.02 2.60 -1.93
C ASP A 66 -12.00 2.01 -0.97
N ASP A 67 -11.00 1.39 -1.54
CA ASP A 67 -9.89 0.86 -0.83
C ASP A 67 -8.67 0.94 -1.70
N ILE A 68 -7.57 1.15 -1.08
CA ILE A 68 -6.28 1.24 -1.76
C ILE A 68 -5.49 0.03 -1.49
N LEU A 69 -4.60 -0.31 -2.37
CA LEU A 69 -3.79 -1.41 -2.13
C LEU A 69 -2.77 -1.08 -1.10
N LEU A 70 -2.62 -1.98 -0.17
CA LEU A 70 -1.63 -1.85 0.81
C LEU A 70 -0.43 -2.41 0.21
N GLY A 71 0.65 -2.05 0.72
CA GLY A 71 1.87 -2.49 0.16
C GLY A 71 2.31 -3.69 0.90
N MET A 72 1.40 -4.59 0.97
CA MET A 72 1.51 -5.71 1.75
C MET A 72 1.29 -6.88 0.92
N PHE A 73 2.15 -7.81 1.04
CA PHE A 73 2.05 -8.94 0.25
C PHE A 73 1.92 -10.11 1.10
N TYR A 74 1.38 -11.10 0.56
CA TYR A 74 1.19 -12.28 1.28
C TYR A 74 2.20 -13.27 0.85
N ASP A 75 3.12 -13.51 1.73
CA ASP A 75 4.11 -14.47 1.52
C ASP A 75 3.49 -15.77 1.81
N THR A 76 3.47 -16.64 0.89
CA THR A 76 2.83 -17.89 1.10
C THR A 76 3.75 -18.93 1.70
N ASP A 77 5.02 -18.67 1.61
CA ASP A 77 6.05 -19.58 2.11
C ASP A 77 6.08 -19.54 3.63
N ASP A 78 6.14 -18.36 4.15
CA ASP A 78 6.20 -18.15 5.60
C ASP A 78 4.82 -17.97 6.10
N ALA A 79 3.98 -17.55 5.18
CA ALA A 79 2.61 -17.24 5.42
C ALA A 79 2.45 -16.06 6.33
N SER A 80 2.83 -14.92 5.81
CA SER A 80 2.69 -13.72 6.54
C SER A 80 2.53 -12.60 5.61
N PHE A 81 1.94 -11.57 6.11
CA PHE A 81 1.80 -10.41 5.38
C PHE A 81 3.00 -9.57 5.59
N LYS A 82 3.41 -8.91 4.56
CA LYS A 82 4.70 -8.32 4.56
C LYS A 82 4.63 -7.04 3.85
N TRP A 83 5.41 -6.12 4.27
CA TRP A 83 5.49 -4.87 3.64
C TRP A 83 6.48 -4.92 2.52
N PHE A 84 6.15 -4.29 1.41
CA PHE A 84 7.10 -4.16 0.32
C PHE A 84 8.23 -3.26 0.72
N ASP A 85 8.00 -2.53 1.80
CA ASP A 85 9.02 -1.68 2.42
C ASP A 85 10.08 -2.56 3.11
N ASN A 86 9.76 -3.86 3.24
CA ASN A 86 10.63 -4.89 3.83
C ASN A 86 10.82 -4.73 5.32
N SER A 87 10.14 -3.81 5.89
CA SER A 87 10.22 -3.60 7.29
C SER A 87 9.13 -4.41 7.98
N ASN A 88 9.32 -4.70 9.24
CA ASN A 88 8.40 -5.53 10.02
C ASN A 88 7.02 -4.92 10.08
N MET A 89 6.02 -5.74 10.03
CA MET A 89 4.68 -5.25 10.21
C MET A 89 4.44 -5.09 11.70
N THR A 90 4.76 -3.91 12.17
CA THR A 90 4.68 -3.59 13.55
C THR A 90 3.29 -3.05 13.95
N PHE A 91 2.50 -2.70 12.95
CA PHE A 91 1.18 -2.18 13.20
C PHE A 91 0.23 -2.83 12.26
N ASP A 92 -1.03 -2.86 12.63
CA ASP A 92 -2.05 -3.45 11.81
C ASP A 92 -3.40 -2.92 12.16
N LYS A 93 -4.22 -2.86 11.15
CA LYS A 93 -5.59 -2.49 11.27
C LYS A 93 -6.42 -3.55 10.58
N TRP A 94 -6.46 -4.71 11.14
CA TRP A 94 -7.16 -5.81 10.53
C TRP A 94 -8.64 -5.83 10.90
N THR A 95 -9.45 -6.18 9.96
CA THR A 95 -10.85 -6.36 10.18
C THR A 95 -11.10 -7.88 10.11
N ASP A 96 -12.30 -8.33 10.34
CA ASP A 96 -12.58 -9.76 10.27
C ASP A 96 -12.96 -10.11 8.84
N GLN A 97 -12.19 -11.00 8.22
CA GLN A 97 -12.43 -11.40 6.93
C GLN A 97 -12.50 -12.93 6.92
N ASP A 98 -12.92 -13.42 5.84
CA ASP A 98 -12.97 -14.81 5.52
C ASP A 98 -11.61 -15.29 5.01
N ASP A 99 -11.50 -16.59 4.92
CA ASP A 99 -10.26 -17.35 4.54
C ASP A 99 -9.24 -17.31 5.63
N ASP A 100 -8.93 -18.47 6.16
CA ASP A 100 -7.98 -18.57 7.25
C ASP A 100 -6.65 -19.11 6.73
N GLU A 101 -6.73 -20.09 5.87
CA GLU A 101 -5.57 -20.72 5.28
C GLU A 101 -5.02 -19.85 4.18
N ASP A 102 -5.56 -20.01 3.02
CA ASP A 102 -5.13 -19.26 1.87
C ASP A 102 -6.13 -18.22 1.49
N LEU A 103 -5.67 -17.02 1.44
CA LEU A 103 -6.44 -15.88 1.05
C LEU A 103 -5.77 -15.22 -0.14
N VAL A 104 -5.26 -16.07 -0.99
CA VAL A 104 -4.45 -15.67 -2.12
C VAL A 104 -5.33 -15.23 -3.30
N ASP A 105 -6.60 -15.41 -3.16
CA ASP A 105 -7.55 -15.05 -4.21
C ASP A 105 -7.90 -13.58 -4.14
N THR A 106 -7.57 -12.99 -3.04
CA THR A 106 -7.87 -11.62 -2.79
C THR A 106 -6.58 -10.94 -2.39
N CYS A 107 -6.61 -9.65 -2.14
CA CYS A 107 -5.41 -8.95 -1.78
C CYS A 107 -5.61 -8.18 -0.49
N ALA A 108 -4.68 -7.29 -0.17
CA ALA A 108 -4.80 -6.54 1.03
C ALA A 108 -5.05 -5.14 0.67
N PHE A 109 -6.15 -4.62 1.10
CA PHE A 109 -6.45 -3.29 0.78
C PHE A 109 -6.85 -2.60 2.01
N LEU A 110 -6.29 -1.49 2.22
CA LEU A 110 -6.73 -0.62 3.23
C LEU A 110 -8.02 0.10 2.81
N HIS A 111 -9.03 -0.04 3.62
CA HIS A 111 -10.33 0.55 3.39
C HIS A 111 -10.29 2.03 3.67
N ILE A 112 -10.54 2.79 2.67
CA ILE A 112 -10.58 4.25 2.71
C ILE A 112 -11.60 4.77 3.70
N LYS A 113 -12.64 3.99 3.88
CA LYS A 113 -13.73 4.43 4.73
C LYS A 113 -13.42 4.22 6.21
N THR A 114 -12.96 3.04 6.56
CA THR A 114 -12.76 2.73 7.97
C THR A 114 -11.29 2.60 8.36
N GLY A 115 -10.46 2.22 7.41
CA GLY A 115 -9.06 2.01 7.68
C GLY A 115 -8.81 0.64 8.15
N GLU A 116 -9.40 -0.28 7.49
CA GLU A 116 -9.26 -1.65 7.83
C GLU A 116 -8.68 -2.38 6.68
N TRP A 117 -7.91 -3.39 6.99
CA TRP A 117 -7.19 -4.13 6.01
C TRP A 117 -7.83 -5.45 5.74
N LYS A 118 -7.61 -5.90 4.56
CA LYS A 118 -8.08 -7.15 4.06
C LYS A 118 -6.93 -8.01 3.81
N LYS A 119 -7.11 -9.23 4.03
CA LYS A 119 -6.04 -10.18 3.87
C LYS A 119 -5.95 -10.70 2.47
N GLY A 120 -4.76 -10.68 1.91
CA GLY A 120 -4.53 -11.24 0.63
C GLY A 120 -3.24 -10.73 0.01
N ASN A 121 -3.10 -11.02 -1.25
CA ASN A 121 -1.98 -10.61 -2.08
C ASN A 121 -2.51 -10.28 -3.46
N CYS A 122 -2.09 -9.20 -4.05
CA CYS A 122 -2.67 -8.83 -5.32
C CYS A 122 -2.07 -9.50 -6.48
N GLU A 123 -2.32 -10.75 -6.54
CA GLU A 123 -1.88 -11.59 -7.62
C GLU A 123 -2.97 -11.63 -8.70
N VAL A 124 -3.77 -10.59 -8.69
CA VAL A 124 -4.87 -10.42 -9.59
C VAL A 124 -4.59 -9.23 -10.47
N SER A 125 -5.19 -9.19 -11.61
CA SER A 125 -4.92 -8.15 -12.56
C SER A 125 -5.74 -6.90 -12.35
N SER A 126 -6.65 -6.95 -11.41
CA SER A 126 -7.60 -5.89 -11.20
C SER A 126 -7.05 -4.66 -10.43
N VAL A 127 -5.76 -4.47 -10.44
CA VAL A 127 -5.22 -3.34 -9.71
C VAL A 127 -4.98 -2.19 -10.65
N GLU A 128 -5.59 -1.10 -10.31
CA GLU A 128 -5.54 0.09 -11.12
C GLU A 128 -4.97 1.24 -10.36
N GLY A 129 -4.43 1.00 -9.21
CA GLY A 129 -3.88 2.07 -8.45
C GLY A 129 -3.30 1.61 -7.16
N THR A 130 -2.15 2.10 -6.86
CA THR A 130 -1.48 1.78 -5.64
C THR A 130 -0.92 3.03 -5.04
N LEU A 131 -0.79 3.03 -3.74
CA LEU A 131 -0.19 4.11 -3.07
C LEU A 131 1.26 3.79 -2.92
N CYS A 132 2.05 4.71 -3.21
CA CYS A 132 3.43 4.53 -3.11
C CYS A 132 3.94 5.29 -1.95
N LYS A 133 4.86 4.70 -1.30
CA LYS A 133 5.51 5.25 -0.18
C LYS A 133 6.99 5.12 -0.43
N THR A 134 7.69 6.14 -0.21
CA THR A 134 9.08 6.12 -0.44
C THR A 134 9.74 6.72 0.77
N ALA A 135 10.63 6.01 1.36
CA ALA A 135 11.33 6.51 2.49
C ALA A 135 12.33 7.52 2.04
N ILE A 136 12.37 8.64 2.68
CA ILE A 136 13.31 9.60 2.32
C ILE A 136 14.52 9.57 3.27
N PRO A 137 15.64 9.18 2.75
CA PRO A 137 16.90 9.14 3.47
C PRO A 137 17.56 10.50 3.53
N TYR A 138 16.83 11.45 3.06
CA TYR A 138 17.24 12.83 3.03
C TYR A 138 17.18 13.37 4.44
N LYS A 139 16.06 13.13 5.07
CA LYS A 139 15.80 13.60 6.41
C LYS A 139 15.86 12.46 7.41
N ARG A 140 16.43 11.35 7.01
CA ARG A 140 16.54 10.21 7.88
C ARG A 140 17.86 10.28 8.62
N MET A 1 8.31 18.87 0.13
CA MET A 1 9.57 19.61 0.05
C MET A 1 10.78 18.69 -0.15
N ASP A 2 10.75 17.52 0.46
CA ASP A 2 11.85 16.55 0.34
C ASP A 2 11.52 15.50 -0.69
N CYS A 3 10.32 15.57 -1.19
CA CYS A 3 9.83 14.62 -2.15
C CYS A 3 10.26 15.00 -3.56
N PRO A 4 10.32 14.00 -4.49
CA PRO A 4 10.68 14.22 -5.92
C PRO A 4 9.86 15.33 -6.58
N SER A 5 8.56 15.25 -6.46
CA SER A 5 7.70 16.24 -7.00
C SER A 5 6.65 16.64 -5.96
N SER A 6 5.88 17.66 -6.27
CA SER A 6 4.88 18.18 -5.38
C SER A 6 3.65 17.27 -5.27
N THR A 7 3.57 16.28 -6.17
CA THR A 7 2.46 15.33 -6.16
C THR A 7 2.61 14.38 -4.97
N TRP A 8 3.82 14.30 -4.47
CA TRP A 8 4.12 13.46 -3.36
C TRP A 8 3.74 14.15 -2.10
N ILE A 9 3.22 13.40 -1.23
CA ILE A 9 2.80 13.86 0.03
C ILE A 9 3.77 13.39 1.07
N GLN A 10 4.34 14.32 1.75
CA GLN A 10 5.38 14.06 2.70
C GLN A 10 4.77 13.90 4.07
N PHE A 11 4.87 12.72 4.60
CA PHE A 11 4.31 12.40 5.86
C PHE A 11 5.37 11.79 6.72
N GLN A 12 5.62 12.45 7.86
CA GLN A 12 6.63 12.06 8.85
C GLN A 12 8.04 12.11 8.26
N ASP A 13 8.40 11.08 7.54
CA ASP A 13 9.70 10.98 6.94
C ASP A 13 9.59 10.19 5.66
N SER A 14 8.48 10.35 4.98
CA SER A 14 8.21 9.63 3.77
C SER A 14 7.47 10.46 2.79
N CYS A 15 7.51 10.00 1.59
CA CYS A 15 6.82 10.56 0.52
C CYS A 15 5.92 9.54 -0.08
N TYR A 16 4.74 9.97 -0.26
CA TYR A 16 3.64 9.19 -0.67
C TYR A 16 3.04 9.71 -1.95
N ILE A 17 2.64 8.83 -2.82
CA ILE A 17 1.97 9.21 -4.04
C ILE A 17 1.00 8.12 -4.49
N PHE A 18 -0.21 8.49 -4.88
CA PHE A 18 -1.12 7.48 -5.40
C PHE A 18 -1.22 7.67 -6.81
N LEU A 19 -0.99 6.67 -7.50
CA LEU A 19 -1.13 6.73 -8.84
C LEU A 19 -2.06 5.70 -9.30
N GLN A 20 -3.27 6.11 -9.53
CA GLN A 20 -4.16 5.21 -10.19
C GLN A 20 -3.69 4.96 -11.62
N GLU A 21 -2.94 3.89 -11.77
CA GLU A 21 -2.44 3.38 -13.04
C GLU A 21 -3.07 2.02 -13.32
N ALA A 22 -3.74 1.90 -14.41
CA ALA A 22 -4.33 0.63 -14.79
C ALA A 22 -3.31 -0.18 -15.58
N ILE A 23 -2.92 -1.32 -15.04
CA ILE A 23 -1.93 -2.19 -15.68
C ILE A 23 -2.28 -3.65 -15.44
N LYS A 24 -1.82 -4.50 -16.30
CA LYS A 24 -1.96 -5.90 -16.14
C LYS A 24 -1.10 -6.35 -14.96
N VAL A 25 -1.73 -6.69 -13.91
CA VAL A 25 -1.04 -7.12 -12.73
C VAL A 25 -1.05 -8.61 -12.64
N GLU A 26 0.11 -9.13 -12.77
CA GLU A 26 0.33 -10.55 -12.72
C GLU A 26 0.49 -10.97 -11.27
N SER A 27 1.18 -10.14 -10.53
CA SER A 27 1.46 -10.35 -9.15
C SER A 27 1.47 -9.03 -8.50
N ILE A 28 1.42 -8.98 -7.18
CA ILE A 28 1.44 -7.72 -6.51
C ILE A 28 2.76 -6.99 -6.77
N GLU A 29 3.73 -7.75 -7.09
CA GLU A 29 5.03 -7.25 -7.53
C GLU A 29 4.83 -6.32 -8.76
N ASP A 30 3.89 -6.67 -9.61
CA ASP A 30 3.59 -5.94 -10.82
C ASP A 30 2.97 -4.61 -10.53
N VAL A 31 2.22 -4.56 -9.49
CA VAL A 31 1.52 -3.36 -9.14
C VAL A 31 2.40 -2.50 -8.31
N ARG A 32 3.22 -3.14 -7.56
CA ARG A 32 4.11 -2.50 -6.70
C ARG A 32 5.22 -1.80 -7.54
N ASN A 33 5.36 -2.30 -8.76
CA ASN A 33 6.25 -1.77 -9.78
C ASN A 33 5.85 -0.38 -10.18
N GLN A 34 4.59 -0.05 -10.05
CA GLN A 34 4.08 1.27 -10.39
C GLN A 34 4.73 2.28 -9.47
N CYS A 35 5.03 1.85 -8.27
CA CYS A 35 5.65 2.69 -7.32
C CYS A 35 7.12 2.74 -7.51
N THR A 36 7.73 1.62 -7.82
CA THR A 36 9.17 1.55 -8.01
C THR A 36 9.58 2.32 -9.25
N ASP A 37 8.60 2.55 -10.09
CA ASP A 37 8.77 3.36 -11.30
C ASP A 37 8.94 4.82 -10.90
N HIS A 38 8.43 5.15 -9.71
CA HIS A 38 8.48 6.50 -9.18
C HIS A 38 9.58 6.60 -8.15
N GLY A 39 10.37 5.57 -8.03
CA GLY A 39 11.42 5.56 -7.04
C GLY A 39 10.87 5.36 -5.66
N ALA A 40 9.77 4.69 -5.61
CA ALA A 40 9.09 4.38 -4.37
C ALA A 40 8.76 2.92 -4.36
N ASP A 41 8.13 2.46 -3.35
CA ASP A 41 7.62 1.11 -3.34
C ASP A 41 6.24 1.23 -2.75
N MET A 42 5.45 0.19 -2.77
CA MET A 42 4.09 0.32 -2.25
C MET A 42 4.05 0.71 -0.77
N ILE A 43 2.99 1.41 -0.44
CA ILE A 43 2.63 1.89 0.90
C ILE A 43 2.86 0.85 2.02
N SER A 44 3.25 1.31 3.19
CA SER A 44 3.46 0.44 4.32
C SER A 44 3.18 1.16 5.62
N ILE A 45 2.33 0.56 6.42
CA ILE A 45 1.83 1.17 7.61
C ILE A 45 2.54 0.68 8.83
N HIS A 46 3.08 1.61 9.54
CA HIS A 46 3.73 1.31 10.77
C HIS A 46 3.02 1.98 11.94
N ASN A 47 1.85 2.67 11.68
CA ASN A 47 1.06 3.33 12.77
C ASN A 47 -0.32 3.66 12.27
N GLU A 48 -1.21 4.00 13.18
CA GLU A 48 -2.54 4.45 12.84
C GLU A 48 -2.42 5.77 12.13
N GLU A 49 -1.35 6.48 12.46
CA GLU A 49 -1.00 7.70 11.89
C GLU A 49 -0.85 7.53 10.41
N GLU A 50 -0.13 6.49 10.03
CA GLU A 50 0.06 6.13 8.64
C GLU A 50 -1.30 5.74 8.08
N ASN A 51 -1.94 4.79 8.75
CA ASN A 51 -3.16 4.18 8.29
C ASN A 51 -4.22 5.21 7.96
N ALA A 52 -4.47 6.04 8.92
CA ALA A 52 -5.48 7.08 8.81
C ALA A 52 -5.07 8.19 7.85
N PHE A 53 -3.77 8.36 7.68
CA PHE A 53 -3.20 9.33 6.74
C PHE A 53 -3.56 8.92 5.36
N ILE A 54 -3.27 7.70 5.07
CA ILE A 54 -3.38 7.11 3.74
C ILE A 54 -4.79 7.18 3.37
N LEU A 55 -5.53 6.91 4.34
CA LEU A 55 -6.90 6.90 4.30
C LEU A 55 -7.49 8.23 3.87
N ASP A 56 -7.02 9.29 4.44
CA ASP A 56 -7.58 10.62 4.14
C ASP A 56 -6.93 11.19 2.93
N THR A 57 -5.69 10.93 2.84
CA THR A 57 -4.81 11.59 1.93
C THR A 57 -5.06 11.15 0.55
N LEU A 58 -5.51 9.94 0.47
CA LEU A 58 -5.84 9.34 -0.71
C LEU A 58 -6.91 10.16 -1.43
N LYS A 59 -8.02 10.33 -0.75
CA LYS A 59 -9.16 11.11 -1.23
C LYS A 59 -8.91 12.62 -1.22
N LYS A 60 -8.00 13.03 -0.39
CA LYS A 60 -7.73 14.43 -0.16
C LYS A 60 -6.98 15.06 -1.32
N GLN A 61 -5.90 14.44 -1.68
CA GLN A 61 -5.07 14.97 -2.75
C GLN A 61 -5.41 14.32 -4.07
N TRP A 62 -5.59 13.04 -4.01
CA TRP A 62 -5.79 12.27 -5.20
C TRP A 62 -7.27 11.90 -5.27
N LYS A 63 -7.60 10.92 -6.06
CA LYS A 63 -9.00 10.51 -6.23
C LYS A 63 -9.53 9.83 -4.99
N GLY A 64 -9.00 8.69 -4.72
CA GLY A 64 -9.39 7.91 -3.65
C GLY A 64 -10.41 6.92 -4.00
N PRO A 65 -10.00 5.71 -3.99
CA PRO A 65 -10.82 4.58 -4.27
C PRO A 65 -11.50 4.06 -3.01
N ASP A 66 -12.26 2.99 -3.13
CA ASP A 66 -12.97 2.42 -1.95
C ASP A 66 -11.96 1.85 -0.99
N ASP A 67 -10.99 1.14 -1.53
CA ASP A 67 -9.87 0.67 -0.76
C ASP A 67 -8.67 0.82 -1.61
N ILE A 68 -7.58 1.10 -1.01
CA ILE A 68 -6.32 1.23 -1.72
C ILE A 68 -5.51 0.02 -1.47
N LEU A 69 -4.67 -0.36 -2.39
CA LEU A 69 -3.91 -1.51 -2.14
C LEU A 69 -2.85 -1.18 -1.13
N LEU A 70 -2.68 -2.06 -0.19
CA LEU A 70 -1.68 -1.90 0.77
C LEU A 70 -0.47 -2.45 0.18
N GLY A 71 0.58 -2.05 0.68
CA GLY A 71 1.82 -2.46 0.12
C GLY A 71 2.30 -3.65 0.86
N MET A 72 1.45 -4.61 0.89
CA MET A 72 1.59 -5.71 1.67
C MET A 72 1.46 -6.91 0.85
N PHE A 73 2.38 -7.79 1.00
CA PHE A 73 2.37 -8.92 0.21
C PHE A 73 2.22 -10.10 1.04
N TYR A 74 1.62 -11.08 0.50
CA TYR A 74 1.39 -12.26 1.22
C TYR A 74 2.41 -13.26 0.85
N ASP A 75 3.39 -13.36 1.68
CA ASP A 75 4.41 -14.32 1.49
C ASP A 75 3.86 -15.62 1.95
N THR A 76 3.64 -16.52 1.06
CA THR A 76 3.00 -17.78 1.40
C THR A 76 3.93 -18.74 2.11
N ASP A 77 5.21 -18.52 1.96
CA ASP A 77 6.24 -19.33 2.62
C ASP A 77 6.23 -19.08 4.10
N ASP A 78 6.23 -17.81 4.43
CA ASP A 78 6.23 -17.36 5.82
C ASP A 78 4.82 -17.36 6.30
N ALA A 79 3.94 -17.31 5.31
CA ALA A 79 2.53 -17.24 5.46
C ALA A 79 2.16 -15.98 6.21
N SER A 80 2.78 -14.88 5.82
CA SER A 80 2.52 -13.68 6.50
C SER A 80 2.44 -12.56 5.54
N PHE A 81 2.02 -11.51 6.06
CA PHE A 81 1.89 -10.33 5.34
C PHE A 81 3.07 -9.48 5.58
N LYS A 82 3.51 -8.80 4.55
CA LYS A 82 4.79 -8.18 4.58
C LYS A 82 4.71 -6.91 3.88
N TRP A 83 5.45 -5.97 4.30
CA TRP A 83 5.46 -4.70 3.67
C TRP A 83 6.48 -4.69 2.57
N PHE A 84 6.13 -4.07 1.44
CA PHE A 84 7.09 -3.85 0.38
C PHE A 84 8.13 -2.82 0.82
N ASP A 85 7.83 -2.17 1.96
CA ASP A 85 8.76 -1.24 2.65
C ASP A 85 9.97 -2.03 3.18
N ASN A 86 9.80 -3.36 3.22
CA ASN A 86 10.82 -4.35 3.65
C ASN A 86 11.07 -4.29 5.14
N SER A 87 10.16 -3.71 5.84
CA SER A 87 10.26 -3.64 7.26
C SER A 87 9.06 -4.37 7.83
N ASN A 88 9.18 -4.83 9.06
CA ASN A 88 8.16 -5.58 9.69
C ASN A 88 6.91 -4.80 9.88
N MET A 89 5.84 -5.50 9.88
CA MET A 89 4.57 -4.95 10.13
C MET A 89 4.44 -4.70 11.61
N THR A 90 4.81 -3.51 12.01
CA THR A 90 4.82 -3.11 13.38
C THR A 90 3.44 -2.58 13.82
N PHE A 91 2.55 -2.40 12.87
CA PHE A 91 1.22 -1.91 13.15
C PHE A 91 0.26 -2.59 12.25
N ASP A 92 -0.99 -2.70 12.67
CA ASP A 92 -1.99 -3.34 11.87
C ASP A 92 -3.36 -2.88 12.23
N LYS A 93 -4.19 -2.83 11.22
CA LYS A 93 -5.57 -2.51 11.36
C LYS A 93 -6.38 -3.60 10.65
N TRP A 94 -6.38 -4.77 11.18
CA TRP A 94 -7.06 -5.90 10.52
C TRP A 94 -8.52 -6.02 10.93
N THR A 95 -9.33 -6.41 9.98
CA THR A 95 -10.73 -6.63 10.19
C THR A 95 -11.02 -8.11 9.97
N ASP A 96 -12.17 -8.58 10.39
CA ASP A 96 -12.54 -9.98 10.17
C ASP A 96 -13.07 -10.13 8.78
N GLN A 97 -12.42 -10.94 8.01
CA GLN A 97 -12.66 -11.08 6.68
C GLN A 97 -12.92 -12.54 6.41
N ASP A 98 -13.44 -12.78 5.27
CA ASP A 98 -13.64 -14.08 4.75
C ASP A 98 -12.36 -14.50 4.02
N ASP A 99 -12.08 -15.80 4.00
CA ASP A 99 -10.79 -16.35 3.49
C ASP A 99 -9.67 -15.98 4.43
N ASP A 100 -9.61 -16.68 5.53
CA ASP A 100 -8.64 -16.41 6.57
C ASP A 100 -7.55 -17.46 6.56
N GLU A 101 -7.93 -18.66 6.17
CA GLU A 101 -7.01 -19.77 6.03
C GLU A 101 -6.10 -19.47 4.85
N ASP A 102 -6.65 -19.56 3.68
CA ASP A 102 -5.96 -19.15 2.50
C ASP A 102 -6.60 -17.88 2.05
N LEU A 103 -5.81 -16.91 1.76
CA LEU A 103 -6.34 -15.66 1.34
C LEU A 103 -5.64 -15.19 0.07
N VAL A 104 -5.25 -16.14 -0.73
CA VAL A 104 -4.51 -15.88 -1.93
C VAL A 104 -5.46 -15.41 -3.07
N ASP A 105 -6.74 -15.58 -2.85
CA ASP A 105 -7.78 -15.21 -3.85
C ASP A 105 -8.06 -13.71 -3.82
N THR A 106 -7.65 -13.10 -2.77
CA THR A 106 -7.88 -11.70 -2.51
C THR A 106 -6.54 -11.03 -2.30
N CYS A 107 -6.54 -9.74 -2.08
CA CYS A 107 -5.32 -9.01 -1.83
C CYS A 107 -5.50 -8.21 -0.57
N ALA A 108 -4.58 -7.31 -0.28
CA ALA A 108 -4.70 -6.54 0.91
C ALA A 108 -4.96 -5.13 0.56
N PHE A 109 -6.06 -4.62 0.98
CA PHE A 109 -6.34 -3.26 0.74
C PHE A 109 -6.79 -2.66 2.00
N LEU A 110 -6.28 -1.52 2.25
CA LEU A 110 -6.78 -0.68 3.29
C LEU A 110 -8.06 0.03 2.85
N HIS A 111 -9.08 -0.12 3.65
CA HIS A 111 -10.38 0.47 3.40
C HIS A 111 -10.34 1.95 3.66
N ILE A 112 -10.63 2.71 2.66
CA ILE A 112 -10.65 4.15 2.70
C ILE A 112 -11.70 4.69 3.66
N LYS A 113 -12.73 3.91 3.84
CA LYS A 113 -13.84 4.36 4.65
C LYS A 113 -13.58 4.16 6.13
N THR A 114 -13.10 3.01 6.50
CA THR A 114 -12.90 2.72 7.90
C THR A 114 -11.43 2.64 8.29
N GLY A 115 -10.62 2.12 7.41
CA GLY A 115 -9.21 1.94 7.72
C GLY A 115 -8.94 0.60 8.25
N GLU A 116 -9.51 -0.36 7.61
CA GLU A 116 -9.39 -1.75 7.95
C GLU A 116 -8.72 -2.44 6.81
N TRP A 117 -7.93 -3.42 7.10
CA TRP A 117 -7.17 -4.08 6.10
C TRP A 117 -7.76 -5.40 5.74
N LYS A 118 -7.51 -5.78 4.54
CA LYS A 118 -7.91 -7.03 4.00
C LYS A 118 -6.70 -7.83 3.74
N LYS A 119 -6.84 -9.06 3.93
CA LYS A 119 -5.78 -10.01 3.76
C LYS A 119 -5.73 -10.50 2.36
N GLY A 120 -4.54 -10.65 1.84
CA GLY A 120 -4.36 -11.24 0.56
C GLY A 120 -3.11 -10.79 -0.13
N ASN A 121 -3.02 -11.16 -1.38
CA ASN A 121 -1.94 -10.80 -2.26
C ASN A 121 -2.53 -10.42 -3.61
N CYS A 122 -2.14 -9.32 -4.16
CA CYS A 122 -2.76 -8.90 -5.39
C CYS A 122 -2.16 -9.49 -6.59
N GLU A 123 -2.42 -10.73 -6.73
CA GLU A 123 -1.99 -11.52 -7.86
C GLU A 123 -3.07 -11.49 -8.95
N VAL A 124 -3.83 -10.44 -8.93
CA VAL A 124 -4.92 -10.21 -9.84
C VAL A 124 -4.61 -8.98 -10.65
N SER A 125 -5.10 -8.96 -11.83
CA SER A 125 -4.85 -7.89 -12.75
C SER A 125 -5.77 -6.70 -12.54
N SER A 126 -6.71 -6.84 -11.63
CA SER A 126 -7.71 -5.83 -11.38
C SER A 126 -7.21 -4.65 -10.53
N VAL A 127 -5.91 -4.42 -10.50
CA VAL A 127 -5.41 -3.29 -9.73
C VAL A 127 -5.14 -2.14 -10.66
N GLU A 128 -5.73 -1.05 -10.33
CA GLU A 128 -5.65 0.15 -11.12
C GLU A 128 -5.09 1.30 -10.35
N GLY A 129 -4.56 1.04 -9.20
CA GLY A 129 -3.96 2.09 -8.43
C GLY A 129 -3.31 1.60 -7.19
N THR A 130 -2.18 2.16 -6.90
CA THR A 130 -1.46 1.81 -5.72
C THR A 130 -0.90 3.06 -5.09
N LEU A 131 -0.72 3.02 -3.79
CA LEU A 131 -0.10 4.09 -3.12
C LEU A 131 1.33 3.76 -2.96
N CYS A 132 2.14 4.69 -3.20
CA CYS A 132 3.52 4.50 -3.12
C CYS A 132 4.06 5.25 -1.96
N LYS A 133 5.03 4.67 -1.36
CA LYS A 133 5.69 5.22 -0.26
C LYS A 133 7.18 5.06 -0.50
N THR A 134 7.89 6.09 -0.27
CA THR A 134 9.31 6.09 -0.35
C THR A 134 9.75 6.95 0.80
N ALA A 135 10.75 6.58 1.47
CA ALA A 135 11.13 7.37 2.61
C ALA A 135 12.12 8.36 2.23
N ILE A 136 12.10 9.46 2.91
CA ILE A 136 13.11 10.42 2.73
C ILE A 136 14.22 10.23 3.74
N PRO A 137 15.39 9.87 3.24
CA PRO A 137 16.60 9.62 4.02
C PRO A 137 17.27 10.91 4.46
N TYR A 138 16.62 11.97 4.13
CA TYR A 138 17.02 13.31 4.49
C TYR A 138 16.90 13.48 6.00
N LYS A 139 15.93 12.75 6.54
CA LYS A 139 15.65 12.75 7.97
C LYS A 139 16.13 11.44 8.58
N ARG A 140 17.12 10.82 7.97
CA ARG A 140 17.66 9.58 8.48
C ARG A 140 19.10 9.82 8.85
N MET A 1 11.94 20.05 -1.85
CA MET A 1 13.26 19.46 -1.67
C MET A 1 13.16 18.01 -1.19
N ASP A 2 12.02 17.61 -0.67
CA ASP A 2 11.90 16.27 -0.09
C ASP A 2 11.38 15.33 -1.13
N CYS A 3 10.26 15.67 -1.62
CA CYS A 3 9.55 14.89 -2.56
C CYS A 3 9.77 15.39 -4.01
N PRO A 4 9.78 14.46 -5.00
CA PRO A 4 9.98 14.78 -6.43
C PRO A 4 9.08 15.90 -6.97
N SER A 5 7.79 15.79 -6.71
CA SER A 5 6.83 16.75 -7.19
C SER A 5 5.79 16.97 -6.11
N SER A 6 4.96 17.99 -6.25
CA SER A 6 3.96 18.32 -5.24
C SER A 6 2.76 17.35 -5.23
N THR A 7 2.78 16.36 -6.11
CA THR A 7 1.79 15.31 -6.08
C THR A 7 2.16 14.34 -4.93
N TRP A 8 3.39 14.46 -4.49
CA TRP A 8 3.94 13.63 -3.47
C TRP A 8 3.69 14.26 -2.11
N ILE A 9 3.22 13.45 -1.22
CA ILE A 9 2.83 13.85 0.11
C ILE A 9 3.79 13.27 1.16
N GLN A 10 4.48 14.14 1.84
CA GLN A 10 5.46 13.76 2.85
C GLN A 10 4.78 13.48 4.19
N PHE A 11 5.09 12.33 4.74
CA PHE A 11 4.59 11.91 6.00
C PHE A 11 5.57 10.92 6.63
N GLN A 12 6.03 11.24 7.84
CA GLN A 12 6.96 10.42 8.63
C GLN A 12 8.18 10.00 7.85
N ASP A 13 8.93 11.02 7.41
CA ASP A 13 10.18 10.90 6.62
C ASP A 13 10.01 10.04 5.38
N SER A 14 8.80 9.95 4.91
CA SER A 14 8.50 9.24 3.72
C SER A 14 7.66 10.12 2.83
N CYS A 15 7.53 9.73 1.60
CA CYS A 15 6.70 10.45 0.70
C CYS A 15 5.82 9.50 -0.02
N TYR A 16 4.64 9.97 -0.23
CA TYR A 16 3.55 9.22 -0.72
C TYR A 16 2.97 9.78 -1.97
N ILE A 17 2.57 8.90 -2.85
CA ILE A 17 1.89 9.30 -4.06
C ILE A 17 0.93 8.19 -4.50
N PHE A 18 -0.26 8.54 -4.92
CA PHE A 18 -1.17 7.56 -5.46
C PHE A 18 -1.19 7.75 -6.89
N LEU A 19 -0.93 6.76 -7.57
CA LEU A 19 -1.04 6.82 -8.91
C LEU A 19 -1.96 5.78 -9.39
N GLN A 20 -3.17 6.17 -9.64
CA GLN A 20 -4.04 5.22 -10.28
C GLN A 20 -3.58 4.96 -11.70
N GLU A 21 -2.82 3.91 -11.84
CA GLU A 21 -2.31 3.40 -13.08
C GLU A 21 -2.95 2.05 -13.31
N ALA A 22 -3.76 1.97 -14.30
CA ALA A 22 -4.37 0.71 -14.65
C ALA A 22 -3.37 -0.09 -15.44
N ILE A 23 -2.96 -1.21 -14.91
CA ILE A 23 -1.94 -2.05 -15.54
C ILE A 23 -2.26 -3.50 -15.34
N LYS A 24 -1.76 -4.34 -16.20
CA LYS A 24 -1.92 -5.73 -16.08
C LYS A 24 -1.15 -6.21 -14.86
N VAL A 25 -1.87 -6.55 -13.84
CA VAL A 25 -1.28 -7.02 -12.63
C VAL A 25 -1.39 -8.50 -12.58
N GLU A 26 -0.28 -9.11 -12.64
CA GLU A 26 -0.18 -10.53 -12.58
C GLU A 26 0.15 -10.94 -11.17
N SER A 27 0.88 -10.11 -10.52
CA SER A 27 1.30 -10.31 -9.20
C SER A 27 1.29 -9.01 -8.52
N ILE A 28 1.30 -9.00 -7.22
CA ILE A 28 1.33 -7.78 -6.50
C ILE A 28 2.65 -7.04 -6.78
N GLU A 29 3.60 -7.79 -7.17
CA GLU A 29 4.88 -7.28 -7.66
C GLU A 29 4.64 -6.33 -8.85
N ASP A 30 3.68 -6.66 -9.70
CA ASP A 30 3.35 -5.90 -10.87
C ASP A 30 2.79 -4.57 -10.52
N VAL A 31 2.04 -4.54 -9.48
CA VAL A 31 1.38 -3.34 -9.07
C VAL A 31 2.28 -2.52 -8.24
N ARG A 32 3.10 -3.19 -7.53
CA ARG A 32 4.02 -2.59 -6.67
C ARG A 32 5.10 -1.87 -7.53
N ASN A 33 5.20 -2.34 -8.75
CA ASN A 33 6.08 -1.77 -9.80
C ASN A 33 5.71 -0.36 -10.12
N GLN A 34 4.44 -0.03 -9.98
CA GLN A 34 3.94 1.30 -10.28
C GLN A 34 4.60 2.31 -9.39
N CYS A 35 4.95 1.88 -8.20
CA CYS A 35 5.60 2.71 -7.27
C CYS A 35 7.08 2.72 -7.45
N THR A 36 7.64 1.56 -7.72
CA THR A 36 9.09 1.42 -7.90
C THR A 36 9.54 2.18 -9.12
N ASP A 37 8.58 2.41 -9.98
CA ASP A 37 8.72 3.18 -11.22
C ASP A 37 9.10 4.63 -10.88
N HIS A 38 8.77 5.04 -9.67
CA HIS A 38 9.01 6.41 -9.24
C HIS A 38 10.07 6.44 -8.18
N GLY A 39 10.77 5.33 -8.01
CA GLY A 39 11.75 5.26 -6.96
C GLY A 39 11.10 5.18 -5.60
N ALA A 40 9.91 4.64 -5.61
CA ALA A 40 9.13 4.44 -4.41
C ALA A 40 8.80 2.98 -4.33
N ASP A 41 8.09 2.59 -3.35
CA ASP A 41 7.61 1.23 -3.25
C ASP A 41 6.21 1.33 -2.71
N MET A 42 5.47 0.26 -2.68
CA MET A 42 4.09 0.36 -2.19
C MET A 42 4.02 0.76 -0.71
N ILE A 43 2.96 1.44 -0.39
CA ILE A 43 2.58 1.92 0.94
C ILE A 43 2.87 0.91 2.10
N SER A 44 3.10 1.43 3.30
CA SER A 44 3.48 0.66 4.42
C SER A 44 3.08 1.36 5.69
N ILE A 45 2.27 0.71 6.47
CA ILE A 45 1.73 1.28 7.66
C ILE A 45 2.45 0.80 8.87
N HIS A 46 2.95 1.72 9.61
CA HIS A 46 3.60 1.40 10.83
C HIS A 46 2.88 2.04 12.01
N ASN A 47 1.71 2.71 11.75
CA ASN A 47 0.90 3.34 12.82
C ASN A 47 -0.47 3.67 12.30
N GLU A 48 -1.40 3.96 13.19
CA GLU A 48 -2.71 4.40 12.78
C GLU A 48 -2.60 5.75 12.17
N GLU A 49 -1.55 6.47 12.58
CA GLU A 49 -1.20 7.71 12.05
C GLU A 49 -1.03 7.57 10.55
N GLU A 50 -0.34 6.51 10.15
CA GLU A 50 -0.09 6.21 8.75
C GLU A 50 -1.40 5.79 8.14
N ASN A 51 -2.04 4.83 8.79
CA ASN A 51 -3.25 4.21 8.28
C ASN A 51 -4.31 5.25 7.98
N ALA A 52 -4.55 6.08 8.94
CA ALA A 52 -5.53 7.12 8.85
C ALA A 52 -5.06 8.27 7.94
N PHE A 53 -3.75 8.43 7.82
CA PHE A 53 -3.15 9.38 6.89
C PHE A 53 -3.59 9.03 5.50
N ILE A 54 -3.28 7.81 5.16
CA ILE A 54 -3.40 7.23 3.82
C ILE A 54 -4.79 7.31 3.44
N LEU A 55 -5.56 7.00 4.39
CA LEU A 55 -6.93 6.93 4.31
C LEU A 55 -7.55 8.23 3.82
N ASP A 56 -7.18 9.31 4.40
CA ASP A 56 -7.76 10.62 3.99
C ASP A 56 -6.99 11.17 2.86
N THR A 57 -5.73 10.89 2.86
CA THR A 57 -4.78 11.53 2.00
C THR A 57 -4.99 11.11 0.59
N LEU A 58 -5.45 9.92 0.50
CA LEU A 58 -5.77 9.34 -0.70
C LEU A 58 -6.79 10.20 -1.43
N LYS A 59 -7.91 10.37 -0.79
CA LYS A 59 -9.00 11.18 -1.29
C LYS A 59 -8.73 12.70 -1.25
N LYS A 60 -7.94 13.17 -0.28
CA LYS A 60 -7.65 14.53 -0.12
C LYS A 60 -6.83 15.12 -1.27
N GLN A 61 -5.82 14.42 -1.72
CA GLN A 61 -4.98 14.93 -2.77
C GLN A 61 -5.32 14.32 -4.10
N TRP A 62 -5.52 13.03 -4.07
CA TRP A 62 -5.70 12.26 -5.25
C TRP A 62 -7.17 11.88 -5.36
N LYS A 63 -7.49 10.91 -6.19
CA LYS A 63 -8.87 10.50 -6.39
C LYS A 63 -9.43 9.84 -5.15
N GLY A 64 -8.95 8.67 -4.89
CA GLY A 64 -9.36 7.91 -3.80
C GLY A 64 -10.40 6.93 -4.14
N PRO A 65 -10.02 5.72 -4.12
CA PRO A 65 -10.86 4.61 -4.40
C PRO A 65 -11.54 4.11 -3.12
N ASP A 66 -12.33 3.08 -3.22
CA ASP A 66 -13.00 2.50 -2.03
C ASP A 66 -11.97 1.92 -1.07
N ASP A 67 -10.98 1.31 -1.65
CA ASP A 67 -9.88 0.72 -0.93
C ASP A 67 -8.67 0.71 -1.79
N ILE A 68 -7.58 1.04 -1.19
CA ILE A 68 -6.29 1.13 -1.85
C ILE A 68 -5.48 -0.06 -1.51
N LEU A 69 -4.60 -0.47 -2.35
CA LEU A 69 -3.86 -1.62 -2.03
C LEU A 69 -2.83 -1.24 -1.01
N LEU A 70 -2.64 -2.10 -0.05
CA LEU A 70 -1.61 -1.93 0.88
C LEU A 70 -0.42 -2.47 0.28
N GLY A 71 0.66 -2.03 0.74
CA GLY A 71 1.89 -2.44 0.17
C GLY A 71 2.39 -3.62 0.89
N MET A 72 1.55 -4.59 0.99
CA MET A 72 1.81 -5.71 1.74
C MET A 72 1.55 -6.90 0.91
N PHE A 73 2.38 -7.85 1.02
CA PHE A 73 2.27 -8.97 0.21
C PHE A 73 2.23 -10.18 1.04
N TYR A 74 1.77 -11.21 0.48
CA TYR A 74 1.59 -12.38 1.22
C TYR A 74 2.56 -13.43 0.78
N ASP A 75 3.60 -13.56 1.55
CA ASP A 75 4.58 -14.55 1.32
C ASP A 75 4.02 -15.82 1.86
N THR A 76 3.79 -16.76 1.02
CA THR A 76 3.16 -17.99 1.42
C THR A 76 4.11 -18.93 2.14
N ASP A 77 5.38 -18.70 1.94
CA ASP A 77 6.45 -19.47 2.58
C ASP A 77 6.48 -19.22 4.07
N ASP A 78 6.47 -17.96 4.41
CA ASP A 78 6.49 -17.52 5.80
C ASP A 78 5.09 -17.51 6.29
N ALA A 79 4.20 -17.43 5.32
CA ALA A 79 2.79 -17.29 5.51
C ALA A 79 2.53 -15.99 6.25
N SER A 80 3.18 -14.93 5.78
CA SER A 80 3.09 -13.68 6.44
C SER A 80 2.91 -12.57 5.49
N PHE A 81 2.36 -11.54 6.01
CA PHE A 81 2.16 -10.37 5.30
C PHE A 81 3.34 -9.47 5.50
N LYS A 82 3.87 -9.03 4.43
CA LYS A 82 5.11 -8.32 4.44
C LYS A 82 4.94 -7.03 3.76
N TRP A 83 5.52 -6.01 4.27
CA TRP A 83 5.49 -4.75 3.61
C TRP A 83 6.50 -4.76 2.49
N PHE A 84 6.15 -4.19 1.34
CA PHE A 84 7.09 -4.01 0.24
C PHE A 84 8.16 -3.02 0.63
N ASP A 85 7.83 -2.24 1.66
CA ASP A 85 8.72 -1.28 2.33
C ASP A 85 9.85 -2.03 3.07
N ASN A 86 9.72 -3.36 3.10
CA ASN A 86 10.70 -4.33 3.63
C ASN A 86 10.77 -4.38 5.13
N SER A 87 10.16 -3.43 5.77
CA SER A 87 10.16 -3.40 7.19
C SER A 87 9.04 -4.29 7.75
N ASN A 88 9.21 -4.69 9.00
CA ASN A 88 8.28 -5.55 9.72
C ASN A 88 6.92 -4.93 9.80
N MET A 89 5.89 -5.75 9.75
CA MET A 89 4.59 -5.24 9.97
C MET A 89 4.39 -5.09 11.47
N THR A 90 4.70 -3.91 11.94
CA THR A 90 4.65 -3.58 13.32
C THR A 90 3.27 -3.05 13.71
N PHE A 91 2.53 -2.52 12.74
CA PHE A 91 1.21 -2.03 12.99
C PHE A 91 0.28 -2.66 12.02
N ASP A 92 -0.96 -2.81 12.42
CA ASP A 92 -1.95 -3.38 11.57
C ASP A 92 -3.31 -2.98 11.97
N LYS A 93 -4.15 -2.89 10.97
CA LYS A 93 -5.53 -2.62 11.16
C LYS A 93 -6.31 -3.72 10.46
N TRP A 94 -6.22 -4.89 10.97
CA TRP A 94 -6.89 -6.01 10.36
C TRP A 94 -8.30 -6.10 10.83
N THR A 95 -9.18 -6.33 9.91
CA THR A 95 -10.54 -6.53 10.23
C THR A 95 -10.81 -8.02 10.18
N ASP A 96 -11.93 -8.46 10.67
CA ASP A 96 -12.22 -9.88 10.64
C ASP A 96 -12.63 -10.26 9.24
N GLN A 97 -11.84 -11.06 8.61
CA GLN A 97 -12.05 -11.46 7.34
C GLN A 97 -12.03 -12.95 7.37
N ASP A 98 -12.50 -13.53 6.36
CA ASP A 98 -12.43 -14.91 6.14
C ASP A 98 -11.02 -15.35 5.85
N ASP A 99 -10.83 -16.59 6.11
CA ASP A 99 -9.61 -17.37 5.88
C ASP A 99 -8.49 -17.03 6.82
N ASP A 100 -7.75 -18.04 7.15
CA ASP A 100 -6.60 -17.91 8.02
C ASP A 100 -5.44 -18.68 7.43
N GLU A 101 -5.73 -19.47 6.40
CA GLU A 101 -4.76 -20.31 5.80
C GLU A 101 -4.33 -19.70 4.49
N ASP A 102 -5.10 -19.94 3.46
CA ASP A 102 -4.82 -19.43 2.16
C ASP A 102 -5.77 -18.34 1.78
N LEU A 103 -5.32 -17.16 1.88
CA LEU A 103 -6.07 -16.01 1.47
C LEU A 103 -5.43 -15.40 0.24
N VAL A 104 -4.94 -16.27 -0.59
CA VAL A 104 -4.18 -15.90 -1.76
C VAL A 104 -5.11 -15.43 -2.89
N ASP A 105 -6.37 -15.70 -2.73
CA ASP A 105 -7.36 -15.35 -3.76
C ASP A 105 -7.80 -13.88 -3.63
N THR A 106 -7.44 -13.29 -2.55
CA THR A 106 -7.76 -11.94 -2.25
C THR A 106 -6.46 -11.21 -1.99
N CYS A 107 -6.52 -9.92 -1.78
CA CYS A 107 -5.31 -9.16 -1.58
C CYS A 107 -5.43 -8.34 -0.29
N ALA A 108 -4.54 -7.38 -0.09
CA ALA A 108 -4.64 -6.55 1.07
C ALA A 108 -4.95 -5.17 0.63
N PHE A 109 -6.05 -4.66 1.05
CA PHE A 109 -6.33 -3.31 0.76
C PHE A 109 -6.79 -2.66 1.97
N LEU A 110 -6.27 -1.54 2.19
CA LEU A 110 -6.76 -0.67 3.19
C LEU A 110 -8.05 0.02 2.73
N HIS A 111 -9.08 -0.11 3.53
CA HIS A 111 -10.38 0.50 3.26
C HIS A 111 -10.33 1.97 3.53
N ILE A 112 -10.59 2.73 2.52
CA ILE A 112 -10.62 4.17 2.55
C ILE A 112 -11.66 4.70 3.51
N LYS A 113 -12.70 3.94 3.69
CA LYS A 113 -13.79 4.39 4.51
C LYS A 113 -13.52 4.16 5.99
N THR A 114 -13.07 2.97 6.36
CA THR A 114 -12.89 2.66 7.77
C THR A 114 -11.42 2.56 8.18
N GLY A 115 -10.60 2.09 7.27
CA GLY A 115 -9.20 1.90 7.58
C GLY A 115 -8.94 0.55 8.10
N GLU A 116 -9.53 -0.39 7.45
CA GLU A 116 -9.45 -1.77 7.81
C GLU A 116 -8.80 -2.50 6.68
N TRP A 117 -8.04 -3.52 6.99
CA TRP A 117 -7.30 -4.23 5.99
C TRP A 117 -7.88 -5.59 5.68
N LYS A 118 -7.58 -6.02 4.50
CA LYS A 118 -7.96 -7.30 3.97
C LYS A 118 -6.74 -8.11 3.80
N LYS A 119 -6.89 -9.34 3.98
CA LYS A 119 -5.75 -10.25 3.96
C LYS A 119 -5.57 -10.88 2.62
N GLY A 120 -4.40 -10.76 2.05
CA GLY A 120 -4.10 -11.42 0.83
C GLY A 120 -2.93 -10.82 0.10
N ASN A 121 -2.83 -11.19 -1.15
CA ASN A 121 -1.81 -10.74 -2.08
C ASN A 121 -2.50 -10.43 -3.38
N CYS A 122 -2.20 -9.35 -4.01
CA CYS A 122 -2.93 -8.99 -5.19
C CYS A 122 -2.33 -9.50 -6.42
N GLU A 123 -2.54 -10.76 -6.61
CA GLU A 123 -2.09 -11.46 -7.77
C GLU A 123 -3.19 -11.43 -8.86
N VAL A 124 -4.00 -10.41 -8.79
CA VAL A 124 -5.10 -10.20 -9.72
C VAL A 124 -4.87 -8.90 -10.48
N SER A 125 -5.42 -8.83 -11.67
CA SER A 125 -5.25 -7.69 -12.56
C SER A 125 -6.13 -6.52 -12.20
N SER A 126 -6.98 -6.72 -11.24
CA SER A 126 -7.98 -5.76 -10.84
C SER A 126 -7.42 -4.58 -10.01
N VAL A 127 -6.14 -4.31 -10.12
CA VAL A 127 -5.58 -3.20 -9.41
C VAL A 127 -5.25 -2.11 -10.39
N GLU A 128 -5.79 -0.98 -10.14
CA GLU A 128 -5.67 0.15 -11.02
C GLU A 128 -5.03 1.31 -10.34
N GLY A 129 -4.51 1.09 -9.17
CA GLY A 129 -3.88 2.15 -8.47
C GLY A 129 -3.32 1.69 -7.17
N THR A 130 -2.14 2.13 -6.89
CA THR A 130 -1.47 1.81 -5.68
C THR A 130 -0.91 3.05 -5.07
N LEU A 131 -0.79 3.04 -3.78
CA LEU A 131 -0.18 4.11 -3.10
C LEU A 131 1.26 3.78 -2.92
N CYS A 132 2.07 4.72 -3.14
CA CYS A 132 3.45 4.53 -3.05
C CYS A 132 4.00 5.27 -1.88
N LYS A 133 4.94 4.66 -1.26
CA LYS A 133 5.65 5.20 -0.16
C LYS A 133 7.12 5.08 -0.46
N THR A 134 7.84 6.08 -0.18
CA THR A 134 9.24 6.06 -0.38
C THR A 134 9.87 6.75 0.82
N ALA A 135 10.97 6.25 1.29
CA ALA A 135 11.64 6.90 2.38
C ALA A 135 12.44 8.01 1.82
N ILE A 136 12.35 9.17 2.38
CA ILE A 136 13.11 10.22 1.89
C ILE A 136 14.39 10.42 2.70
N PRO A 137 15.51 10.15 2.09
CA PRO A 137 16.83 10.24 2.71
C PRO A 137 17.29 11.67 2.84
N TYR A 138 16.45 12.54 2.42
CA TYR A 138 16.66 13.95 2.50
C TYR A 138 16.36 14.42 3.91
N LYS A 139 15.54 13.65 4.59
CA LYS A 139 15.19 13.88 5.97
C LYS A 139 15.51 12.62 6.74
N ARG A 140 16.75 12.49 7.08
CA ARG A 140 17.24 11.34 7.75
C ARG A 140 18.42 11.74 8.61
N MET A 1 14.59 19.15 -3.15
CA MET A 1 13.31 18.46 -3.09
C MET A 1 13.48 17.09 -2.53
N ASP A 2 12.70 16.79 -1.53
CA ASP A 2 12.76 15.51 -0.84
C ASP A 2 11.93 14.53 -1.59
N CYS A 3 10.83 15.02 -2.05
CA CYS A 3 9.91 14.29 -2.85
C CYS A 3 10.12 14.62 -4.34
N PRO A 4 9.98 13.63 -5.24
CA PRO A 4 10.12 13.82 -6.70
C PRO A 4 9.31 15.00 -7.28
N SER A 5 8.04 15.05 -6.97
CA SER A 5 7.16 16.08 -7.50
C SER A 5 6.23 16.58 -6.38
N SER A 6 5.40 17.57 -6.67
CA SER A 6 4.53 18.20 -5.68
C SER A 6 3.32 17.31 -5.34
N THR A 7 2.98 16.42 -6.25
CA THR A 7 1.90 15.46 -6.08
C THR A 7 2.28 14.39 -5.03
N TRP A 8 3.51 14.46 -4.57
CA TRP A 8 4.03 13.61 -3.57
C TRP A 8 3.82 14.22 -2.20
N ILE A 9 3.25 13.45 -1.33
CA ILE A 9 2.88 13.87 0.00
C ILE A 9 3.83 13.31 1.02
N GLN A 10 4.53 14.16 1.73
CA GLN A 10 5.49 13.69 2.69
C GLN A 10 4.80 13.51 4.04
N PHE A 11 5.06 12.40 4.67
CA PHE A 11 4.50 12.09 5.94
C PHE A 11 5.55 11.37 6.77
N GLN A 12 5.91 11.98 7.89
CA GLN A 12 6.93 11.50 8.83
C GLN A 12 8.33 11.46 8.20
N ASP A 13 8.62 10.42 7.47
CA ASP A 13 9.92 10.27 6.83
C ASP A 13 9.75 9.55 5.51
N SER A 14 8.59 9.65 4.93
CA SER A 14 8.34 9.06 3.65
C SER A 14 7.50 9.96 2.80
N CYS A 15 7.47 9.69 1.54
CA CYS A 15 6.68 10.42 0.62
C CYS A 15 5.76 9.47 -0.07
N TYR A 16 4.59 9.95 -0.27
CA TYR A 16 3.48 9.20 -0.73
C TYR A 16 2.88 9.74 -1.99
N ILE A 17 2.47 8.85 -2.85
CA ILE A 17 1.78 9.22 -4.06
C ILE A 17 0.83 8.11 -4.49
N PHE A 18 -0.37 8.46 -4.91
CA PHE A 18 -1.27 7.47 -5.43
C PHE A 18 -1.27 7.65 -6.86
N LEU A 19 -1.01 6.65 -7.54
CA LEU A 19 -1.10 6.71 -8.89
C LEU A 19 -2.02 5.70 -9.39
N GLN A 20 -3.21 6.12 -9.65
CA GLN A 20 -4.12 5.23 -10.28
C GLN A 20 -3.66 4.96 -11.72
N GLU A 21 -2.93 3.88 -11.84
CA GLU A 21 -2.41 3.32 -13.07
C GLU A 21 -3.08 1.98 -13.31
N ALA A 22 -3.88 1.88 -14.33
CA ALA A 22 -4.50 0.62 -14.66
C ALA A 22 -3.50 -0.16 -15.47
N ILE A 23 -3.07 -1.27 -14.94
CA ILE A 23 -2.03 -2.06 -15.57
C ILE A 23 -2.31 -3.52 -15.38
N LYS A 24 -1.77 -4.33 -16.24
CA LYS A 24 -1.88 -5.74 -16.13
C LYS A 24 -1.06 -6.19 -14.92
N VAL A 25 -1.75 -6.59 -13.91
CA VAL A 25 -1.14 -7.06 -12.71
C VAL A 25 -1.23 -8.54 -12.67
N GLU A 26 -0.11 -9.14 -12.70
CA GLU A 26 -0.01 -10.56 -12.66
C GLU A 26 0.35 -11.00 -11.26
N SER A 27 1.10 -10.17 -10.62
CA SER A 27 1.54 -10.39 -9.29
C SER A 27 1.53 -9.10 -8.60
N ILE A 28 1.59 -9.09 -7.29
CA ILE A 28 1.62 -7.87 -6.58
C ILE A 28 2.92 -7.12 -6.90
N GLU A 29 3.88 -7.88 -7.28
CA GLU A 29 5.16 -7.39 -7.78
C GLU A 29 4.92 -6.47 -9.01
N ASP A 30 3.86 -6.74 -9.76
CA ASP A 30 3.50 -5.98 -10.93
C ASP A 30 2.91 -4.66 -10.56
N VAL A 31 2.23 -4.63 -9.47
CA VAL A 31 1.53 -3.46 -9.03
C VAL A 31 2.45 -2.62 -8.21
N ARG A 32 3.32 -3.28 -7.52
CA ARG A 32 4.29 -2.64 -6.72
C ARG A 32 5.30 -1.92 -7.67
N ASN A 33 5.33 -2.40 -8.94
CA ASN A 33 6.16 -1.85 -10.01
C ASN A 33 5.77 -0.45 -10.33
N GLN A 34 4.54 -0.14 -10.02
CA GLN A 34 4.00 1.19 -10.24
C GLN A 34 4.71 2.17 -9.36
N CYS A 35 5.00 1.75 -8.16
CA CYS A 35 5.66 2.58 -7.24
C CYS A 35 7.13 2.61 -7.46
N THR A 36 7.71 1.46 -7.74
CA THR A 36 9.13 1.34 -7.96
C THR A 36 9.54 2.08 -9.20
N ASP A 37 8.56 2.31 -10.04
CA ASP A 37 8.73 3.09 -11.26
C ASP A 37 9.06 4.54 -10.92
N HIS A 38 8.68 4.94 -9.73
CA HIS A 38 8.91 6.29 -9.26
C HIS A 38 9.99 6.30 -8.20
N GLY A 39 10.68 5.19 -8.05
CA GLY A 39 11.68 5.11 -7.01
C GLY A 39 11.04 4.94 -5.66
N ALA A 40 9.84 4.47 -5.67
CA ALA A 40 9.09 4.28 -4.45
C ALA A 40 8.75 2.81 -4.28
N ASP A 41 8.08 2.48 -3.24
CA ASP A 41 7.61 1.13 -2.98
C ASP A 41 6.17 1.24 -2.57
N MET A 42 5.45 0.14 -2.48
CA MET A 42 4.06 0.24 -2.08
C MET A 42 3.94 0.55 -0.60
N ILE A 43 2.96 1.38 -0.31
CA ILE A 43 2.60 1.87 1.03
C ILE A 43 2.80 0.85 2.18
N SER A 44 3.36 1.30 3.27
CA SER A 44 3.61 0.44 4.39
C SER A 44 3.32 1.15 5.72
N ILE A 45 2.44 0.56 6.49
CA ILE A 45 1.90 1.14 7.71
C ILE A 45 2.55 0.60 8.96
N HIS A 46 3.01 1.51 9.78
CA HIS A 46 3.62 1.18 11.03
C HIS A 46 2.88 1.88 12.16
N ASN A 47 1.74 2.50 11.85
CA ASN A 47 0.91 3.20 12.84
C ASN A 47 -0.39 3.58 12.27
N GLU A 48 -1.33 3.88 13.13
CA GLU A 48 -2.60 4.30 12.69
C GLU A 48 -2.51 5.67 12.14
N GLU A 49 -1.43 6.40 12.49
CA GLU A 49 -1.24 7.67 11.97
C GLU A 49 -1.03 7.55 10.48
N GLU A 50 -0.21 6.57 10.08
CA GLU A 50 0.03 6.23 8.68
C GLU A 50 -1.30 5.81 8.09
N ASN A 51 -1.91 4.80 8.71
CA ASN A 51 -3.11 4.16 8.20
C ASN A 51 -4.18 5.16 7.89
N ALA A 52 -4.50 5.93 8.89
CA ALA A 52 -5.54 6.88 8.81
C ALA A 52 -5.14 8.12 7.96
N PHE A 53 -3.84 8.33 7.78
CA PHE A 53 -3.29 9.37 6.88
C PHE A 53 -3.62 9.01 5.47
N ILE A 54 -3.30 7.79 5.15
CA ILE A 54 -3.40 7.23 3.81
C ILE A 54 -4.79 7.31 3.41
N LEU A 55 -5.55 7.00 4.36
CA LEU A 55 -6.91 6.97 4.31
C LEU A 55 -7.50 8.30 3.89
N ASP A 56 -7.06 9.35 4.47
CA ASP A 56 -7.62 10.69 4.16
C ASP A 56 -6.95 11.28 2.99
N THR A 57 -5.71 11.00 2.89
CA THR A 57 -4.83 11.65 2.00
C THR A 57 -5.06 11.22 0.61
N LEU A 58 -5.51 10.03 0.51
CA LEU A 58 -5.84 9.42 -0.68
C LEU A 58 -6.89 10.25 -1.39
N LYS A 59 -8.00 10.41 -0.73
CA LYS A 59 -9.14 11.20 -1.23
C LYS A 59 -8.88 12.70 -1.20
N LYS A 60 -7.92 13.10 -0.43
CA LYS A 60 -7.61 14.48 -0.20
C LYS A 60 -6.85 15.10 -1.35
N GLN A 61 -5.78 14.47 -1.72
CA GLN A 61 -4.93 14.97 -2.79
C GLN A 61 -5.29 14.33 -4.11
N TRP A 62 -5.53 13.06 -4.05
CA TRP A 62 -5.76 12.31 -5.23
C TRP A 62 -7.26 11.97 -5.29
N LYS A 63 -7.63 10.96 -6.07
CA LYS A 63 -9.04 10.57 -6.17
C LYS A 63 -9.51 9.92 -4.91
N GLY A 64 -9.04 8.74 -4.71
CA GLY A 64 -9.41 7.96 -3.62
C GLY A 64 -10.46 7.01 -3.97
N PRO A 65 -10.12 5.80 -3.94
CA PRO A 65 -11.00 4.71 -4.18
C PRO A 65 -11.64 4.26 -2.87
N ASP A 66 -12.47 3.25 -2.91
CA ASP A 66 -13.09 2.72 -1.68
C ASP A 66 -12.04 2.06 -0.80
N ASP A 67 -11.04 1.50 -1.44
CA ASP A 67 -9.91 0.85 -0.81
C ASP A 67 -8.72 0.87 -1.71
N ILE A 68 -7.60 1.15 -1.14
CA ILE A 68 -6.32 1.25 -1.85
C ILE A 68 -5.48 0.06 -1.56
N LEU A 69 -4.62 -0.33 -2.45
CA LEU A 69 -3.82 -1.46 -2.18
C LEU A 69 -2.78 -1.07 -1.16
N LEU A 70 -2.61 -1.93 -0.19
CA LEU A 70 -1.59 -1.76 0.77
C LEU A 70 -0.39 -2.34 0.18
N GLY A 71 0.67 -1.96 0.68
CA GLY A 71 1.88 -2.41 0.14
C GLY A 71 2.35 -3.58 0.87
N MET A 72 1.51 -4.55 0.93
CA MET A 72 1.74 -5.68 1.68
C MET A 72 1.53 -6.87 0.86
N PHE A 73 2.38 -7.81 1.01
CA PHE A 73 2.30 -8.95 0.23
C PHE A 73 2.23 -10.14 1.08
N TYR A 74 1.62 -11.12 0.57
CA TYR A 74 1.42 -12.31 1.31
C TYR A 74 2.42 -13.32 0.91
N ASP A 75 3.44 -13.43 1.70
CA ASP A 75 4.44 -14.41 1.49
C ASP A 75 3.86 -15.67 2.02
N THR A 76 3.59 -16.60 1.19
CA THR A 76 2.91 -17.81 1.61
C THR A 76 3.84 -18.77 2.31
N ASP A 77 5.11 -18.60 2.08
CA ASP A 77 6.14 -19.45 2.63
C ASP A 77 6.28 -19.19 4.11
N ASP A 78 6.30 -17.94 4.45
CA ASP A 78 6.38 -17.51 5.85
C ASP A 78 5.00 -17.43 6.39
N ALA A 79 4.06 -17.32 5.45
CA ALA A 79 2.66 -17.14 5.69
C ALA A 79 2.44 -15.82 6.39
N SER A 80 3.12 -14.81 5.87
CA SER A 80 3.11 -13.55 6.50
C SER A 80 2.84 -12.47 5.54
N PHE A 81 2.31 -11.45 6.06
CA PHE A 81 2.09 -10.29 5.33
C PHE A 81 3.25 -9.38 5.52
N LYS A 82 3.80 -8.97 4.45
CA LYS A 82 5.04 -8.27 4.46
C LYS A 82 4.89 -6.97 3.78
N TRP A 83 5.49 -5.97 4.31
CA TRP A 83 5.46 -4.69 3.71
C TRP A 83 6.49 -4.64 2.60
N PHE A 84 6.12 -4.05 1.48
CA PHE A 84 7.04 -3.84 0.37
C PHE A 84 8.15 -2.87 0.75
N ASP A 85 7.95 -2.22 1.88
CA ASP A 85 8.95 -1.31 2.51
C ASP A 85 10.14 -2.15 3.03
N ASN A 86 9.94 -3.48 3.06
CA ASN A 86 10.95 -4.47 3.52
C ASN A 86 11.11 -4.49 5.02
N SER A 87 10.19 -3.87 5.69
CA SER A 87 10.19 -3.82 7.12
C SER A 87 9.03 -4.65 7.66
N ASN A 88 9.06 -4.98 8.94
CA ASN A 88 8.06 -5.76 9.55
C ASN A 88 6.79 -5.00 9.75
N MET A 89 5.73 -5.73 9.82
CA MET A 89 4.44 -5.17 10.08
C MET A 89 4.29 -4.97 11.57
N THR A 90 4.65 -3.81 12.00
CA THR A 90 4.64 -3.45 13.37
C THR A 90 3.24 -3.02 13.83
N PHE A 91 2.42 -2.59 12.87
CA PHE A 91 1.08 -2.13 13.14
C PHE A 91 0.15 -2.76 12.17
N ASP A 92 -1.10 -2.88 12.55
CA ASP A 92 -2.09 -3.45 11.70
C ASP A 92 -3.47 -3.00 12.06
N LYS A 93 -4.26 -2.89 11.04
CA LYS A 93 -5.64 -2.57 11.15
C LYS A 93 -6.40 -3.67 10.44
N TRP A 94 -6.38 -4.84 11.00
CA TRP A 94 -7.03 -5.96 10.36
C TRP A 94 -8.49 -6.08 10.74
N THR A 95 -9.31 -6.24 9.75
CA THR A 95 -10.70 -6.53 9.98
C THR A 95 -10.85 -8.05 9.87
N ASP A 96 -11.94 -8.61 10.31
CA ASP A 96 -12.16 -10.06 10.20
C ASP A 96 -12.74 -10.36 8.85
N GLN A 97 -12.00 -11.08 8.05
CA GLN A 97 -12.33 -11.31 6.72
C GLN A 97 -12.50 -12.81 6.47
N ASP A 98 -13.12 -13.05 5.37
CA ASP A 98 -13.29 -14.32 4.73
C ASP A 98 -11.98 -15.07 4.56
N ASP A 99 -12.14 -16.32 4.30
CA ASP A 99 -11.08 -17.32 4.09
C ASP A 99 -10.34 -17.57 5.41
N ASP A 100 -9.29 -18.36 5.35
CA ASP A 100 -8.50 -18.71 6.51
C ASP A 100 -7.03 -18.73 6.19
N GLU A 101 -6.61 -19.77 5.50
CA GLU A 101 -5.22 -20.02 5.25
C GLU A 101 -4.75 -19.31 4.00
N ASP A 102 -5.34 -19.64 2.90
CA ASP A 102 -4.96 -19.08 1.64
C ASP A 102 -5.87 -18.00 1.18
N LEU A 103 -5.49 -16.83 1.44
CA LEU A 103 -6.18 -15.67 0.98
C LEU A 103 -5.43 -15.08 -0.19
N VAL A 104 -4.94 -15.95 -1.02
CA VAL A 104 -4.15 -15.60 -2.17
C VAL A 104 -5.08 -15.12 -3.30
N ASP A 105 -6.33 -15.39 -3.13
CA ASP A 105 -7.40 -15.02 -4.06
C ASP A 105 -7.74 -13.54 -3.98
N THR A 106 -7.32 -12.95 -2.91
CA THR A 106 -7.59 -11.58 -2.63
C THR A 106 -6.28 -10.90 -2.32
N CYS A 107 -6.30 -9.62 -2.12
CA CYS A 107 -5.10 -8.90 -1.81
C CYS A 107 -5.30 -8.11 -0.54
N ALA A 108 -4.40 -7.19 -0.24
CA ALA A 108 -4.57 -6.42 0.93
C ALA A 108 -4.86 -5.03 0.55
N PHE A 109 -5.97 -4.54 0.94
CA PHE A 109 -6.27 -3.19 0.68
C PHE A 109 -6.73 -2.57 1.90
N LEU A 110 -6.23 -1.45 2.14
CA LEU A 110 -6.71 -0.61 3.17
C LEU A 110 -8.01 0.07 2.74
N HIS A 111 -9.01 -0.08 3.54
CA HIS A 111 -10.30 0.50 3.32
C HIS A 111 -10.26 1.96 3.65
N ILE A 112 -10.54 2.75 2.69
CA ILE A 112 -10.56 4.19 2.76
C ILE A 112 -11.58 4.69 3.76
N LYS A 113 -12.62 3.91 3.92
CA LYS A 113 -13.71 4.33 4.75
C LYS A 113 -13.53 3.99 6.21
N THR A 114 -13.05 2.80 6.50
CA THR A 114 -12.91 2.39 7.90
C THR A 114 -11.45 2.31 8.34
N GLY A 115 -10.58 2.11 7.38
CA GLY A 115 -9.17 1.96 7.69
C GLY A 115 -8.87 0.61 8.14
N GLU A 116 -9.42 -0.33 7.46
CA GLU A 116 -9.28 -1.71 7.79
C GLU A 116 -8.70 -2.41 6.61
N TRP A 117 -7.95 -3.42 6.87
CA TRP A 117 -7.22 -4.09 5.86
C TRP A 117 -7.81 -5.42 5.53
N LYS A 118 -7.52 -5.84 4.36
CA LYS A 118 -7.88 -7.10 3.83
C LYS A 118 -6.66 -7.90 3.65
N LYS A 119 -6.79 -9.13 3.83
CA LYS A 119 -5.70 -10.04 3.75
C LYS A 119 -5.55 -10.58 2.37
N GLY A 120 -4.33 -10.60 1.87
CA GLY A 120 -4.08 -11.19 0.61
C GLY A 120 -2.84 -10.64 -0.05
N ASN A 121 -2.71 -11.00 -1.30
CA ASN A 121 -1.64 -10.58 -2.17
C ASN A 121 -2.24 -10.27 -3.52
N CYS A 122 -1.87 -9.19 -4.14
CA CYS A 122 -2.52 -8.84 -5.36
C CYS A 122 -1.97 -9.48 -6.56
N GLU A 123 -2.22 -10.73 -6.63
CA GLU A 123 -1.83 -11.56 -7.74
C GLU A 123 -2.95 -11.59 -8.79
N VAL A 124 -3.75 -10.56 -8.76
CA VAL A 124 -4.88 -10.39 -9.65
C VAL A 124 -4.66 -9.15 -10.50
N SER A 125 -5.31 -9.09 -11.62
CA SER A 125 -5.09 -8.01 -12.55
C SER A 125 -5.95 -6.79 -12.26
N SER A 126 -6.83 -6.90 -11.29
CA SER A 126 -7.79 -5.84 -11.00
C SER A 126 -7.22 -4.64 -10.23
N VAL A 127 -5.92 -4.43 -10.28
CA VAL A 127 -5.37 -3.28 -9.57
C VAL A 127 -5.16 -2.14 -10.52
N GLU A 128 -5.73 -1.04 -10.16
CA GLU A 128 -5.71 0.14 -10.97
C GLU A 128 -5.09 1.31 -10.27
N GLY A 129 -4.56 1.07 -9.11
CA GLY A 129 -3.95 2.11 -8.38
C GLY A 129 -3.37 1.64 -7.10
N THR A 130 -2.20 2.06 -6.81
CA THR A 130 -1.55 1.74 -5.58
C THR A 130 -0.98 2.98 -4.99
N LEU A 131 -0.87 3.01 -3.70
CA LEU A 131 -0.25 4.07 -3.06
C LEU A 131 1.18 3.72 -2.89
N CYS A 132 1.99 4.65 -3.13
CA CYS A 132 3.37 4.44 -3.03
C CYS A 132 3.90 5.21 -1.89
N LYS A 133 4.84 4.63 -1.26
CA LYS A 133 5.53 5.20 -0.17
C LYS A 133 6.99 5.08 -0.51
N THR A 134 7.74 6.02 -0.14
CA THR A 134 9.14 5.98 -0.34
C THR A 134 9.76 6.67 0.82
N ALA A 135 10.61 6.00 1.52
CA ALA A 135 11.27 6.60 2.63
C ALA A 135 12.19 7.65 2.11
N ILE A 136 12.15 8.80 2.69
CA ILE A 136 13.00 9.82 2.28
C ILE A 136 14.16 9.97 3.22
N PRO A 137 15.32 9.64 2.74
CA PRO A 137 16.58 9.69 3.48
C PRO A 137 17.15 11.09 3.52
N TYR A 138 16.32 12.00 3.14
CA TYR A 138 16.61 13.40 3.12
C TYR A 138 16.36 13.97 4.52
N LYS A 139 15.36 13.41 5.18
CA LYS A 139 14.91 13.84 6.50
C LYS A 139 14.54 12.61 7.32
N ARG A 140 15.29 11.56 7.16
CA ARG A 140 14.98 10.33 7.85
C ARG A 140 15.93 10.16 9.00
N MET A 1 13.94 20.70 -0.83
CA MET A 1 13.20 19.66 -1.55
C MET A 1 13.22 18.39 -0.75
N ASP A 2 12.13 17.65 -0.78
CA ASP A 2 12.05 16.36 -0.11
C ASP A 2 11.42 15.39 -1.06
N CYS A 3 10.30 15.78 -1.53
CA CYS A 3 9.54 15.01 -2.44
C CYS A 3 9.77 15.48 -3.89
N PRO A 4 9.67 14.57 -4.88
CA PRO A 4 9.84 14.91 -6.31
C PRO A 4 8.87 15.99 -6.85
N SER A 5 7.58 15.84 -6.56
CA SER A 5 6.58 16.74 -7.10
C SER A 5 5.54 17.08 -6.02
N SER A 6 4.59 17.96 -6.35
CA SER A 6 3.56 18.38 -5.40
C SER A 6 2.49 17.29 -5.22
N THR A 7 2.48 16.35 -6.15
CA THR A 7 1.60 15.21 -6.11
C THR A 7 2.08 14.25 -4.99
N TRP A 8 3.30 14.45 -4.55
CA TRP A 8 3.90 13.65 -3.52
C TRP A 8 3.62 14.27 -2.18
N ILE A 9 3.23 13.45 -1.27
CA ILE A 9 2.84 13.86 0.04
C ILE A 9 3.80 13.35 1.10
N GLN A 10 4.46 14.25 1.79
CA GLN A 10 5.44 13.88 2.78
C GLN A 10 4.77 13.66 4.11
N PHE A 11 5.03 12.52 4.70
CA PHE A 11 4.50 12.19 5.94
C PHE A 11 5.55 11.47 6.76
N GLN A 12 5.82 12.02 7.93
CA GLN A 12 6.81 11.55 8.90
C GLN A 12 8.25 11.61 8.35
N ASP A 13 8.57 10.69 7.49
CA ASP A 13 9.91 10.58 6.92
C ASP A 13 9.84 9.90 5.57
N SER A 14 8.66 9.85 5.02
CA SER A 14 8.43 9.23 3.77
C SER A 14 7.59 10.12 2.90
N CYS A 15 7.50 9.79 1.65
CA CYS A 15 6.69 10.51 0.73
C CYS A 15 5.79 9.55 0.02
N TYR A 16 4.62 10.01 -0.21
CA TYR A 16 3.53 9.25 -0.67
C TYR A 16 2.97 9.76 -1.96
N ILE A 17 2.56 8.87 -2.81
CA ILE A 17 1.91 9.24 -4.05
C ILE A 17 0.93 8.15 -4.49
N PHE A 18 -0.24 8.52 -4.93
CA PHE A 18 -1.16 7.54 -5.46
C PHE A 18 -1.18 7.72 -6.90
N LEU A 19 -0.91 6.71 -7.57
CA LEU A 19 -1.01 6.78 -8.92
C LEU A 19 -1.92 5.73 -9.39
N GLN A 20 -3.14 6.12 -9.64
CA GLN A 20 -4.02 5.19 -10.25
C GLN A 20 -3.59 4.91 -11.70
N GLU A 21 -2.82 3.84 -11.83
CA GLU A 21 -2.33 3.32 -13.08
C GLU A 21 -2.95 1.95 -13.34
N ALA A 22 -3.78 1.86 -14.34
CA ALA A 22 -4.36 0.59 -14.72
C ALA A 22 -3.35 -0.18 -15.55
N ILE A 23 -2.91 -1.32 -15.03
CA ILE A 23 -1.87 -2.14 -15.67
C ILE A 23 -2.19 -3.61 -15.45
N LYS A 24 -1.67 -4.45 -16.31
CA LYS A 24 -1.83 -5.87 -16.14
C LYS A 24 -1.04 -6.29 -14.91
N VAL A 25 -1.74 -6.62 -13.88
CA VAL A 25 -1.13 -7.06 -12.69
C VAL A 25 -1.18 -8.55 -12.62
N GLU A 26 -0.06 -9.12 -12.72
CA GLU A 26 0.12 -10.53 -12.66
C GLU A 26 0.36 -10.96 -11.23
N SER A 27 1.04 -10.11 -10.53
CA SER A 27 1.41 -10.32 -9.19
C SER A 27 1.39 -9.01 -8.52
N ILE A 28 1.37 -8.99 -7.21
CA ILE A 28 1.39 -7.74 -6.53
C ILE A 28 2.72 -7.04 -6.80
N GLU A 29 3.68 -7.81 -7.13
CA GLU A 29 4.98 -7.33 -7.59
C GLU A 29 4.81 -6.41 -8.83
N ASP A 30 3.80 -6.69 -9.65
CA ASP A 30 3.51 -5.94 -10.86
C ASP A 30 2.97 -4.59 -10.54
N VAL A 31 2.18 -4.54 -9.52
CA VAL A 31 1.52 -3.33 -9.15
C VAL A 31 2.42 -2.50 -8.30
N ARG A 32 3.24 -3.17 -7.59
CA ARG A 32 4.15 -2.56 -6.73
C ARG A 32 5.25 -1.86 -7.58
N ASN A 33 5.36 -2.33 -8.82
CA ASN A 33 6.26 -1.77 -9.85
C ASN A 33 5.86 -0.36 -10.21
N GLN A 34 4.62 -0.03 -10.02
CA GLN A 34 4.12 1.29 -10.31
C GLN A 34 4.78 2.29 -9.38
N CYS A 35 5.04 1.86 -8.18
CA CYS A 35 5.65 2.69 -7.21
C CYS A 35 7.14 2.71 -7.34
N THR A 36 7.73 1.56 -7.59
CA THR A 36 9.17 1.44 -7.69
C THR A 36 9.70 2.20 -8.89
N ASP A 37 8.78 2.44 -9.80
CA ASP A 37 9.03 3.21 -11.02
C ASP A 37 9.37 4.67 -10.67
N HIS A 38 8.99 5.09 -9.47
CA HIS A 38 9.24 6.44 -9.01
C HIS A 38 10.30 6.43 -7.93
N GLY A 39 10.93 5.29 -7.74
CA GLY A 39 11.89 5.15 -6.67
C GLY A 39 11.20 5.00 -5.34
N ALA A 40 9.97 4.60 -5.40
CA ALA A 40 9.15 4.39 -4.23
C ALA A 40 8.82 2.93 -4.15
N ASP A 41 8.09 2.53 -3.20
CA ASP A 41 7.61 1.17 -3.14
C ASP A 41 6.19 1.27 -2.66
N MET A 42 5.43 0.22 -2.68
CA MET A 42 4.05 0.33 -2.22
C MET A 42 3.99 0.71 -0.74
N ILE A 43 2.94 1.40 -0.41
CA ILE A 43 2.59 1.89 0.94
C ILE A 43 2.86 0.85 2.06
N SER A 44 3.33 1.33 3.18
CA SER A 44 3.62 0.50 4.29
C SER A 44 3.28 1.20 5.60
N ILE A 45 2.41 0.58 6.37
CA ILE A 45 1.85 1.18 7.54
C ILE A 45 2.56 0.74 8.76
N HIS A 46 3.06 1.70 9.46
CA HIS A 46 3.74 1.43 10.67
C HIS A 46 3.03 2.05 11.84
N ASN A 47 1.90 2.74 11.59
CA ASN A 47 1.11 3.36 12.68
C ASN A 47 -0.23 3.70 12.15
N GLU A 48 -1.14 4.03 13.05
CA GLU A 48 -2.45 4.48 12.67
C GLU A 48 -2.33 5.82 12.01
N GLU A 49 -1.25 6.51 12.36
CA GLU A 49 -0.90 7.72 11.81
C GLU A 49 -0.80 7.58 10.31
N GLU A 50 -0.07 6.56 9.89
CA GLU A 50 0.11 6.23 8.50
C GLU A 50 -1.24 5.83 7.96
N ASN A 51 -1.86 4.84 8.61
CA ASN A 51 -3.08 4.22 8.15
C ASN A 51 -4.17 5.24 7.87
N ALA A 52 -4.40 6.06 8.85
CA ALA A 52 -5.43 7.07 8.78
C ALA A 52 -5.05 8.22 7.84
N PHE A 53 -3.76 8.45 7.71
CA PHE A 53 -3.22 9.44 6.77
C PHE A 53 -3.57 9.05 5.38
N ILE A 54 -3.29 7.81 5.07
CA ILE A 54 -3.43 7.24 3.73
C ILE A 54 -4.82 7.34 3.36
N LEU A 55 -5.57 7.02 4.32
CA LEU A 55 -6.92 6.98 4.30
C LEU A 55 -7.52 8.32 3.89
N ASP A 56 -7.04 9.37 4.45
CA ASP A 56 -7.59 10.71 4.15
C ASP A 56 -6.94 11.26 2.94
N THR A 57 -5.70 10.99 2.83
CA THR A 57 -4.82 11.63 1.92
C THR A 57 -5.08 11.20 0.54
N LEU A 58 -5.52 9.98 0.46
CA LEU A 58 -5.87 9.38 -0.73
C LEU A 58 -6.94 10.21 -1.43
N LYS A 59 -8.02 10.38 -0.72
CA LYS A 59 -9.17 11.17 -1.19
C LYS A 59 -8.94 12.68 -1.13
N LYS A 60 -7.92 13.09 -0.44
CA LYS A 60 -7.66 14.48 -0.21
C LYS A 60 -6.91 15.11 -1.36
N GLN A 61 -5.84 14.48 -1.74
CA GLN A 61 -5.02 14.99 -2.82
C GLN A 61 -5.39 14.34 -4.13
N TRP A 62 -5.61 13.06 -4.08
CA TRP A 62 -5.85 12.29 -5.26
C TRP A 62 -7.34 11.95 -5.32
N LYS A 63 -7.71 10.95 -6.07
CA LYS A 63 -9.12 10.56 -6.13
C LYS A 63 -9.57 9.91 -4.85
N GLY A 64 -9.06 8.75 -4.64
CA GLY A 64 -9.36 7.97 -3.52
C GLY A 64 -10.45 7.03 -3.77
N PRO A 65 -10.09 5.83 -3.86
CA PRO A 65 -10.98 4.75 -4.12
C PRO A 65 -11.56 4.23 -2.82
N ASP A 66 -12.38 3.23 -2.91
CA ASP A 66 -13.00 2.64 -1.71
C ASP A 66 -11.98 2.00 -0.81
N ASP A 67 -11.01 1.41 -1.42
CA ASP A 67 -9.92 0.76 -0.75
C ASP A 67 -8.75 0.74 -1.66
N ILE A 68 -7.62 1.06 -1.10
CA ILE A 68 -6.35 1.17 -1.80
C ILE A 68 -5.51 -0.01 -1.49
N LEU A 69 -4.65 -0.40 -2.38
CA LEU A 69 -3.88 -1.54 -2.11
C LEU A 69 -2.82 -1.17 -1.11
N LEU A 70 -2.64 -2.03 -0.17
CA LEU A 70 -1.63 -1.88 0.79
C LEU A 70 -0.44 -2.42 0.19
N GLY A 71 0.63 -2.05 0.70
CA GLY A 71 1.86 -2.50 0.14
C GLY A 71 2.30 -3.70 0.87
N MET A 72 1.40 -4.62 0.93
CA MET A 72 1.51 -5.74 1.70
C MET A 72 1.28 -6.92 0.88
N PHE A 73 2.16 -7.85 0.98
CA PHE A 73 2.05 -8.99 0.19
C PHE A 73 1.96 -10.16 1.06
N TYR A 74 1.49 -11.19 0.51
CA TYR A 74 1.33 -12.38 1.25
C TYR A 74 2.35 -13.35 0.81
N ASP A 75 3.31 -13.52 1.65
CA ASP A 75 4.34 -14.44 1.43
C ASP A 75 3.78 -15.75 1.77
N THR A 76 3.72 -16.64 0.87
CA THR A 76 3.10 -17.90 1.15
C THR A 76 4.05 -18.92 1.73
N ASP A 77 5.29 -18.57 1.76
CA ASP A 77 6.32 -19.45 2.30
C ASP A 77 6.38 -19.34 3.79
N ASP A 78 6.37 -18.11 4.25
CA ASP A 78 6.38 -17.84 5.68
C ASP A 78 4.98 -17.73 6.15
N ALA A 79 4.12 -17.45 5.19
CA ALA A 79 2.73 -17.22 5.39
C ALA A 79 2.50 -16.04 6.27
N SER A 80 2.96 -14.91 5.80
CA SER A 80 2.83 -13.72 6.54
C SER A 80 2.62 -12.59 5.58
N PHE A 81 2.07 -11.56 6.09
CA PHE A 81 1.88 -10.37 5.34
C PHE A 81 3.05 -9.52 5.55
N LYS A 82 3.45 -8.87 4.51
CA LYS A 82 4.72 -8.25 4.51
C LYS A 82 4.65 -6.97 3.80
N TRP A 83 5.40 -6.04 4.25
CA TRP A 83 5.46 -4.80 3.59
C TRP A 83 6.46 -4.88 2.48
N PHE A 84 6.11 -4.33 1.34
CA PHE A 84 7.04 -4.25 0.22
C PHE A 84 8.22 -3.41 0.57
N ASP A 85 8.06 -2.61 1.60
CA ASP A 85 9.14 -1.76 2.10
C ASP A 85 10.23 -2.62 2.77
N ASN A 86 9.91 -3.91 2.99
CA ASN A 86 10.82 -4.91 3.60
C ASN A 86 11.01 -4.68 5.07
N SER A 87 10.20 -3.85 5.61
CA SER A 87 10.23 -3.58 7.00
C SER A 87 9.18 -4.41 7.71
N ASN A 88 9.32 -4.54 9.01
CA ASN A 88 8.42 -5.35 9.81
C ASN A 88 7.05 -4.74 9.86
N MET A 89 6.07 -5.57 9.85
CA MET A 89 4.73 -5.11 10.06
C MET A 89 4.55 -4.90 11.54
N THR A 90 4.82 -3.70 11.96
CA THR A 90 4.81 -3.34 13.34
C THR A 90 3.42 -2.85 13.79
N PHE A 91 2.59 -2.47 12.83
CA PHE A 91 1.27 -1.96 13.12
C PHE A 91 0.29 -2.63 12.20
N ASP A 92 -0.97 -2.71 12.62
CA ASP A 92 -1.98 -3.32 11.83
C ASP A 92 -3.35 -2.84 12.17
N LYS A 93 -4.17 -2.78 11.16
CA LYS A 93 -5.54 -2.44 11.27
C LYS A 93 -6.34 -3.52 10.56
N TRP A 94 -6.37 -4.67 11.12
CA TRP A 94 -7.06 -5.78 10.49
C TRP A 94 -8.54 -5.79 10.84
N THR A 95 -9.29 -6.47 10.03
CA THR A 95 -10.68 -6.68 10.26
C THR A 95 -10.93 -8.17 10.14
N ASP A 96 -12.08 -8.61 10.60
CA ASP A 96 -12.42 -10.01 10.49
C ASP A 96 -12.93 -10.28 9.11
N GLN A 97 -12.21 -11.06 8.38
CA GLN A 97 -12.49 -11.41 7.08
C GLN A 97 -12.48 -12.90 7.06
N ASP A 98 -12.94 -13.44 6.03
CA ASP A 98 -12.86 -14.81 5.82
C ASP A 98 -11.55 -15.12 5.13
N ASP A 99 -10.93 -16.16 5.58
CA ASP A 99 -9.64 -16.60 5.08
C ASP A 99 -9.31 -17.84 5.87
N ASP A 100 -8.81 -18.86 5.22
CA ASP A 100 -8.50 -20.08 5.93
C ASP A 100 -7.01 -20.31 5.96
N GLU A 101 -6.49 -20.92 4.93
CA GLU A 101 -5.10 -21.18 4.83
C GLU A 101 -4.51 -20.28 3.77
N ASP A 102 -5.06 -20.37 2.60
CA ASP A 102 -4.64 -19.55 1.50
C ASP A 102 -5.67 -18.49 1.24
N LEU A 103 -5.21 -17.28 1.19
CA LEU A 103 -6.01 -16.15 0.87
C LEU A 103 -5.37 -15.39 -0.28
N VAL A 104 -4.86 -16.17 -1.20
CA VAL A 104 -4.14 -15.68 -2.36
C VAL A 104 -5.14 -15.22 -3.44
N ASP A 105 -6.39 -15.54 -3.23
CA ASP A 105 -7.49 -15.21 -4.16
C ASP A 105 -7.86 -13.74 -4.04
N THR A 106 -7.46 -13.16 -2.97
CA THR A 106 -7.78 -11.80 -2.63
C THR A 106 -6.48 -11.08 -2.33
N CYS A 107 -6.53 -9.78 -2.16
CA CYS A 107 -5.34 -9.03 -1.84
C CYS A 107 -5.56 -8.26 -0.56
N ALA A 108 -4.61 -7.38 -0.23
CA ALA A 108 -4.75 -6.62 0.97
C ALA A 108 -4.97 -5.20 0.60
N PHE A 109 -6.06 -4.67 1.01
CA PHE A 109 -6.32 -3.31 0.74
C PHE A 109 -6.78 -2.68 1.98
N LEU A 110 -6.26 -1.55 2.22
CA LEU A 110 -6.74 -0.71 3.25
C LEU A 110 -8.03 0.00 2.82
N HIS A 111 -9.04 -0.12 3.65
CA HIS A 111 -10.34 0.49 3.41
C HIS A 111 -10.29 1.96 3.70
N ILE A 112 -10.57 2.74 2.71
CA ILE A 112 -10.60 4.17 2.76
C ILE A 112 -11.67 4.69 3.72
N LYS A 113 -12.70 3.92 3.88
CA LYS A 113 -13.81 4.34 4.72
C LYS A 113 -13.53 4.10 6.19
N THR A 114 -13.03 2.94 6.51
CA THR A 114 -12.87 2.60 7.91
C THR A 114 -11.42 2.48 8.34
N GLY A 115 -10.57 2.05 7.44
CA GLY A 115 -9.18 1.87 7.76
C GLY A 115 -8.92 0.49 8.23
N GLU A 116 -9.51 -0.44 7.55
CA GLU A 116 -9.41 -1.84 7.87
C GLU A 116 -8.75 -2.53 6.73
N TRP A 117 -7.97 -3.50 7.03
CA TRP A 117 -7.23 -4.20 6.03
C TRP A 117 -7.82 -5.55 5.73
N LYS A 118 -7.58 -5.96 4.53
CA LYS A 118 -7.98 -7.23 4.01
C LYS A 118 -6.80 -8.03 3.78
N LYS A 119 -6.95 -9.27 3.95
CA LYS A 119 -5.88 -10.20 3.78
C LYS A 119 -5.77 -10.63 2.35
N GLY A 120 -4.56 -10.79 1.88
CA GLY A 120 -4.31 -11.31 0.59
C GLY A 120 -3.07 -10.74 -0.05
N ASN A 121 -2.93 -11.04 -1.30
CA ASN A 121 -1.86 -10.56 -2.16
C ASN A 121 -2.46 -10.29 -3.52
N CYS A 122 -2.10 -9.20 -4.14
CA CYS A 122 -2.73 -8.86 -5.39
C CYS A 122 -2.15 -9.52 -6.57
N GLU A 123 -2.39 -10.78 -6.63
CA GLU A 123 -2.01 -11.60 -7.75
C GLU A 123 -3.14 -11.62 -8.78
N VAL A 124 -3.90 -10.56 -8.78
CA VAL A 124 -5.02 -10.36 -9.68
C VAL A 124 -4.76 -9.14 -10.52
N SER A 125 -5.35 -9.09 -11.67
CA SER A 125 -5.09 -8.01 -12.59
C SER A 125 -5.94 -6.76 -12.34
N SER A 126 -6.84 -6.84 -11.41
CA SER A 126 -7.80 -5.77 -11.15
C SER A 126 -7.24 -4.59 -10.34
N VAL A 127 -5.94 -4.38 -10.34
CA VAL A 127 -5.41 -3.26 -9.60
C VAL A 127 -5.12 -2.12 -10.54
N GLU A 128 -5.70 -1.02 -10.24
CA GLU A 128 -5.62 0.16 -11.07
C GLU A 128 -5.02 1.31 -10.34
N GLY A 129 -4.49 1.07 -9.18
CA GLY A 129 -3.90 2.13 -8.44
C GLY A 129 -3.29 1.66 -7.15
N THR A 130 -2.14 2.13 -6.87
CA THR A 130 -1.47 1.80 -5.67
C THR A 130 -0.92 3.06 -5.05
N LEU A 131 -0.80 3.04 -3.75
CA LEU A 131 -0.20 4.11 -3.07
C LEU A 131 1.23 3.77 -2.90
N CYS A 132 2.05 4.69 -3.14
CA CYS A 132 3.42 4.49 -3.03
C CYS A 132 3.96 5.24 -1.88
N LYS A 133 4.90 4.66 -1.24
CA LYS A 133 5.58 5.22 -0.15
C LYS A 133 7.07 5.06 -0.39
N THR A 134 7.79 6.08 -0.17
CA THR A 134 9.21 6.05 -0.35
C THR A 134 9.81 6.74 0.84
N ALA A 135 10.89 6.23 1.33
CA ALA A 135 11.60 6.94 2.36
C ALA A 135 12.33 8.03 1.68
N ILE A 136 12.31 9.19 2.24
CA ILE A 136 13.03 10.23 1.65
C ILE A 136 14.41 10.41 2.28
N PRO A 137 15.44 10.17 1.47
CA PRO A 137 16.86 10.31 1.85
C PRO A 137 17.22 11.73 2.20
N TYR A 138 16.30 12.57 1.91
CA TYR A 138 16.39 13.99 2.16
C TYR A 138 16.23 14.25 3.64
N LYS A 139 15.53 13.33 4.31
CA LYS A 139 15.22 13.43 5.71
C LYS A 139 15.46 12.07 6.37
N ARG A 140 16.46 11.36 5.89
CA ARG A 140 16.81 10.08 6.45
C ARG A 140 17.94 10.29 7.44
#